data_9KNL
#
_entry.id   9KNL
#
_cell.length_a   156.713
_cell.length_b   95.530
_cell.length_c   141.174
_cell.angle_alpha   90.000
_cell.angle_beta   90.700
_cell.angle_gamma   90.000
#
_symmetry.space_group_name_H-M   'C 1 2 1'
#
loop_
_entity.id
_entity.type
_entity.pdbx_description
1 polymer 'PHA synthase'
2 non-polymer 'TRIETHYLENE GLYCOL'
3 water water
#
_entity_poly.entity_id   1
_entity_poly.type   'polypeptide(L)'
_entity_poly.pdbx_seq_one_letter_code
;GPMSQPSYGPLFEALAHYNDKLLAMAKAQTERTAQALLQTNLDDLGQVLEQGSQQPWQLIQAQMNWWQDQLKLMQHTLLK
SAGQPSEPVITPERSDRRFKAEAWSEQPIYDYLKQSYLLTARHLLASVDALEGVPQKSRERLRFFTRQYVNAMAPSNFLA
TNPELLKLTLESDGQNLVRGLALLAEDLERSADQLNIRLTDESAFELGRDLALTPGRVVQRTELYELIQYSPTTETVGKT
PVLIVPPFINKYYIMDMRPQNSLVAWLVAQGQTVFMISWRNPGVAQAQIDLDDYVVDGVIAALDGVEAATGEREVHGIGY
CIGGTALSLAMGWLAARRQKQRVRTATLFTTLLDFSQPGELGIFIHEPIIAALEAQNEAKGIMDGRQLAVSFSLLRENSL
YWNYYIDSYLKGQSPVAFDLLHWNSDSTNVAGKTHNSLLRRLYLENQLVKGELKIRNTRIDLGKVKTPVLLVSAVDDHIA
LWQGTWQGMKLFGGEQRFLLAESGHIAGIINPPAANKYGFWHNGAEAESPESWLAGATHQGGSWWPEMMGFIQNRDEGSE
PVPARVPEEGLAPAPGHYVKVRLNPVFACPTEEDAA
;
_entity_poly.pdbx_strand_id   A,B,C
#
loop_
_chem_comp.id
_chem_comp.type
_chem_comp.name
_chem_comp.formula
PGE non-polymer 'TRIETHYLENE GLYCOL' 'C6 H14 O4'
#
# COMPACT_ATOMS: atom_id res chain seq x y z
N GLY A 9 56.16 -13.94 -37.50
CA GLY A 9 56.13 -15.31 -37.97
C GLY A 9 54.79 -16.00 -37.80
N PRO A 10 54.30 -16.09 -36.57
CA PRO A 10 52.94 -16.62 -36.36
C PRO A 10 51.86 -15.77 -37.02
N LEU A 11 52.08 -14.46 -37.12
CA LEU A 11 51.11 -13.59 -37.77
C LEU A 11 50.97 -13.93 -39.25
N PHE A 12 52.09 -14.18 -39.93
CA PHE A 12 52.04 -14.55 -41.35
C PHE A 12 51.28 -15.85 -41.55
N GLU A 13 51.46 -16.81 -40.63
CA GLU A 13 50.77 -18.09 -40.75
C GLU A 13 49.26 -17.92 -40.56
N ALA A 14 48.85 -17.08 -39.61
CA ALA A 14 47.43 -16.86 -39.39
C ALA A 14 46.79 -16.16 -40.57
N LEU A 15 47.48 -15.20 -41.18
CA LEU A 15 46.96 -14.56 -42.38
C LEU A 15 46.83 -15.54 -43.53
N ALA A 16 47.79 -16.46 -43.67
CA ALA A 16 47.73 -17.46 -44.73
C ALA A 16 46.53 -18.38 -44.52
N HIS A 17 46.23 -18.73 -43.28
CA HIS A 17 45.05 -19.57 -43.01
C HIS A 17 43.78 -18.85 -43.41
N TYR A 18 43.66 -17.57 -43.08
CA TYR A 18 42.48 -16.80 -43.47
C TYR A 18 42.41 -16.62 -44.98
N ASN A 19 43.57 -16.40 -45.62
CA ASN A 19 43.57 -16.22 -47.07
C ASN A 19 43.16 -17.49 -47.79
N ASP A 20 43.52 -18.67 -47.25
CA ASP A 20 43.09 -19.92 -47.85
C ASP A 20 41.58 -20.11 -47.68
N LYS A 21 41.04 -19.69 -46.54
CA LYS A 21 39.60 -19.77 -46.33
C LYS A 21 38.85 -18.79 -47.22
N LEU A 22 39.47 -17.65 -47.52
CA LEU A 22 38.87 -16.69 -48.44
C LEU A 22 38.80 -17.24 -49.86
N LEU A 23 39.82 -17.99 -50.27
CA LEU A 23 39.81 -18.60 -51.60
C LEU A 23 38.67 -19.60 -51.74
N ALA A 24 38.40 -20.37 -50.68
CA ALA A 24 37.26 -21.29 -50.71
C ALA A 24 35.94 -20.53 -50.80
N MET A 25 35.84 -19.39 -50.13
CA MET A 25 34.61 -18.59 -50.22
C MET A 25 34.42 -18.02 -51.62
N ALA A 26 35.51 -17.65 -52.30
CA ALA A 26 35.40 -17.16 -53.66
C ALA A 26 34.85 -18.23 -54.59
N LYS A 27 35.31 -19.47 -54.43
CA LYS A 27 34.76 -20.58 -55.21
C LYS A 27 33.29 -20.81 -54.89
N ALA A 28 32.92 -20.68 -53.61
CA ALA A 28 31.52 -20.87 -53.23
C ALA A 28 30.64 -19.78 -53.79
N GLN A 29 31.14 -18.54 -53.84
CA GLN A 29 30.34 -17.44 -54.38
C GLN A 29 30.19 -17.54 -55.89
N THR A 30 31.20 -18.03 -56.59
CA THR A 30 31.08 -18.20 -58.04
C THR A 30 30.09 -19.29 -58.39
N GLU A 31 30.07 -20.38 -57.63
CA GLU A 31 29.08 -21.43 -57.84
C GLU A 31 27.69 -20.94 -57.47
N ARG A 32 27.59 -20.14 -56.40
CA ARG A 32 26.29 -19.62 -55.98
C ARG A 32 25.73 -18.64 -57.00
N THR A 33 26.59 -17.79 -57.57
CA THR A 33 26.13 -16.86 -58.60
C THR A 33 25.81 -17.57 -59.91
N ALA A 34 26.50 -18.67 -60.21
CA ALA A 34 26.19 -19.42 -61.43
C ALA A 34 24.85 -20.13 -61.32
N GLN A 35 24.56 -20.72 -60.14
CA GLN A 35 23.26 -21.35 -59.94
C GLN A 35 22.15 -20.32 -59.85
N ALA A 36 22.46 -19.09 -59.40
CA ALA A 36 21.46 -18.05 -59.33
C ALA A 36 20.97 -17.63 -60.70
N LEU A 37 21.83 -17.69 -61.72
CA LEU A 37 21.41 -17.33 -63.07
C LEU A 37 20.43 -18.35 -63.64
N LEU A 38 20.49 -19.60 -63.18
CA LEU A 38 19.54 -20.61 -63.65
C LEU A 38 18.14 -20.32 -63.12
N GLN A 39 18.02 -19.94 -61.86
CA GLN A 39 16.73 -19.55 -61.27
C GLN A 39 16.47 -18.11 -61.66
N THR A 40 15.73 -17.92 -62.76
CA THR A 40 15.50 -16.60 -63.31
C THR A 40 14.05 -16.51 -63.78
N ASN A 41 13.75 -15.48 -64.58
CA ASN A 41 12.41 -15.19 -65.05
C ASN A 41 11.44 -15.02 -63.87
N LEU A 42 11.84 -14.18 -62.92
CA LEU A 42 11.04 -13.88 -61.74
C LEU A 42 9.66 -13.35 -62.09
N SER A 53 23.11 -8.69 -49.62
CA SER A 53 23.33 -9.76 -48.61
C SER A 53 24.83 -9.91 -48.33
N GLN A 54 25.37 -11.10 -48.49
CA GLN A 54 26.80 -11.35 -48.13
C GLN A 54 27.68 -10.32 -48.83
N GLN A 55 28.57 -9.68 -48.07
CA GLN A 55 29.50 -8.68 -48.65
C GLN A 55 30.44 -9.42 -49.59
N PRO A 56 30.86 -8.86 -50.74
CA PRO A 56 31.71 -9.65 -51.64
C PRO A 56 33.03 -10.01 -50.98
N TRP A 57 33.55 -11.18 -51.36
CA TRP A 57 34.82 -11.64 -50.82
C TRP A 57 35.97 -10.73 -51.20
N GLN A 58 35.84 -9.99 -52.29
CA GLN A 58 36.90 -9.06 -52.68
C GLN A 58 37.06 -7.96 -51.66
N LEU A 59 35.98 -7.56 -50.99
CA LEU A 59 36.08 -6.55 -49.94
C LEU A 59 36.87 -7.07 -48.76
N ILE A 60 36.66 -8.32 -48.38
CA ILE A 60 37.46 -8.92 -47.31
C ILE A 60 38.88 -9.17 -47.78
N GLN A 61 39.03 -9.59 -49.04
CA GLN A 61 40.36 -9.78 -49.61
C GLN A 61 41.14 -8.47 -49.66
N ALA A 62 40.45 -7.36 -49.94
CA ALA A 62 41.09 -6.06 -49.95
C ALA A 62 41.65 -5.72 -48.58
N GLN A 63 40.96 -6.13 -47.51
CA GLN A 63 41.44 -5.87 -46.16
C GLN A 63 42.59 -6.79 -45.79
N MET A 64 42.49 -8.08 -46.13
CA MET A 64 43.58 -9.02 -45.84
C MET A 64 44.85 -8.65 -46.58
N ASN A 65 44.72 -8.08 -47.79
CA ASN A 65 45.90 -7.63 -48.52
C ASN A 65 46.62 -6.52 -47.76
N TRP A 66 45.86 -5.64 -47.12
CA TRP A 66 46.47 -4.57 -46.34
C TRP A 66 47.22 -5.13 -45.13
N TRP A 67 46.63 -6.10 -44.44
CA TRP A 67 47.27 -6.66 -43.25
C TRP A 67 48.59 -7.34 -43.60
N GLN A 68 48.61 -8.10 -44.70
CA GLN A 68 49.83 -8.81 -45.07
C GLN A 68 50.89 -7.84 -45.58
N ASP A 69 50.50 -6.92 -46.46
CA ASP A 69 51.48 -5.98 -47.02
C ASP A 69 52.04 -5.04 -45.96
N GLN A 70 51.19 -4.60 -45.02
CA GLN A 70 51.69 -3.74 -43.95
C GLN A 70 52.65 -4.50 -43.04
N LEU A 71 52.37 -5.78 -42.80
CA LEU A 71 53.26 -6.60 -41.99
C LEU A 71 54.59 -6.83 -42.70
N LYS A 72 54.55 -7.08 -44.02
CA LYS A 72 55.78 -7.27 -44.78
C LYS A 72 56.63 -6.02 -44.77
N LEU A 73 56.01 -4.85 -44.95
CA LEU A 73 56.74 -3.60 -44.91
C LEU A 73 57.35 -3.36 -43.53
N MET A 74 56.62 -3.74 -42.47
CA MET A 74 57.16 -3.60 -41.12
C MET A 74 58.39 -4.48 -40.91
N GLN A 75 58.36 -5.71 -41.41
CA GLN A 75 59.51 -6.59 -41.28
C GLN A 75 60.70 -6.09 -42.08
N HIS A 76 60.45 -5.57 -43.29
CA HIS A 76 61.54 -5.06 -44.12
C HIS A 76 62.21 -3.86 -43.49
N THR A 77 61.44 -2.95 -42.91
CA THR A 77 62.04 -1.77 -42.29
C THR A 77 62.71 -2.08 -40.96
N LEU A 78 62.23 -3.10 -40.24
CA LEU A 78 62.89 -3.47 -38.99
C LEU A 78 64.21 -4.19 -39.26
N LEU A 79 64.26 -5.00 -40.33
CA LEU A 79 65.52 -5.61 -40.71
C LEU A 79 66.47 -4.59 -41.32
N LYS A 80 65.93 -3.56 -41.97
CA LYS A 80 66.76 -2.49 -42.53
C LYS A 80 67.44 -1.70 -41.42
N SER A 81 66.81 -1.59 -40.26
CA SER A 81 67.43 -0.89 -39.14
C SER A 81 68.59 -1.69 -38.56
N ALA A 82 68.55 -3.01 -38.67
CA ALA A 82 69.61 -3.85 -38.14
C ALA A 82 70.55 -4.31 -39.25
N GLN A 107 64.70 10.27 -42.42
CA GLN A 107 64.40 9.75 -43.74
C GLN A 107 63.78 8.34 -43.70
N PRO A 108 64.37 7.39 -42.96
CA PRO A 108 63.76 6.06 -42.89
C PRO A 108 62.36 6.11 -42.30
N ILE A 109 62.11 7.00 -41.34
CA ILE A 109 60.77 7.14 -40.78
C ILE A 109 59.79 7.59 -41.85
N TYR A 110 60.20 8.54 -42.69
CA TYR A 110 59.33 9.00 -43.78
C TYR A 110 59.09 7.90 -44.80
N ASP A 111 60.11 7.07 -45.07
CA ASP A 111 59.95 6.00 -46.05
C ASP A 111 58.87 5.02 -45.63
N TYR A 112 58.86 4.62 -44.36
CA TYR A 112 57.78 3.76 -43.88
C TYR A 112 56.45 4.47 -43.95
N LEU A 113 56.42 5.76 -43.61
CA LEU A 113 55.19 6.53 -43.67
C LEU A 113 54.68 6.64 -45.11
N LYS A 114 55.58 6.88 -46.06
CA LYS A 114 55.19 7.01 -47.46
C LYS A 114 54.63 5.70 -48.00
N GLN A 115 55.30 4.58 -47.71
CA GLN A 115 54.84 3.29 -48.22
C GLN A 115 53.55 2.86 -47.52
N SER A 116 53.39 3.21 -46.23
CA SER A 116 52.12 2.91 -45.56
C SER A 116 50.97 3.70 -46.16
N TYR A 117 51.22 4.96 -46.54
CA TYR A 117 50.18 5.74 -47.21
C TYR A 117 49.85 5.14 -48.57
N LEU A 118 50.82 4.52 -49.23
CA LEU A 118 50.53 3.82 -50.47
C LEU A 118 49.68 2.59 -50.21
N LEU A 119 49.91 1.92 -49.07
CA LEU A 119 49.12 0.76 -48.72
C LEU A 119 47.69 1.17 -48.34
N THR A 120 47.56 2.31 -47.64
CA THR A 120 46.22 2.83 -47.34
C THR A 120 45.50 3.22 -48.62
N ALA A 121 46.22 3.76 -49.60
CA ALA A 121 45.60 4.12 -50.87
C ALA A 121 45.14 2.90 -51.65
N ARG A 122 45.95 1.83 -51.67
CA ARG A 122 45.52 0.59 -52.32
C ARG A 122 44.31 -0.01 -51.63
N HIS A 123 44.25 0.12 -50.29
CA HIS A 123 43.12 -0.39 -49.55
C HIS A 123 41.83 0.36 -49.91
N LEU A 124 41.92 1.68 -50.09
CA LEU A 124 40.75 2.46 -50.47
C LEU A 124 40.26 2.07 -51.86
N LEU A 125 41.19 1.93 -52.81
CA LEU A 125 40.79 1.61 -54.19
C LEU A 125 40.22 0.19 -54.28
N ALA A 126 40.83 -0.75 -53.57
CA ALA A 126 40.36 -2.13 -53.61
C ALA A 126 39.01 -2.27 -52.91
N SER A 127 38.76 -1.49 -51.86
CA SER A 127 37.48 -1.57 -51.15
C SER A 127 36.34 -1.05 -52.02
N VAL A 128 36.50 0.15 -52.61
CA VAL A 128 35.45 0.72 -53.42
C VAL A 128 35.20 -0.13 -54.67
N ASP A 129 36.26 -0.65 -55.27
CA ASP A 129 36.11 -1.50 -56.45
C ASP A 129 35.40 -2.80 -56.11
N ALA A 130 35.60 -3.33 -54.90
CA ALA A 130 34.92 -4.56 -54.50
C ALA A 130 33.41 -4.36 -54.39
N LEU A 131 32.99 -3.14 -54.06
CA LEU A 131 31.58 -2.78 -53.92
C LEU A 131 30.94 -2.35 -55.24
N GLU A 132 31.44 -2.86 -56.37
CA GLU A 132 30.96 -2.42 -57.68
C GLU A 132 29.49 -2.81 -57.90
N GLY A 133 29.17 -4.09 -57.72
CA GLY A 133 27.81 -4.58 -57.88
C GLY A 133 26.90 -4.37 -56.69
N VAL A 134 27.46 -3.97 -55.56
CA VAL A 134 26.69 -3.88 -54.31
C VAL A 134 25.63 -2.78 -54.41
N PRO A 135 24.37 -3.05 -54.02
CA PRO A 135 23.33 -2.01 -53.98
C PRO A 135 23.67 -0.91 -52.98
N GLN A 136 23.20 0.31 -53.25
CA GLN A 136 23.54 1.48 -52.39
C GLN A 136 23.18 1.23 -50.93
N LYS A 137 22.03 0.61 -50.67
CA LYS A 137 21.60 0.43 -49.27
C LYS A 137 22.67 -0.38 -48.53
N SER A 138 23.12 -1.47 -49.14
CA SER A 138 24.15 -2.32 -48.50
C SER A 138 25.38 -1.47 -48.18
N ARG A 139 25.82 -0.68 -49.16
CA ARG A 139 26.99 0.21 -48.93
C ARG A 139 26.70 1.11 -47.73
N GLU A 140 25.52 1.72 -47.67
CA GLU A 140 25.24 2.54 -46.50
C GLU A 140 25.20 1.71 -45.23
N ARG A 141 24.68 0.48 -45.31
CA ARG A 141 24.72 -0.44 -44.18
C ARG A 141 26.16 -0.70 -43.72
N LEU A 142 27.04 -0.99 -44.67
CA LEU A 142 28.45 -1.24 -44.34
C LEU A 142 29.13 0.04 -43.86
N ARG A 143 28.78 1.17 -44.45
CA ARG A 143 29.34 2.44 -44.00
C ARG A 143 28.93 2.75 -42.56
N PHE A 144 27.69 2.41 -42.21
CA PHE A 144 27.19 2.67 -40.87
C PHE A 144 27.92 1.81 -39.83
N PHE A 145 28.10 0.52 -40.13
CA PHE A 145 28.74 -0.38 -39.17
C PHE A 145 30.24 -0.11 -39.07
N THR A 146 30.88 0.24 -40.18
CA THR A 146 32.30 0.58 -40.13
C THR A 146 32.52 1.85 -39.33
N ARG A 147 31.59 2.81 -39.43
CA ARG A 147 31.69 4.01 -38.61
C ARG A 147 31.46 3.71 -37.14
N GLN A 148 30.55 2.77 -36.84
CA GLN A 148 30.31 2.37 -35.46
C GLN A 148 31.54 1.71 -34.85
N TYR A 149 32.15 0.79 -35.59
CA TYR A 149 33.33 0.09 -35.08
C TYR A 149 34.51 1.04 -34.90
N VAL A 150 34.65 2.03 -35.81
CA VAL A 150 35.78 2.95 -35.73
C VAL A 150 35.66 3.85 -34.50
N ASN A 151 34.46 4.37 -34.24
CA ASN A 151 34.29 5.22 -33.07
C ASN A 151 34.32 4.43 -31.77
N ALA A 152 33.97 3.14 -31.82
CA ALA A 152 33.99 2.33 -30.61
C ALA A 152 35.40 1.99 -30.15
N MET A 153 36.35 1.90 -31.08
CA MET A 153 37.73 1.53 -30.73
C MET A 153 38.63 2.73 -30.48
N ALA A 154 38.07 3.94 -30.44
CA ALA A 154 38.87 5.13 -30.12
C ALA A 154 38.75 5.41 -28.63
N PRO A 155 39.83 5.28 -27.85
CA PRO A 155 39.72 5.49 -26.40
C PRO A 155 39.25 6.89 -26.02
N SER A 156 39.56 7.89 -26.83
CA SER A 156 39.13 9.26 -26.52
C SER A 156 37.62 9.43 -26.64
N ASN A 157 36.94 8.50 -27.32
CA ASN A 157 35.50 8.61 -27.54
C ASN A 157 34.66 8.21 -26.33
N PHE A 158 35.27 7.68 -25.27
CA PHE A 158 34.53 7.29 -24.08
C PHE A 158 35.12 7.98 -22.85
N LEU A 159 34.23 8.46 -21.97
CA LEU A 159 34.68 9.19 -20.79
C LEU A 159 35.54 8.32 -19.88
N ALA A 160 35.18 7.04 -19.74
CA ALA A 160 35.91 6.17 -18.82
C ALA A 160 37.34 5.95 -19.27
N THR A 161 37.58 5.92 -20.59
CA THR A 161 38.92 5.71 -21.14
C THR A 161 39.49 6.95 -21.80
N ASN A 162 38.89 8.12 -21.57
CA ASN A 162 39.38 9.35 -22.18
C ASN A 162 40.65 9.83 -21.47
N PRO A 163 41.73 10.10 -22.19
CA PRO A 163 42.95 10.60 -21.53
C PRO A 163 42.77 11.94 -20.87
N GLU A 164 41.96 12.83 -21.46
CA GLU A 164 41.78 14.16 -20.88
C GLU A 164 41.13 14.09 -19.51
N LEU A 165 40.11 13.24 -19.36
CA LEU A 165 39.46 13.09 -18.06
C LEU A 165 40.39 12.45 -17.04
N LEU A 166 41.33 11.62 -17.49
CA LEU A 166 42.27 10.98 -16.57
C LEU A 166 43.17 12.03 -15.93
N LYS A 167 43.62 13.01 -16.71
CA LYS A 167 44.46 14.08 -16.15
C LYS A 167 43.71 14.87 -15.08
N LEU A 168 42.46 15.26 -15.38
CA LEU A 168 41.67 16.03 -14.42
C LEU A 168 41.41 15.25 -13.13
N THR A 169 41.59 13.93 -13.16
CA THR A 169 41.32 13.10 -11.99
C THR A 169 42.53 12.99 -11.06
N LEU A 170 43.73 13.00 -11.64
CA LEU A 170 44.95 12.83 -10.82
C LEU A 170 45.25 14.13 -10.07
N GLU A 171 44.45 14.46 -9.06
CA GLU A 171 44.72 15.64 -8.20
C GLU A 171 44.93 16.88 -9.09
N SER A 172 44.36 16.88 -10.29
CA SER A 172 44.47 18.08 -11.14
C SER A 172 43.12 18.80 -11.16
N ASP A 173 42.21 18.41 -10.26
CA ASP A 173 40.92 19.14 -10.17
C ASP A 173 40.12 18.73 -8.95
N GLY A 174 39.09 19.51 -8.61
CA GLY A 174 38.18 19.22 -7.49
C GLY A 174 36.99 20.14 -7.65
N GLN A 175 35.84 19.64 -8.12
CA GLN A 175 34.64 20.49 -8.42
C GLN A 175 34.81 21.08 -9.82
N ASN A 176 36.02 21.54 -10.16
CA ASN A 176 36.25 21.99 -11.56
C ASN A 176 36.21 20.72 -12.41
N LEU A 177 36.50 19.58 -11.80
CA LEU A 177 36.42 18.28 -12.51
C LEU A 177 34.99 18.12 -13.01
N VAL A 178 34.03 18.46 -12.17
CA VAL A 178 32.61 18.38 -12.59
C VAL A 178 32.48 19.05 -13.96
N ARG A 179 32.84 20.33 -14.06
CA ARG A 179 32.72 21.02 -15.35
C ARG A 179 33.65 20.43 -16.39
N GLY A 180 34.88 20.09 -15.98
CA GLY A 180 35.79 19.41 -16.90
C GLY A 180 35.21 18.10 -17.41
N LEU A 181 34.44 17.41 -16.59
CA LEU A 181 33.72 16.22 -17.03
C LEU A 181 32.50 16.58 -17.85
N ALA A 182 31.75 17.60 -17.44
CA ALA A 182 30.57 18.00 -18.18
C ALA A 182 30.91 18.48 -19.59
N LEU A 183 32.02 19.20 -19.73
CA LEU A 183 32.43 19.66 -21.05
C LEU A 183 32.81 18.49 -21.97
N LEU A 184 33.56 17.53 -21.43
CA LEU A 184 33.89 16.35 -22.23
C LEU A 184 32.66 15.52 -22.56
N ALA A 185 31.68 15.48 -21.65
CA ALA A 185 30.46 14.73 -21.91
C ALA A 185 29.64 15.36 -23.03
N GLU A 186 29.46 16.69 -22.98
CA GLU A 186 28.64 17.35 -23.98
C GLU A 186 29.26 17.29 -25.36
N ASP A 187 30.60 17.40 -25.44
CA ASP A 187 31.26 17.32 -26.74
C ASP A 187 31.10 15.93 -27.34
N LEU A 188 31.30 14.88 -26.54
CA LEU A 188 31.12 13.52 -27.04
C LEU A 188 29.66 13.27 -27.40
N GLU A 189 28.74 13.74 -26.57
CA GLU A 189 27.31 13.58 -26.85
C GLU A 189 26.90 14.38 -28.08
N ARG A 190 27.47 15.59 -28.24
CA ARG A 190 27.11 16.43 -29.39
C ARG A 190 27.49 15.75 -30.71
N SER A 191 28.69 15.17 -30.76
CA SER A 191 29.12 14.50 -31.99
C SER A 191 28.23 13.30 -32.28
N ALA A 192 27.82 12.57 -31.24
CA ALA A 192 26.88 11.46 -31.43
C ALA A 192 25.54 11.96 -31.93
N ASP A 193 25.07 13.09 -31.39
CA ASP A 193 23.77 13.63 -31.81
C ASP A 193 23.80 14.04 -33.28
N GLN A 194 24.87 14.72 -33.70
CA GLN A 194 24.99 15.14 -35.09
C GLN A 194 25.08 13.93 -36.02
N LEU A 195 25.82 12.90 -35.61
CA LEU A 195 25.94 11.69 -36.43
C LEU A 195 24.60 10.97 -36.54
N ASN A 196 23.86 10.88 -35.42
CA ASN A 196 22.60 10.15 -35.43
C ASN A 196 21.53 10.91 -36.22
N ILE A 197 21.49 12.23 -36.09
CA ILE A 197 20.42 13.01 -36.71
C ILE A 197 20.47 12.93 -38.23
N ARG A 198 21.67 12.71 -38.80
CA ARG A 198 21.79 12.57 -40.24
C ARG A 198 21.12 11.30 -40.75
N LEU A 199 21.11 10.26 -39.92
CA LEU A 199 20.50 8.99 -40.32
C LEU A 199 19.01 9.18 -40.56
N THR A 200 18.52 8.66 -41.69
CA THR A 200 17.12 8.77 -42.06
C THR A 200 16.43 7.42 -42.20
N ASP A 201 17.12 6.32 -41.88
CA ASP A 201 16.56 4.98 -42.00
C ASP A 201 16.76 4.23 -40.70
N GLU A 202 15.83 3.34 -40.39
CA GLU A 202 15.96 2.52 -39.20
C GLU A 202 17.02 1.45 -39.43
N SER A 203 17.34 0.71 -38.36
CA SER A 203 18.37 -0.30 -38.44
C SER A 203 17.93 -1.47 -39.30
N ALA A 204 18.92 -2.16 -39.87
CA ALA A 204 18.64 -3.37 -40.64
C ALA A 204 18.12 -4.51 -39.79
N PHE A 205 18.27 -4.42 -38.47
CA PHE A 205 17.84 -5.49 -37.57
C PHE A 205 16.56 -5.08 -36.86
N GLU A 206 15.61 -6.00 -36.79
CA GLU A 206 14.32 -5.78 -36.15
C GLU A 206 14.11 -6.85 -35.08
N LEU A 207 13.82 -6.42 -33.86
CA LEU A 207 13.63 -7.38 -32.78
C LEU A 207 12.39 -8.23 -33.04
N GLY A 208 12.55 -9.55 -32.88
CA GLY A 208 11.52 -10.51 -33.20
C GLY A 208 11.65 -11.13 -34.57
N ARG A 209 12.44 -10.52 -35.46
CA ARG A 209 12.68 -11.05 -36.80
C ARG A 209 14.12 -11.43 -37.02
N ASP A 210 15.07 -10.54 -36.72
CA ASP A 210 16.49 -10.80 -36.89
C ASP A 210 17.19 -11.16 -35.58
N LEU A 211 16.79 -10.50 -34.48
CA LEU A 211 17.31 -10.80 -33.15
C LEU A 211 16.14 -10.89 -32.19
N ALA A 212 16.33 -11.68 -31.12
CA ALA A 212 15.29 -11.92 -30.12
C ALA A 212 14.06 -12.54 -30.77
N LEU A 213 14.29 -13.63 -31.51
CA LEU A 213 13.24 -14.29 -32.29
C LEU A 213 12.89 -15.66 -31.73
N THR A 214 13.32 -15.98 -30.52
CA THR A 214 12.96 -17.26 -29.92
C THR A 214 11.47 -17.25 -29.56
N PRO A 215 10.70 -18.23 -30.01
CA PRO A 215 9.25 -18.21 -29.77
C PRO A 215 8.91 -18.26 -28.30
N GLY A 216 7.83 -17.57 -27.94
CA GLY A 216 7.38 -17.49 -26.56
C GLY A 216 6.19 -16.55 -26.47
N ARG A 217 5.77 -16.33 -25.22
CA ARG A 217 4.63 -15.46 -24.95
C ARG A 217 4.94 -14.57 -23.76
N VAL A 218 4.35 -13.38 -23.75
CA VAL A 218 4.45 -12.46 -22.62
C VAL A 218 3.29 -12.80 -21.68
N VAL A 219 3.61 -13.48 -20.57
CA VAL A 219 2.58 -13.94 -19.65
C VAL A 219 2.23 -12.92 -18.58
N GLN A 220 3.03 -11.86 -18.43
CA GLN A 220 2.76 -10.82 -17.44
C GLN A 220 3.45 -9.53 -17.85
N ARG A 221 2.75 -8.41 -17.68
CA ARG A 221 3.31 -7.09 -17.93
C ARG A 221 3.00 -6.19 -16.74
N THR A 222 4.05 -5.73 -16.07
CA THR A 222 3.96 -4.80 -14.95
C THR A 222 4.59 -3.47 -15.36
N GLU A 223 4.70 -2.55 -14.41
CA GLU A 223 5.35 -1.28 -14.70
C GLU A 223 6.82 -1.45 -15.04
N LEU A 224 7.48 -2.41 -14.38
CA LEU A 224 8.93 -2.51 -14.50
C LEU A 224 9.40 -3.57 -15.49
N TYR A 225 8.55 -4.53 -15.86
CA TYR A 225 9.05 -5.62 -16.68
C TYR A 225 7.91 -6.31 -17.42
N GLU A 226 8.28 -7.04 -18.45
CA GLU A 226 7.42 -8.01 -19.11
C GLU A 226 8.04 -9.39 -18.93
N LEU A 227 7.27 -10.33 -18.40
CA LEU A 227 7.77 -11.68 -18.17
C LEU A 227 7.49 -12.52 -19.39
N ILE A 228 8.55 -13.02 -20.01
CA ILE A 228 8.45 -13.83 -21.23
C ILE A 228 8.60 -15.29 -20.85
N GLN A 229 7.67 -16.12 -21.29
CA GLN A 229 7.75 -17.57 -21.14
C GLN A 229 7.89 -18.16 -22.54
N TYR A 230 8.98 -18.89 -22.77
CA TYR A 230 9.29 -19.37 -24.10
C TYR A 230 8.61 -20.71 -24.34
N SER A 231 8.13 -20.90 -25.57
CA SER A 231 7.47 -22.14 -25.92
C SER A 231 8.47 -23.28 -26.00
N PRO A 232 8.08 -24.49 -25.62
CA PRO A 232 9.04 -25.59 -25.51
C PRO A 232 9.39 -26.20 -26.86
N THR A 233 10.62 -26.68 -26.95
CA THR A 233 11.13 -27.40 -28.09
C THR A 233 11.45 -28.85 -27.75
N THR A 234 11.05 -29.30 -26.57
CA THR A 234 11.27 -30.68 -26.13
C THR A 234 9.95 -31.28 -25.69
N GLU A 235 9.83 -32.59 -25.81
CA GLU A 235 8.61 -33.27 -25.41
C GLU A 235 8.43 -33.21 -23.89
N THR A 236 9.53 -33.32 -23.14
CA THR A 236 9.50 -33.24 -21.69
C THR A 236 10.46 -32.16 -21.22
N VAL A 237 10.09 -31.49 -20.12
CA VAL A 237 10.93 -30.45 -19.52
C VAL A 237 11.10 -30.75 -18.04
N GLY A 238 12.08 -30.08 -17.44
CA GLY A 238 12.31 -30.22 -16.03
C GLY A 238 11.21 -29.56 -15.21
N LYS A 239 11.02 -30.06 -13.98
CA LYS A 239 9.97 -29.53 -13.13
C LYS A 239 10.27 -28.09 -12.71
N THR A 240 11.51 -27.82 -12.30
CA THR A 240 11.86 -26.49 -11.83
C THR A 240 12.10 -25.55 -12.99
N PRO A 241 11.34 -24.46 -13.12
CA PRO A 241 11.57 -23.53 -14.23
C PRO A 241 12.81 -22.68 -13.99
N VAL A 242 13.23 -21.99 -15.06
CA VAL A 242 14.42 -21.16 -15.05
C VAL A 242 14.00 -19.71 -15.27
N LEU A 243 14.48 -18.82 -14.42
CA LEU A 243 14.19 -17.40 -14.51
C LEU A 243 15.50 -16.64 -14.71
N ILE A 244 15.55 -15.82 -15.76
CA ILE A 244 16.74 -15.06 -16.12
C ILE A 244 16.52 -13.61 -15.75
N VAL A 245 17.47 -13.04 -15.00
CA VAL A 245 17.40 -11.64 -14.59
C VAL A 245 18.47 -10.87 -15.36
N PRO A 246 18.11 -10.17 -16.42
CA PRO A 246 19.12 -9.47 -17.23
C PRO A 246 19.51 -8.17 -16.58
N PRO A 247 20.63 -7.57 -16.99
CA PRO A 247 20.97 -6.25 -16.49
C PRO A 247 20.02 -5.19 -17.04
N PHE A 248 19.77 -4.16 -16.24
CA PHE A 248 18.91 -3.06 -16.66
C PHE A 248 19.71 -1.87 -17.17
N ILE A 249 20.97 -2.07 -17.55
CA ILE A 249 21.75 -1.02 -18.20
C ILE A 249 21.63 -1.11 -19.72
N ASN A 250 21.57 -2.33 -20.26
CA ASN A 250 21.29 -2.56 -21.67
C ASN A 250 20.12 -3.51 -21.80
N LYS A 251 19.73 -3.82 -23.04
CA LYS A 251 18.59 -4.69 -23.26
C LYS A 251 18.97 -6.15 -23.09
N TYR A 252 17.96 -6.99 -22.90
CA TYR A 252 18.20 -8.38 -22.53
C TYR A 252 18.63 -9.24 -23.71
N TYR A 253 18.27 -8.87 -24.94
CA TYR A 253 18.42 -9.82 -26.05
C TYR A 253 19.88 -10.11 -26.41
N ILE A 254 20.85 -9.68 -25.62
CA ILE A 254 22.21 -10.17 -25.79
C ILE A 254 22.26 -11.66 -25.51
N MET A 255 21.37 -12.15 -24.65
CA MET A 255 21.22 -13.57 -24.35
C MET A 255 20.29 -14.29 -25.31
N ASP A 256 19.70 -13.56 -26.27
CA ASP A 256 18.80 -14.13 -27.26
C ASP A 256 19.03 -13.44 -28.61
N MET A 257 20.27 -13.49 -29.11
CA MET A 257 20.58 -12.80 -30.35
C MET A 257 20.08 -13.57 -31.56
N ARG A 258 20.72 -14.70 -31.86
CA ARG A 258 20.39 -15.48 -33.04
C ARG A 258 20.26 -16.94 -32.65
N PRO A 259 19.48 -17.72 -33.40
CA PRO A 259 19.19 -19.10 -32.97
C PRO A 259 20.42 -19.93 -32.68
N GLN A 260 21.54 -19.68 -33.36
CA GLN A 260 22.76 -20.45 -33.13
C GLN A 260 23.49 -20.02 -31.87
N ASN A 261 23.34 -18.77 -31.45
CA ASN A 261 24.05 -18.25 -30.28
C ASN A 261 23.09 -17.69 -29.23
N SER A 262 21.85 -18.17 -29.22
CA SER A 262 20.87 -17.74 -28.24
C SER A 262 20.97 -18.66 -27.01
N LEU A 263 21.32 -18.08 -25.86
CA LEU A 263 21.33 -18.84 -24.63
C LEU A 263 19.93 -19.32 -24.26
N VAL A 264 18.93 -18.47 -24.52
CA VAL A 264 17.54 -18.83 -24.21
C VAL A 264 17.13 -20.07 -25.01
N ALA A 265 17.42 -20.06 -26.31
CA ALA A 265 17.06 -21.20 -27.15
C ALA A 265 17.82 -22.45 -26.72
N TRP A 266 19.09 -22.29 -26.31
CA TRP A 266 19.86 -23.44 -25.86
C TRP A 266 19.31 -24.00 -24.56
N LEU A 267 18.96 -23.13 -23.60
CA LEU A 267 18.36 -23.59 -22.36
C LEU A 267 17.03 -24.29 -22.62
N VAL A 268 16.24 -23.76 -23.56
CA VAL A 268 14.97 -24.39 -23.92
C VAL A 268 15.22 -25.76 -24.54
N ALA A 269 16.22 -25.84 -25.42
CA ALA A 269 16.55 -27.12 -26.05
C ALA A 269 17.05 -28.14 -25.04
N GLN A 270 17.53 -27.70 -23.88
CA GLN A 270 17.98 -28.59 -22.82
C GLN A 270 16.86 -29.04 -21.91
N GLY A 271 15.60 -28.91 -22.35
CA GLY A 271 14.47 -29.33 -21.55
C GLY A 271 14.25 -28.48 -20.32
N GLN A 272 14.28 -27.15 -20.49
CA GLN A 272 14.08 -26.22 -19.38
C GLN A 272 12.99 -25.24 -19.76
N THR A 273 12.04 -25.03 -18.84
CA THR A 273 11.04 -23.98 -19.02
C THR A 273 11.70 -22.68 -18.64
N VAL A 274 11.95 -21.82 -19.63
CA VAL A 274 12.76 -20.62 -19.45
C VAL A 274 11.85 -19.40 -19.39
N PHE A 275 12.01 -18.62 -18.33
CA PHE A 275 11.37 -17.32 -18.20
C PHE A 275 12.42 -16.23 -18.30
N MET A 276 12.04 -15.11 -18.90
CA MET A 276 12.94 -13.98 -19.09
C MET A 276 12.27 -12.71 -18.63
N ILE A 277 12.95 -11.97 -17.75
CA ILE A 277 12.49 -10.64 -17.38
C ILE A 277 12.93 -9.66 -18.46
N SER A 278 11.99 -8.86 -18.95
CA SER A 278 12.27 -7.85 -19.97
C SER A 278 11.95 -6.49 -19.34
N TRP A 279 12.99 -5.83 -18.84
CA TRP A 279 12.81 -4.57 -18.13
C TRP A 279 12.25 -3.50 -19.06
N ARG A 280 11.37 -2.66 -18.51
CA ARG A 280 10.91 -1.49 -19.24
C ARG A 280 12.05 -0.48 -19.40
N ASN A 281 12.14 0.12 -20.57
CA ASN A 281 13.03 1.25 -20.75
C ASN A 281 12.48 2.42 -19.96
N PRO A 282 13.09 2.82 -18.84
CA PRO A 282 12.43 3.77 -17.94
C PRO A 282 12.40 5.17 -18.52
N GLY A 283 11.22 5.79 -18.48
CA GLY A 283 11.06 7.18 -18.84
C GLY A 283 11.04 8.09 -17.62
N VAL A 284 10.63 9.34 -17.86
CA VAL A 284 10.53 10.29 -16.76
C VAL A 284 9.44 9.88 -15.77
N ALA A 285 8.48 9.06 -16.19
CA ALA A 285 7.45 8.59 -15.27
C ALA A 285 8.00 7.64 -14.22
N GLN A 286 9.15 7.02 -14.48
CA GLN A 286 9.80 6.10 -13.55
C GLN A 286 10.97 6.75 -12.84
N ALA A 287 10.89 8.05 -12.57
CA ALA A 287 12.03 8.78 -12.02
C ALA A 287 12.35 8.33 -10.60
N GLN A 288 11.36 7.92 -9.83
CA GLN A 288 11.54 7.57 -8.43
C GLN A 288 11.75 6.08 -8.21
N ILE A 289 11.87 5.29 -9.28
CA ILE A 289 12.13 3.86 -9.14
C ILE A 289 13.55 3.69 -8.62
N ASP A 290 13.68 2.98 -7.51
CA ASP A 290 14.96 2.78 -6.84
C ASP A 290 15.45 1.35 -7.06
N LEU A 291 16.71 1.11 -6.68
CA LEU A 291 17.24 -0.24 -6.68
C LEU A 291 16.40 -1.17 -5.81
N ASP A 292 15.84 -0.65 -4.72
CA ASP A 292 14.98 -1.45 -3.86
C ASP A 292 13.75 -1.95 -4.63
N ASP A 293 13.19 -1.10 -5.49
CA ASP A 293 11.99 -1.49 -6.23
C ASP A 293 12.29 -2.57 -7.27
N TYR A 294 13.45 -2.47 -7.94
CA TYR A 294 13.80 -3.49 -8.93
C TYR A 294 14.02 -4.84 -8.27
N VAL A 295 14.39 -4.86 -6.99
CA VAL A 295 14.60 -6.11 -6.28
C VAL A 295 13.27 -6.72 -5.85
N VAL A 296 12.41 -5.91 -5.23
CA VAL A 296 11.16 -6.44 -4.69
C VAL A 296 10.08 -6.49 -5.77
N ASP A 297 9.80 -5.32 -6.38
CA ASP A 297 8.77 -5.25 -7.42
C ASP A 297 9.25 -5.79 -8.77
N GLY A 298 10.56 -6.03 -8.94
CA GLY A 298 11.05 -6.58 -10.18
C GLY A 298 11.33 -8.07 -10.13
N VAL A 299 12.27 -8.47 -9.28
CA VAL A 299 12.70 -9.87 -9.28
C VAL A 299 11.74 -10.74 -8.47
N ILE A 300 11.39 -10.29 -7.26
CA ILE A 300 10.47 -11.08 -6.43
C ILE A 300 9.11 -11.16 -7.08
N ALA A 301 8.62 -10.03 -7.63
CA ALA A 301 7.34 -10.04 -8.31
C ALA A 301 7.35 -10.96 -9.53
N ALA A 302 8.49 -11.06 -10.21
CA ALA A 302 8.59 -12.01 -11.32
C ALA A 302 8.54 -13.45 -10.82
N LEU A 303 9.12 -13.71 -9.65
CA LEU A 303 9.04 -15.05 -9.07
C LEU A 303 7.61 -15.46 -8.81
N ASP A 304 6.80 -14.54 -8.29
CA ASP A 304 5.37 -14.79 -8.14
C ASP A 304 4.70 -14.99 -9.49
N GLY A 305 5.20 -14.31 -10.54
CA GLY A 305 4.66 -14.51 -11.86
C GLY A 305 4.98 -15.87 -12.43
N VAL A 306 6.16 -16.40 -12.12
CA VAL A 306 6.52 -17.74 -12.59
C VAL A 306 5.63 -18.78 -11.92
N GLU A 307 5.37 -18.61 -10.62
CA GLU A 307 4.46 -19.52 -9.92
C GLU A 307 3.05 -19.43 -10.49
N ALA A 308 2.62 -18.22 -10.86
CA ALA A 308 1.30 -18.04 -11.45
C ALA A 308 1.16 -18.74 -12.80
N ALA A 309 2.27 -18.97 -13.49
CA ALA A 309 2.23 -19.59 -14.81
C ALA A 309 2.61 -21.07 -14.78
N THR A 310 3.32 -21.53 -13.73
CA THR A 310 3.76 -22.91 -13.64
C THR A 310 3.34 -23.63 -12.36
N GLY A 311 2.93 -22.92 -11.32
CA GLY A 311 2.60 -23.56 -10.06
C GLY A 311 3.80 -23.94 -9.22
N GLU A 312 5.00 -23.48 -9.56
CA GLU A 312 6.21 -23.79 -8.83
C GLU A 312 6.66 -22.56 -8.06
N ARG A 313 6.83 -22.70 -6.75
CA ARG A 313 7.31 -21.61 -5.91
C ARG A 313 8.82 -21.51 -5.88
N GLU A 314 9.52 -22.38 -6.59
CA GLU A 314 10.98 -22.44 -6.55
C GLU A 314 11.50 -22.56 -7.97
N VAL A 315 12.43 -21.67 -8.35
CA VAL A 315 12.96 -21.63 -9.70
C VAL A 315 14.48 -21.61 -9.66
N HIS A 316 15.08 -21.92 -10.80
CA HIS A 316 16.52 -21.76 -10.99
C HIS A 316 16.79 -20.34 -11.47
N GLY A 317 17.63 -19.62 -10.74
CA GLY A 317 17.91 -18.23 -11.05
C GLY A 317 19.16 -18.09 -11.90
N ILE A 318 19.10 -17.16 -12.86
CA ILE A 318 20.23 -16.79 -13.68
C ILE A 318 20.29 -15.27 -13.76
N GLY A 319 21.46 -14.71 -13.48
CA GLY A 319 21.62 -13.27 -13.49
C GLY A 319 22.84 -12.88 -14.31
N TYR A 320 22.78 -11.67 -14.86
CA TYR A 320 23.83 -11.15 -15.73
C TYR A 320 24.20 -9.74 -15.29
N CYS A 321 25.49 -9.54 -15.01
CA CYS A 321 26.05 -8.25 -14.62
C CYS A 321 25.28 -7.65 -13.45
N ILE A 322 24.62 -6.50 -13.67
CA ILE A 322 23.85 -5.91 -12.59
C ILE A 322 22.55 -6.68 -12.37
N GLY A 323 22.11 -7.48 -13.35
CA GLY A 323 20.96 -8.33 -13.12
C GLY A 323 21.23 -9.42 -12.11
N GLY A 324 22.46 -9.94 -12.10
CA GLY A 324 22.85 -10.89 -11.07
C GLY A 324 22.97 -10.25 -9.70
N THR A 325 23.38 -8.98 -9.64
CA THR A 325 23.39 -8.26 -8.37
C THR A 325 21.98 -8.17 -7.80
N ALA A 326 20.99 -7.88 -8.66
CA ALA A 326 19.60 -7.84 -8.19
C ALA A 326 19.12 -9.21 -7.74
N LEU A 327 19.54 -10.26 -8.46
CA LEU A 327 19.17 -11.62 -8.04
C LEU A 327 19.77 -11.96 -6.70
N SER A 328 21.04 -11.54 -6.46
CA SER A 328 21.66 -11.78 -5.17
C SER A 328 20.93 -11.02 -4.06
N LEU A 329 20.57 -9.75 -4.32
CA LEU A 329 19.84 -8.97 -3.34
C LEU A 329 18.45 -9.53 -3.09
N ALA A 330 17.83 -10.12 -4.11
CA ALA A 330 16.52 -10.74 -3.92
C ALA A 330 16.60 -11.95 -3.01
N MET A 331 17.65 -12.76 -3.16
CA MET A 331 17.82 -13.91 -2.29
C MET A 331 18.10 -13.49 -0.85
N GLY A 332 18.89 -12.43 -0.67
CA GLY A 332 19.15 -11.94 0.67
C GLY A 332 17.91 -11.35 1.33
N TRP A 333 17.07 -10.66 0.53
CA TRP A 333 15.86 -10.05 1.07
C TRP A 333 14.88 -11.11 1.54
N LEU A 334 14.73 -12.20 0.78
CA LEU A 334 13.86 -13.29 1.21
C LEU A 334 14.41 -14.00 2.44
N ALA A 335 15.74 -14.06 2.56
CA ALA A 335 16.36 -14.74 3.70
C ALA A 335 16.30 -13.89 4.96
N ALA A 336 16.55 -12.58 4.83
CA ALA A 336 16.54 -11.71 6.00
C ALA A 336 15.18 -11.64 6.66
N ARG A 337 14.11 -11.81 5.88
CA ARG A 337 12.76 -11.80 6.41
C ARG A 337 12.24 -13.20 6.70
N ARG A 338 13.13 -14.21 6.66
CA ARG A 338 12.78 -15.60 6.99
C ARG A 338 11.59 -16.07 6.17
N GLN A 339 11.70 -15.90 4.85
CA GLN A 339 10.68 -16.33 3.91
C GLN A 339 11.17 -17.60 3.23
N LYS A 340 10.22 -18.44 2.83
CA LYS A 340 10.58 -19.74 2.27
C LYS A 340 11.45 -19.55 1.02
N GLN A 341 12.51 -20.37 0.94
CA GLN A 341 13.48 -20.25 -0.15
C GLN A 341 12.81 -20.49 -1.49
N ARG A 342 12.89 -19.49 -2.37
CA ARG A 342 12.25 -19.54 -3.68
C ARG A 342 13.23 -19.69 -4.84
N VAL A 343 14.53 -19.64 -4.57
CA VAL A 343 15.55 -19.79 -5.60
C VAL A 343 16.31 -21.07 -5.30
N ARG A 344 16.20 -22.05 -6.20
CA ARG A 344 16.84 -23.34 -5.99
C ARG A 344 18.34 -23.25 -6.22
N THR A 345 18.75 -22.85 -7.43
CA THR A 345 20.14 -22.56 -7.74
C THR A 345 20.24 -21.14 -8.30
N ALA A 346 21.43 -20.57 -8.20
CA ALA A 346 21.68 -19.20 -8.66
C ALA A 346 22.99 -19.17 -9.42
N THR A 347 22.92 -18.97 -10.74
CA THR A 347 24.09 -18.77 -11.57
C THR A 347 24.21 -17.30 -11.91
N LEU A 348 25.38 -16.72 -11.65
CA LEU A 348 25.60 -15.28 -11.74
C LEU A 348 26.70 -14.99 -12.76
N PHE A 349 26.34 -14.35 -13.87
CA PHE A 349 27.29 -13.99 -14.91
C PHE A 349 27.86 -12.60 -14.63
N THR A 350 29.17 -12.53 -14.39
CA THR A 350 29.89 -11.26 -14.21
C THR A 350 29.15 -10.35 -13.23
N THR A 351 28.74 -10.93 -12.11
CA THR A 351 27.97 -10.21 -11.11
C THR A 351 28.91 -9.53 -10.12
N LEU A 352 28.64 -8.26 -9.83
CA LEU A 352 29.42 -7.48 -8.87
C LEU A 352 28.63 -7.34 -7.58
N LEU A 353 29.13 -7.95 -6.52
CA LEU A 353 28.62 -7.73 -5.18
C LEU A 353 29.58 -6.92 -4.31
N ASP A 354 30.89 -7.09 -4.53
CA ASP A 354 31.92 -6.26 -3.91
C ASP A 354 32.47 -5.33 -4.97
N PHE A 355 32.28 -4.02 -4.77
CA PHE A 355 32.70 -3.01 -5.73
C PHE A 355 34.04 -2.40 -5.37
N SER A 356 34.93 -3.18 -4.74
CA SER A 356 36.25 -2.68 -4.37
C SER A 356 37.17 -2.53 -5.57
N GLN A 357 36.92 -3.25 -6.66
CA GLN A 357 37.72 -3.17 -7.88
C GLN A 357 36.78 -2.83 -9.03
N PRO A 358 36.38 -1.56 -9.16
CA PRO A 358 35.43 -1.19 -10.21
C PRO A 358 36.02 -1.15 -11.61
N GLY A 359 37.32 -1.35 -11.75
CA GLY A 359 37.90 -1.32 -13.08
C GLY A 359 37.99 0.11 -13.61
N GLU A 360 37.80 0.23 -14.92
CA GLU A 360 37.88 1.55 -15.55
C GLU A 360 36.69 2.44 -15.18
N LEU A 361 35.61 1.87 -14.66
CA LEU A 361 34.48 2.68 -14.23
C LEU A 361 34.75 3.41 -12.92
N GLY A 362 35.86 3.13 -12.25
CA GLY A 362 36.22 3.85 -11.04
C GLY A 362 36.58 5.30 -11.24
N ILE A 363 36.76 5.73 -12.50
CA ILE A 363 37.08 7.12 -12.77
C ILE A 363 35.93 8.05 -12.39
N PHE A 364 34.70 7.54 -12.41
CA PHE A 364 33.54 8.31 -12.01
C PHE A 364 33.25 8.22 -10.52
N ILE A 365 33.87 7.28 -9.81
CA ILE A 365 33.52 7.01 -8.41
C ILE A 365 34.35 7.96 -7.56
N HIS A 366 33.88 9.21 -7.47
CA HIS A 366 34.48 10.22 -6.61
C HIS A 366 33.35 11.11 -6.11
N GLU A 367 33.51 11.61 -4.88
CA GLU A 367 32.44 12.34 -4.22
C GLU A 367 31.93 13.54 -5.03
N PRO A 368 32.79 14.42 -5.58
CA PRO A 368 32.24 15.52 -6.38
C PRO A 368 31.53 15.07 -7.64
N ILE A 369 32.00 13.98 -8.26
CA ILE A 369 31.39 13.50 -9.50
C ILE A 369 30.06 12.81 -9.21
N ILE A 370 30.02 11.96 -8.18
CA ILE A 370 28.79 11.25 -7.85
C ILE A 370 27.73 12.22 -7.34
N ALA A 371 28.12 13.19 -6.53
CA ALA A 371 27.17 14.21 -6.06
C ALA A 371 26.65 15.03 -7.23
N ALA A 372 27.52 15.35 -8.20
CA ALA A 372 27.08 16.09 -9.37
C ALA A 372 26.14 15.26 -10.23
N LEU A 373 26.45 13.97 -10.40
CA LEU A 373 25.60 13.10 -11.20
C LEU A 373 24.25 12.89 -10.53
N GLU A 374 24.23 12.84 -9.20
CA GLU A 374 22.97 12.70 -8.48
C GLU A 374 22.07 13.91 -8.69
N ALA A 375 22.66 15.11 -8.77
CA ALA A 375 21.87 16.31 -9.01
C ALA A 375 21.30 16.32 -10.43
N GLN A 376 22.07 15.85 -11.41
CA GLN A 376 21.57 15.80 -12.78
C GLN A 376 20.44 14.78 -12.91
N ASN A 377 20.56 13.66 -12.21
CA ASN A 377 19.53 12.60 -12.33
C ASN A 377 18.25 13.05 -11.62
N GLU A 378 18.38 13.81 -10.54
CA GLU A 378 17.20 14.35 -9.88
C GLU A 378 16.57 15.46 -10.70
N ALA A 379 17.38 16.20 -11.47
CA ALA A 379 16.85 17.27 -12.31
C ALA A 379 16.17 16.72 -13.55
N LYS A 380 16.88 15.89 -14.33
CA LYS A 380 16.33 15.33 -15.55
C LYS A 380 15.36 14.18 -15.32
N GLY A 381 15.29 13.65 -14.10
CA GLY A 381 14.40 12.53 -13.84
C GLY A 381 15.01 11.14 -14.00
N ILE A 382 15.74 10.94 -15.10
CA ILE A 382 16.40 9.66 -15.37
C ILE A 382 17.80 9.92 -15.91
N MET A 383 18.62 8.87 -15.86
CA MET A 383 19.94 8.93 -16.47
C MET A 383 19.80 8.58 -17.95
N ASP A 384 20.15 9.52 -18.81
CA ASP A 384 19.98 9.33 -20.26
C ASP A 384 20.94 8.25 -20.74
N GLY A 385 20.39 7.20 -21.35
CA GLY A 385 21.24 6.13 -21.86
C GLY A 385 22.15 6.59 -22.97
N ARG A 386 21.73 7.58 -23.74
CA ARG A 386 22.59 8.17 -24.75
C ARG A 386 23.79 8.87 -24.11
N GLN A 387 23.62 9.38 -22.90
CA GLN A 387 24.75 9.91 -22.14
C GLN A 387 25.62 8.78 -21.61
N LEU A 388 25.00 7.67 -21.22
CA LEU A 388 25.76 6.51 -20.77
C LEU A 388 26.53 5.87 -21.91
N ALA A 389 26.02 5.98 -23.14
CA ALA A 389 26.71 5.38 -24.28
C ALA A 389 28.06 6.03 -24.54
N VAL A 390 28.22 7.32 -24.19
CA VAL A 390 29.51 7.98 -24.34
C VAL A 390 30.37 7.85 -23.09
N SER A 391 29.82 7.37 -21.97
CA SER A 391 30.58 7.23 -20.75
C SER A 391 31.48 6.00 -20.77
N PHE A 392 30.94 4.86 -21.17
CA PHE A 392 31.73 3.63 -21.25
C PHE A 392 31.07 2.70 -22.26
N SER A 393 31.81 1.67 -22.65
CA SER A 393 31.36 0.70 -23.65
C SER A 393 31.30 -0.69 -23.02
N LEU A 394 30.13 -1.32 -23.13
CA LEU A 394 29.98 -2.70 -22.66
C LEU A 394 30.58 -3.72 -23.63
N LEU A 395 30.88 -3.31 -24.86
CA LEU A 395 31.44 -4.18 -25.89
C LEU A 395 32.88 -3.74 -26.14
N ARG A 396 33.83 -4.42 -25.49
CA ARG A 396 35.25 -4.17 -25.68
C ARG A 396 35.97 -5.52 -25.71
N GLU A 397 35.68 -6.31 -26.75
CA GLU A 397 36.39 -7.55 -26.99
C GLU A 397 37.66 -7.27 -27.77
N ASN A 398 38.74 -7.94 -27.38
CA ASN A 398 40.02 -7.76 -28.05
C ASN A 398 40.03 -8.28 -29.47
N SER A 399 39.04 -9.07 -29.87
CA SER A 399 39.01 -9.68 -31.20
C SER A 399 37.59 -9.61 -31.76
N LEU A 400 36.99 -8.41 -31.71
CA LEU A 400 35.69 -8.23 -32.35
C LEU A 400 35.82 -8.28 -33.87
N TYR A 401 36.87 -7.67 -34.41
CA TYR A 401 37.07 -7.68 -35.86
C TYR A 401 37.49 -9.05 -36.37
N TRP A 402 38.39 -9.73 -35.67
CA TRP A 402 38.95 -10.96 -36.21
C TRP A 402 38.04 -12.15 -35.97
N ASN A 403 37.49 -12.30 -34.77
CA ASN A 403 36.74 -13.50 -34.42
C ASN A 403 35.24 -13.35 -34.65
N TYR A 404 34.72 -12.13 -34.68
CA TYR A 404 33.29 -11.91 -34.81
C TYR A 404 32.90 -11.11 -36.05
N TYR A 405 33.87 -10.68 -36.86
CA TYR A 405 33.58 -10.11 -38.17
C TYR A 405 34.23 -10.90 -39.30
N ILE A 406 35.55 -11.08 -39.25
CA ILE A 406 36.23 -11.85 -40.29
C ILE A 406 35.90 -13.33 -40.16
N ASP A 407 36.11 -13.89 -38.97
CA ASP A 407 35.88 -15.32 -38.77
C ASP A 407 34.41 -15.68 -38.96
N SER A 408 33.49 -14.86 -38.43
CA SER A 408 32.07 -15.13 -38.61
C SER A 408 31.65 -15.00 -40.06
N TYR A 409 32.35 -14.17 -40.84
CA TYR A 409 32.02 -14.05 -42.26
C TYR A 409 32.47 -15.27 -43.04
N LEU A 410 33.66 -15.79 -42.75
CA LEU A 410 34.17 -16.97 -43.43
C LEU A 410 33.40 -18.24 -43.05
N LYS A 411 32.62 -18.20 -41.98
CA LYS A 411 31.79 -19.32 -41.57
C LYS A 411 30.42 -19.32 -42.26
N GLY A 412 30.24 -18.47 -43.26
CA GLY A 412 28.96 -18.38 -43.94
C GLY A 412 27.93 -17.55 -43.22
N GLN A 413 28.25 -17.05 -42.03
CA GLN A 413 27.30 -16.33 -41.20
C GLN A 413 27.20 -14.87 -41.63
N SER A 414 26.10 -14.25 -41.26
CA SER A 414 26.07 -12.80 -41.26
C SER A 414 27.00 -12.32 -40.14
N PRO A 415 27.85 -11.32 -40.39
CA PRO A 415 28.84 -10.92 -39.38
C PRO A 415 28.23 -10.67 -38.01
N VAL A 416 28.65 -11.49 -37.02
CA VAL A 416 28.12 -11.37 -35.66
C VAL A 416 28.48 -10.02 -35.06
N ALA A 417 29.60 -9.43 -35.50
CA ALA A 417 29.97 -8.10 -35.01
C ALA A 417 28.92 -7.07 -35.36
N PHE A 418 28.14 -7.30 -36.42
CA PHE A 418 27.03 -6.41 -36.73
C PHE A 418 25.95 -6.48 -35.67
N ASP A 419 25.58 -7.69 -35.24
CA ASP A 419 24.56 -7.84 -34.21
C ASP A 419 25.05 -7.28 -32.88
N LEU A 420 26.32 -7.52 -32.54
CA LEU A 420 26.85 -7.00 -31.28
C LEU A 420 26.85 -5.48 -31.27
N LEU A 421 27.07 -4.87 -32.43
CA LEU A 421 27.16 -3.40 -32.48
C LEU A 421 25.76 -2.80 -32.36
N HIS A 422 24.73 -3.52 -32.80
CA HIS A 422 23.33 -3.03 -32.67
C HIS A 422 22.92 -3.09 -31.20
N TRP A 423 23.19 -4.21 -30.57
CA TRP A 423 22.85 -4.35 -29.14
C TRP A 423 23.56 -3.25 -28.38
N ASN A 424 24.84 -3.06 -28.62
CA ASN A 424 25.56 -2.07 -27.81
C ASN A 424 25.01 -0.67 -28.03
N SER A 425 24.55 -0.37 -29.24
CA SER A 425 23.99 0.95 -29.56
C SER A 425 22.51 1.04 -29.25
N ASP A 426 21.87 -0.05 -28.84
CA ASP A 426 20.47 -0.04 -28.43
C ASP A 426 20.37 0.34 -26.94
N SER A 427 20.85 1.55 -26.64
CA SER A 427 20.98 2.00 -25.26
C SER A 427 19.61 2.14 -24.59
N THR A 428 19.62 2.04 -23.26
CA THR A 428 18.43 2.18 -22.44
C THR A 428 18.70 3.16 -21.31
N ASN A 429 17.65 3.85 -20.87
CA ASN A 429 17.76 4.77 -19.76
C ASN A 429 17.88 4.00 -18.45
N VAL A 430 18.15 4.74 -17.38
CA VAL A 430 18.16 4.21 -16.03
C VAL A 430 17.41 5.21 -15.16
N ALA A 431 16.57 4.70 -14.26
CA ALA A 431 15.83 5.58 -13.36
C ALA A 431 16.80 6.43 -12.54
N GLY A 432 16.38 7.66 -12.26
CA GLY A 432 17.25 8.57 -11.51
C GLY A 432 17.59 8.05 -10.13
N LYS A 433 16.59 7.53 -9.41
CA LYS A 433 16.84 7.01 -8.07
C LYS A 433 17.65 5.72 -8.11
N THR A 434 17.35 4.84 -9.07
CA THR A 434 18.10 3.59 -9.20
C THR A 434 19.57 3.87 -9.50
N HIS A 435 19.85 4.83 -10.38
CA HIS A 435 21.25 5.07 -10.78
C HIS A 435 22.00 5.58 -9.55
N ASN A 436 21.40 6.56 -8.89
CA ASN A 436 22.04 7.15 -7.70
C ASN A 436 22.40 6.03 -6.73
N SER A 437 21.40 5.26 -6.28
CA SER A 437 21.68 4.17 -5.37
C SER A 437 22.84 3.31 -5.88
N LEU A 438 22.87 3.06 -7.18
CA LEU A 438 23.95 2.27 -7.76
C LEU A 438 25.29 2.99 -7.64
N LEU A 439 25.29 4.31 -7.80
CA LEU A 439 26.54 5.06 -7.74
C LEU A 439 27.07 5.16 -6.31
N ARG A 440 26.18 5.48 -5.36
CA ARG A 440 26.59 5.79 -4.00
C ARG A 440 26.50 4.60 -3.06
N ARG A 441 25.35 3.94 -3.01
CA ARG A 441 25.15 2.86 -2.05
C ARG A 441 25.99 1.63 -2.39
N LEU A 442 26.29 1.42 -3.67
CA LEU A 442 27.02 0.22 -4.10
C LEU A 442 28.43 0.54 -4.57
N TYR A 443 28.59 1.43 -5.55
CA TYR A 443 29.90 1.70 -6.12
C TYR A 443 30.78 2.51 -5.16
N LEU A 444 30.20 3.53 -4.52
CA LEU A 444 30.99 4.43 -3.68
C LEU A 444 31.14 3.90 -2.26
N GLU A 445 30.02 3.65 -1.58
CA GLU A 445 30.06 3.24 -0.18
C GLU A 445 30.30 1.74 0.00
N ASN A 446 29.95 0.92 -0.99
CA ASN A 446 30.10 -0.53 -0.91
C ASN A 446 29.37 -1.08 0.33
N GLN A 447 28.08 -0.75 0.42
CA GLN A 447 27.29 -1.12 1.59
C GLN A 447 27.02 -2.61 1.67
N LEU A 448 26.92 -3.29 0.54
CA LEU A 448 26.60 -4.72 0.56
C LEU A 448 27.67 -5.52 1.29
N VAL A 449 28.94 -5.19 1.08
CA VAL A 449 30.01 -5.87 1.80
C VAL A 449 30.04 -5.44 3.26
N LYS A 450 29.90 -4.14 3.52
CA LYS A 450 29.91 -3.63 4.88
C LYS A 450 28.63 -3.92 5.64
N GLY A 451 27.67 -4.65 5.05
CA GLY A 451 26.45 -4.98 5.75
C GLY A 451 25.56 -3.80 6.05
N GLU A 452 25.79 -2.68 5.40
CA GLU A 452 24.98 -1.48 5.62
C GLU A 452 23.83 -1.35 4.62
N LEU A 453 23.78 -2.20 3.60
CA LEU A 453 22.78 -2.07 2.56
C LEU A 453 21.42 -2.54 3.07
N LYS A 454 20.38 -1.75 2.78
CA LYS A 454 19.01 -2.06 3.16
C LYS A 454 18.11 -1.93 1.94
N ILE A 455 17.31 -2.96 1.69
CA ILE A 455 16.34 -2.95 0.61
C ILE A 455 14.96 -2.87 1.26
N ARG A 456 14.33 -1.69 1.15
CA ARG A 456 13.04 -1.42 1.78
C ARG A 456 13.09 -1.64 3.29
N ASN A 457 14.06 -0.99 3.94
CA ASN A 457 14.23 -1.04 5.39
C ASN A 457 14.44 -2.48 5.86
N THR A 458 15.22 -3.24 5.11
CA THR A 458 15.56 -4.62 5.45
C THR A 458 17.06 -4.79 5.22
N ARG A 459 17.81 -4.97 6.30
CA ARG A 459 19.26 -5.14 6.18
C ARG A 459 19.56 -6.43 5.44
N ILE A 460 20.45 -6.33 4.46
CA ILE A 460 20.78 -7.46 3.59
C ILE A 460 22.05 -8.12 4.12
N ASP A 461 21.99 -9.43 4.33
CA ASP A 461 23.14 -10.23 4.75
C ASP A 461 23.18 -11.45 3.86
N LEU A 462 24.10 -11.46 2.88
CA LEU A 462 24.19 -12.58 1.96
C LEU A 462 24.63 -13.87 2.66
N GLY A 463 25.21 -13.77 3.86
CA GLY A 463 25.53 -14.95 4.63
C GLY A 463 24.31 -15.76 5.03
N LYS A 464 23.14 -15.12 5.13
CA LYS A 464 21.90 -15.81 5.43
C LYS A 464 21.35 -16.59 4.24
N VAL A 465 21.93 -16.42 3.06
CA VAL A 465 21.46 -17.11 1.86
C VAL A 465 22.15 -18.47 1.78
N LYS A 466 21.36 -19.53 1.74
CA LYS A 466 21.89 -20.88 1.62
C LYS A 466 21.72 -21.46 0.21
N THR A 467 21.28 -20.64 -0.74
CA THR A 467 21.14 -21.13 -2.11
C THR A 467 22.51 -21.36 -2.72
N PRO A 468 22.75 -22.52 -3.34
CA PRO A 468 24.03 -22.73 -4.01
C PRO A 468 24.21 -21.78 -5.18
N VAL A 469 25.36 -21.10 -5.21
CA VAL A 469 25.64 -20.07 -6.21
C VAL A 469 26.77 -20.56 -7.11
N LEU A 470 26.67 -20.23 -8.40
CA LEU A 470 27.72 -20.49 -9.37
C LEU A 470 28.04 -19.18 -10.04
N LEU A 471 29.24 -18.67 -9.80
CA LEU A 471 29.69 -17.41 -10.39
C LEU A 471 30.54 -17.71 -11.62
N VAL A 472 30.08 -17.25 -12.78
CA VAL A 472 30.79 -17.42 -14.05
C VAL A 472 31.27 -16.05 -14.48
N SER A 473 32.59 -15.84 -14.43
CA SER A 473 33.19 -14.57 -14.79
C SER A 473 34.12 -14.75 -15.98
N ALA A 474 34.59 -13.63 -16.50
CA ALA A 474 35.43 -13.61 -17.68
C ALA A 474 36.78 -13.01 -17.35
N VAL A 475 37.85 -13.61 -17.88
CA VAL A 475 39.19 -13.16 -17.55
C VAL A 475 39.46 -11.76 -18.09
N ASP A 476 39.03 -11.49 -19.33
CA ASP A 476 39.28 -10.21 -19.97
C ASP A 476 38.16 -9.21 -19.71
N ASP A 477 37.35 -9.43 -18.68
CA ASP A 477 36.24 -8.52 -18.39
C ASP A 477 36.78 -7.18 -17.90
N HIS A 478 36.29 -6.09 -18.50
CA HIS A 478 36.67 -4.75 -18.10
C HIS A 478 35.59 -4.06 -17.29
N ILE A 479 34.38 -4.60 -17.26
CA ILE A 479 33.29 -4.03 -16.47
C ILE A 479 33.25 -4.63 -15.07
N ALA A 480 33.26 -5.95 -14.98
CA ALA A 480 33.27 -6.66 -13.71
C ALA A 480 34.54 -7.49 -13.67
N LEU A 481 35.58 -6.95 -13.03
CA LEU A 481 36.85 -7.66 -12.92
C LEU A 481 36.64 -8.99 -12.22
N TRP A 482 37.22 -10.05 -12.78
CA TRP A 482 36.99 -11.42 -12.27
C TRP A 482 37.46 -11.59 -10.82
N GLN A 483 38.46 -10.81 -10.42
CA GLN A 483 38.95 -10.90 -9.02
C GLN A 483 37.92 -10.24 -8.11
N GLY A 484 37.29 -9.15 -8.56
CA GLY A 484 36.24 -8.52 -7.78
C GLY A 484 34.99 -9.38 -7.69
N THR A 485 34.68 -10.10 -8.77
CA THR A 485 33.55 -11.03 -8.71
C THR A 485 33.87 -12.22 -7.83
N TRP A 486 35.14 -12.61 -7.76
CA TRP A 486 35.53 -13.72 -6.89
C TRP A 486 35.39 -13.35 -5.42
N GLN A 487 35.71 -12.10 -5.07
CA GLN A 487 35.64 -11.69 -3.67
C GLN A 487 34.21 -11.73 -3.15
N GLY A 488 33.24 -11.36 -3.99
CA GLY A 488 31.85 -11.40 -3.59
C GLY A 488 31.27 -12.79 -3.45
N MET A 489 31.96 -13.82 -3.98
CA MET A 489 31.45 -15.18 -3.86
C MET A 489 31.42 -15.65 -2.41
N LYS A 490 32.44 -15.30 -1.64
CA LYS A 490 32.53 -15.74 -0.25
C LYS A 490 31.45 -15.13 0.63
N LEU A 491 30.72 -14.13 0.15
CA LEU A 491 29.68 -13.49 0.96
C LEU A 491 28.51 -14.42 1.22
N PHE A 492 28.26 -15.38 0.33
CA PHE A 492 27.10 -16.26 0.48
C PHE A 492 27.34 -17.27 1.60
N GLY A 493 26.25 -17.71 2.21
CA GLY A 493 26.30 -18.66 3.31
C GLY A 493 26.04 -20.10 2.93
N GLY A 494 25.94 -20.42 1.65
CA GLY A 494 25.75 -21.79 1.21
C GLY A 494 26.87 -22.28 0.32
N GLU A 495 26.58 -23.25 -0.54
CA GLU A 495 27.55 -23.76 -1.48
C GLU A 495 27.98 -22.66 -2.45
N GLN A 496 29.27 -22.63 -2.78
CA GLN A 496 29.84 -21.63 -3.67
C GLN A 496 30.67 -22.32 -4.74
N ARG A 497 30.49 -21.89 -5.99
CA ARG A 497 31.28 -22.37 -7.12
C ARG A 497 31.66 -21.18 -7.99
N PHE A 498 32.82 -21.28 -8.64
CA PHE A 498 33.36 -20.21 -9.45
C PHE A 498 33.83 -20.75 -10.79
N LEU A 499 33.55 -20.01 -11.86
CA LEU A 499 34.02 -20.33 -13.20
C LEU A 499 34.64 -19.11 -13.84
N LEU A 500 35.73 -19.32 -14.59
CA LEU A 500 36.46 -18.24 -15.24
C LEU A 500 36.50 -18.53 -16.74
N ALA A 501 35.73 -17.79 -17.52
CA ALA A 501 35.69 -17.98 -18.96
C ALA A 501 36.92 -17.36 -19.62
N GLU A 502 37.25 -17.89 -20.80
CA GLU A 502 38.49 -17.53 -21.51
C GLU A 502 38.31 -16.37 -22.48
N SER A 503 37.57 -15.34 -22.14
CA SER A 503 37.38 -14.23 -23.06
C SER A 503 36.94 -12.99 -22.28
N GLY A 504 36.27 -12.06 -22.97
CA GLY A 504 35.86 -10.80 -22.37
C GLY A 504 34.45 -10.83 -21.79
N HIS A 505 33.95 -9.62 -21.52
CA HIS A 505 32.67 -9.46 -20.82
C HIS A 505 31.50 -10.04 -21.60
N ILE A 506 31.55 -9.99 -22.93
CA ILE A 506 30.44 -10.43 -23.77
C ILE A 506 30.78 -11.72 -24.52
N ALA A 507 32.01 -11.81 -25.05
CA ALA A 507 32.36 -12.98 -25.85
C ALA A 507 32.48 -14.24 -24.99
N GLY A 508 33.05 -14.10 -23.78
CA GLY A 508 33.21 -15.24 -22.90
C GLY A 508 31.93 -15.73 -22.27
N ILE A 509 30.89 -14.93 -22.27
CA ILE A 509 29.61 -15.34 -21.68
C ILE A 509 28.68 -15.93 -22.73
N ILE A 510 28.56 -15.28 -23.87
CA ILE A 510 27.65 -15.80 -24.93
C ILE A 510 28.47 -16.69 -25.87
N ASN A 511 29.05 -17.77 -25.34
CA ASN A 511 29.80 -18.74 -26.17
C ASN A 511 28.98 -20.00 -26.30
N PRO A 512 28.22 -20.18 -27.40
CA PRO A 512 27.45 -21.40 -27.59
C PRO A 512 28.34 -22.63 -27.66
N PRO A 513 27.91 -23.79 -27.11
CA PRO A 513 28.71 -25.01 -27.23
C PRO A 513 29.07 -25.32 -28.68
N ALA A 514 28.11 -25.20 -29.59
CA ALA A 514 28.31 -25.45 -31.02
C ALA A 514 29.42 -24.59 -31.60
N ALA A 515 29.74 -23.47 -30.96
CA ALA A 515 30.78 -22.58 -31.46
C ALA A 515 32.15 -23.25 -31.39
N ASN A 516 32.39 -24.01 -30.32
CA ASN A 516 33.69 -24.65 -30.06
C ASN A 516 34.80 -23.61 -30.03
N LYS A 517 34.54 -22.50 -29.35
CA LYS A 517 35.47 -21.39 -29.27
C LYS A 517 35.80 -21.13 -27.80
N TYR A 518 37.04 -20.70 -27.55
CA TYR A 518 37.54 -20.38 -26.22
C TYR A 518 37.42 -21.54 -25.24
N GLY A 519 37.61 -21.26 -23.95
CA GLY A 519 37.51 -22.25 -22.91
C GLY A 519 37.10 -21.66 -21.57
N PHE A 520 37.38 -22.38 -20.49
CA PHE A 520 37.06 -21.90 -19.16
C PHE A 520 37.90 -22.67 -18.14
N TRP A 521 38.00 -22.10 -16.94
CA TRP A 521 38.74 -22.69 -15.83
C TRP A 521 37.77 -23.06 -14.72
N HIS A 522 37.91 -24.28 -14.20
CA HIS A 522 37.08 -24.76 -13.10
C HIS A 522 37.95 -25.27 -11.97
N ASN A 523 37.49 -25.07 -10.74
CA ASN A 523 38.21 -25.52 -9.55
C ASN A 523 37.20 -25.76 -8.44
N GLY A 524 37.09 -27.02 -8.00
CA GLY A 524 36.13 -27.36 -6.97
C GLY A 524 36.55 -27.03 -5.56
N ALA A 525 37.86 -26.87 -5.33
CA ALA A 525 38.37 -26.61 -4.00
C ALA A 525 38.19 -25.14 -3.62
N GLU A 526 38.22 -24.89 -2.31
CA GLU A 526 38.12 -23.53 -1.78
C GLU A 526 39.51 -22.90 -1.72
N ALA A 527 39.58 -21.62 -2.06
CA ALA A 527 40.83 -20.88 -2.05
C ALA A 527 40.70 -19.64 -1.18
N GLU A 528 41.84 -19.12 -0.74
CA GLU A 528 41.89 -17.94 0.11
C GLU A 528 42.12 -16.65 -0.67
N SER A 529 42.35 -16.73 -1.98
CA SER A 529 42.63 -15.57 -2.80
C SER A 529 42.30 -15.89 -4.24
N PRO A 530 41.92 -14.91 -5.06
CA PRO A 530 41.65 -15.19 -6.48
C PRO A 530 42.84 -15.83 -7.19
N GLU A 531 44.06 -15.40 -6.87
CA GLU A 531 45.24 -16.00 -7.49
C GLU A 531 45.40 -17.45 -7.09
N SER A 532 45.07 -17.79 -5.84
CA SER A 532 45.15 -19.17 -5.40
C SER A 532 44.13 -20.03 -6.13
N TRP A 533 42.94 -19.47 -6.41
CA TRP A 533 41.94 -20.21 -7.16
C TRP A 533 42.44 -20.56 -8.55
N LEU A 534 42.96 -19.57 -9.28
CA LEU A 534 43.43 -19.80 -10.64
C LEU A 534 44.63 -20.74 -10.66
N ALA A 535 45.48 -20.67 -9.63
CA ALA A 535 46.65 -21.54 -9.57
C ALA A 535 46.24 -23.01 -9.49
N GLY A 536 45.15 -23.31 -8.77
CA GLY A 536 44.65 -24.65 -8.65
C GLY A 536 43.57 -25.03 -9.64
N ALA A 537 43.22 -24.12 -10.55
CA ALA A 537 42.15 -24.36 -11.50
C ALA A 537 42.62 -25.23 -12.67
N THR A 538 41.69 -25.97 -13.24
CA THR A 538 41.95 -26.81 -14.41
C THR A 538 41.26 -26.19 -15.61
N HIS A 539 41.98 -26.08 -16.73
CA HIS A 539 41.45 -25.50 -17.95
C HIS A 539 40.73 -26.55 -18.78
N GLN A 540 39.57 -26.18 -19.32
CA GLN A 540 38.82 -27.01 -20.25
C GLN A 540 38.47 -26.16 -21.47
N GLY A 541 38.61 -26.76 -22.65
CA GLY A 541 38.25 -26.07 -23.87
C GLY A 541 36.75 -26.13 -24.16
N GLY A 542 36.31 -25.25 -25.04
CA GLY A 542 34.91 -25.19 -25.40
C GLY A 542 34.10 -24.29 -24.50
N SER A 543 32.78 -24.43 -24.62
CA SER A 543 31.85 -23.61 -23.87
C SER A 543 31.66 -24.13 -22.45
N TRP A 544 31.34 -23.21 -21.54
CA TRP A 544 31.05 -23.53 -20.15
C TRP A 544 29.57 -23.72 -19.89
N TRP A 545 28.71 -23.55 -20.90
CA TRP A 545 27.28 -23.69 -20.69
C TRP A 545 26.87 -25.07 -20.17
N PRO A 546 27.41 -26.19 -20.65
CA PRO A 546 27.08 -27.48 -20.02
C PRO A 546 27.46 -27.55 -18.55
N GLU A 547 28.54 -26.87 -18.14
CA GLU A 547 28.90 -26.86 -16.73
C GLU A 547 27.85 -26.14 -15.90
N MET A 548 27.29 -25.06 -16.42
CA MET A 548 26.16 -24.42 -15.72
C MET A 548 24.94 -25.32 -15.72
N MET A 549 24.66 -25.98 -16.85
CA MET A 549 23.55 -26.91 -16.91
C MET A 549 23.76 -28.09 -15.99
N GLY A 550 25.00 -28.55 -15.87
CA GLY A 550 25.30 -29.60 -14.91
C GLY A 550 25.17 -29.10 -13.47
N PHE A 551 25.54 -27.85 -13.23
CA PHE A 551 25.37 -27.27 -11.90
C PHE A 551 23.90 -27.19 -11.52
N ILE A 552 23.02 -26.97 -12.49
CA ILE A 552 21.60 -26.85 -12.21
C ILE A 552 20.95 -28.23 -12.05
N GLN A 553 21.30 -29.17 -12.94
CA GLN A 553 20.62 -30.46 -12.99
C GLN A 553 21.11 -31.43 -11.93
N ASN A 554 22.22 -31.14 -11.25
CA ASN A 554 22.68 -31.96 -10.14
C ASN A 554 22.03 -31.58 -8.82
N ARG A 555 21.33 -30.44 -8.77
CA ARG A 555 20.63 -30.00 -7.59
C ARG A 555 19.12 -30.21 -7.70
N ASP A 556 18.67 -30.97 -8.69
CA ASP A 556 17.26 -31.31 -8.83
C ASP A 556 17.03 -32.81 -9.02
N SER A 559 14.15 -34.33 -8.79
CA SER A 559 12.74 -34.35 -9.17
C SER A 559 12.51 -35.27 -10.37
N GLU A 560 11.35 -35.11 -11.01
CA GLU A 560 10.93 -35.94 -12.12
C GLU A 560 10.52 -35.06 -13.30
N PRO A 561 10.94 -35.41 -14.51
CA PRO A 561 10.54 -34.62 -15.68
C PRO A 561 9.03 -34.54 -15.84
N VAL A 562 8.55 -33.36 -16.23
CA VAL A 562 7.13 -33.05 -16.37
C VAL A 562 6.83 -32.79 -17.84
N PRO A 563 5.61 -33.05 -18.32
CA PRO A 563 5.28 -32.75 -19.72
C PRO A 563 5.56 -31.28 -20.05
N ALA A 564 5.92 -31.04 -21.31
CA ALA A 564 6.36 -29.72 -21.74
C ALA A 564 5.28 -28.67 -21.48
N ARG A 565 5.67 -27.61 -20.78
CA ARG A 565 4.75 -26.53 -20.45
C ARG A 565 4.54 -25.66 -21.68
N VAL A 566 3.32 -25.68 -22.23
CA VAL A 566 2.98 -24.79 -23.33
C VAL A 566 2.57 -23.46 -22.72
N PRO A 567 3.19 -22.35 -23.11
CA PRO A 567 2.86 -21.07 -22.49
C PRO A 567 1.43 -20.66 -22.77
N GLU A 568 0.82 -19.98 -21.80
CA GLU A 568 -0.52 -19.45 -21.99
C GLU A 568 -0.50 -18.36 -23.07
N GLU A 569 -1.70 -18.00 -23.54
CA GLU A 569 -1.78 -16.99 -24.60
C GLU A 569 -1.16 -15.69 -24.14
N GLY A 570 -1.37 -15.30 -22.88
CA GLY A 570 -0.72 -14.14 -22.35
C GLY A 570 -1.19 -12.84 -22.99
N LEU A 571 -0.29 -11.85 -22.99
CA LEU A 571 -0.62 -10.50 -23.41
C LEU A 571 -0.07 -10.12 -24.78
N ALA A 572 0.97 -10.79 -25.26
CA ALA A 572 1.66 -10.39 -26.47
C ALA A 572 2.49 -11.56 -26.98
N PRO A 573 2.95 -11.51 -28.24
CA PRO A 573 3.88 -12.55 -28.72
C PRO A 573 5.27 -12.45 -28.09
N ALA A 574 6.22 -13.22 -28.61
CA ALA A 574 7.45 -13.52 -27.88
C ALA A 574 8.25 -12.30 -27.44
N PRO A 575 8.75 -11.44 -28.35
CA PRO A 575 9.72 -10.42 -27.89
C PRO A 575 9.14 -9.41 -26.94
N GLY A 576 7.84 -9.15 -27.03
CA GLY A 576 7.22 -8.14 -26.19
C GLY A 576 7.36 -6.75 -26.78
N HIS A 577 6.90 -5.78 -25.99
CA HIS A 577 6.90 -4.38 -26.41
C HIS A 577 7.94 -3.53 -25.70
N TYR A 578 8.33 -3.90 -24.47
CA TYR A 578 9.28 -3.07 -23.72
C TYR A 578 10.65 -3.05 -24.39
N VAL A 579 11.07 -4.16 -25.00
CA VAL A 579 12.40 -4.24 -25.58
C VAL A 579 12.52 -3.46 -26.88
N LYS A 580 11.40 -3.16 -27.54
CA LYS A 580 11.42 -2.46 -28.82
C LYS A 580 11.49 -0.95 -28.68
N VAL A 581 11.36 -0.43 -27.46
CA VAL A 581 11.41 1.02 -27.24
C VAL A 581 12.86 1.48 -27.28
N ARG A 582 13.19 2.32 -28.26
CA ARG A 582 14.54 2.80 -28.49
C ARG A 582 14.65 4.26 -28.06
N LEU A 583 15.82 4.61 -27.54
CA LEU A 583 16.06 5.99 -27.12
C LEU A 583 16.16 6.93 -28.31
N ASN A 584 16.79 6.50 -29.40
CA ASN A 584 16.86 7.33 -30.60
C ASN A 584 15.95 6.73 -31.67
N PRO A 585 14.74 7.27 -31.83
CA PRO A 585 13.81 6.68 -32.81
C PRO A 585 13.76 7.46 -34.11
N VAL A 586 13.72 6.73 -35.23
CA VAL A 586 13.32 7.27 -36.52
C VAL A 586 11.99 6.62 -36.87
N PHE A 587 11.10 7.39 -37.51
CA PHE A 587 9.70 7.05 -37.72
C PHE A 587 8.93 7.13 -36.41
N ALA A 588 7.77 6.48 -36.35
CA ALA A 588 6.93 6.43 -35.16
C ALA A 588 5.85 5.37 -35.38
N CYS A 589 5.14 5.06 -34.31
CA CYS A 589 4.06 4.08 -34.36
C CYS A 589 2.88 4.62 -35.19
N TYR B 8 -27.85 -1.00 31.01
CA TYR B 8 -28.93 -0.07 30.67
C TYR B 8 -28.98 1.12 31.64
N GLY B 9 -27.91 1.90 31.69
CA GLY B 9 -27.82 2.93 32.70
C GLY B 9 -26.46 2.99 33.36
N PRO B 10 -26.00 1.87 33.94
CA PRO B 10 -24.64 1.84 34.51
C PRO B 10 -23.57 2.18 33.50
N LEU B 11 -23.80 1.88 32.22
CA LEU B 11 -22.83 2.25 31.18
C LEU B 11 -22.70 3.76 31.08
N PHE B 12 -23.83 4.48 31.16
CA PHE B 12 -23.79 5.94 31.10
C PHE B 12 -23.01 6.51 32.27
N GLU B 13 -23.23 5.96 33.48
CA GLU B 13 -22.54 6.45 34.66
C GLU B 13 -21.05 6.11 34.62
N ALA B 14 -20.72 4.89 34.20
CA ALA B 14 -19.32 4.50 34.12
C ALA B 14 -18.57 5.29 33.06
N LEU B 15 -19.20 5.54 31.91
CA LEU B 15 -18.58 6.36 30.87
C LEU B 15 -18.32 7.77 31.37
N ALA B 16 -19.25 8.31 32.17
CA ALA B 16 -19.05 9.64 32.75
C ALA B 16 -17.85 9.66 33.68
N HIS B 17 -17.64 8.57 34.43
CA HIS B 17 -16.49 8.50 35.33
C HIS B 17 -15.18 8.57 34.56
N TYR B 18 -15.10 7.86 33.41
CA TYR B 18 -13.90 7.92 32.59
C TYR B 18 -13.70 9.32 32.01
N ASN B 19 -14.81 9.97 31.62
CA ASN B 19 -14.72 11.31 31.08
C ASN B 19 -14.25 12.32 32.12
N ASP B 20 -14.62 12.10 33.38
CA ASP B 20 -14.17 12.99 34.46
C ASP B 20 -12.68 12.84 34.70
N LYS B 21 -12.15 11.62 34.59
CA LYS B 21 -10.72 11.42 34.77
C LYS B 21 -9.91 12.02 33.63
N LEU B 22 -10.44 11.98 32.40
CA LEU B 22 -9.75 12.63 31.29
C LEU B 22 -9.82 14.14 31.40
N LEU B 23 -10.97 14.66 31.84
CA LEU B 23 -11.08 16.11 32.04
C LEU B 23 -10.16 16.58 33.15
N ALA B 24 -10.03 15.79 34.21
CA ALA B 24 -9.08 16.10 35.26
C ALA B 24 -7.64 16.02 34.74
N MET B 25 -7.36 15.04 33.88
CA MET B 25 -6.05 14.94 33.27
C MET B 25 -5.80 16.11 32.32
N ALA B 26 -6.85 16.55 31.61
CA ALA B 26 -6.70 17.71 30.73
C ALA B 26 -6.36 18.96 31.51
N LYS B 27 -7.03 19.17 32.65
CA LYS B 27 -6.68 20.30 33.51
C LYS B 27 -5.28 20.14 34.07
N ALA B 28 -4.90 18.91 34.41
CA ALA B 28 -3.55 18.67 34.94
C ALA B 28 -2.49 18.94 33.88
N GLN B 29 -2.80 18.63 32.61
CA GLN B 29 -1.84 18.89 31.55
C GLN B 29 -1.68 20.38 31.31
N THR B 30 -2.77 21.15 31.45
CA THR B 30 -2.69 22.60 31.30
C THR B 30 -1.90 23.22 32.46
N GLU B 31 -2.06 22.69 33.67
CA GLU B 31 -1.31 23.21 34.80
C GLU B 31 0.19 22.93 34.65
N ARG B 32 0.55 21.75 34.12
CA ARG B 32 1.95 21.45 33.88
C ARG B 32 2.51 22.34 32.77
N THR B 33 1.68 22.65 31.75
CA THR B 33 2.11 23.55 30.70
C THR B 33 2.28 24.97 31.23
N ALA B 34 1.50 25.32 32.26
CA ALA B 34 1.66 26.63 32.90
C ALA B 34 2.98 26.71 33.65
N GLN B 35 3.40 25.61 34.28
CA GLN B 35 4.68 25.62 34.98
C GLN B 35 5.85 25.72 34.03
N ALA B 36 5.73 25.17 32.81
CA ALA B 36 6.83 25.27 31.86
C ALA B 36 7.02 26.69 31.36
N LEU B 37 5.91 27.41 31.11
CA LEU B 37 5.99 28.80 30.69
C LEU B 37 6.36 29.72 31.86
N GLN B 54 4.14 10.84 23.58
CA GLN B 54 2.89 10.70 24.30
C GLN B 54 1.70 11.06 23.42
N GLN B 55 0.52 10.57 23.79
CA GLN B 55 -0.69 10.83 23.01
C GLN B 55 -1.41 12.07 23.54
N PRO B 56 -1.94 12.91 22.65
CA PRO B 56 -2.71 14.07 23.11
C PRO B 56 -4.05 13.65 23.70
N TRP B 57 -4.51 14.41 24.69
CA TRP B 57 -5.80 14.11 25.30
C TRP B 57 -6.94 14.28 24.31
N GLN B 58 -6.75 15.09 23.27
CA GLN B 58 -7.80 15.26 22.26
C GLN B 58 -8.05 13.96 21.50
N LEU B 59 -7.03 13.13 21.30
CA LEU B 59 -7.23 11.87 20.62
C LEU B 59 -8.09 10.92 21.45
N ILE B 60 -7.87 10.88 22.77
CA ILE B 60 -8.72 10.08 23.64
C ILE B 60 -10.11 10.70 23.76
N GLN B 61 -10.18 12.03 23.78
CA GLN B 61 -11.47 12.71 23.80
C GLN B 61 -12.28 12.40 22.54
N ALA B 62 -11.61 12.28 21.39
CA ALA B 62 -12.29 11.92 20.16
C ALA B 62 -12.95 10.55 20.27
N GLN B 63 -12.29 9.60 20.94
CA GLN B 63 -12.87 8.27 21.11
C GLN B 63 -13.97 8.27 22.16
N MET B 64 -13.76 8.98 23.28
CA MET B 64 -14.79 9.04 24.31
C MET B 64 -16.06 9.71 23.81
N ASN B 65 -15.92 10.68 22.90
CA ASN B 65 -17.10 11.31 22.31
C ASN B 65 -17.91 10.32 21.49
N TRP B 66 -17.23 9.41 20.80
CA TRP B 66 -17.94 8.41 20.00
C TRP B 66 -18.74 7.46 20.89
N TRP B 67 -18.14 7.01 22.00
CA TRP B 67 -18.82 6.06 22.88
C TRP B 67 -20.09 6.66 23.47
N GLN B 68 -20.03 7.93 23.87
CA GLN B 68 -21.18 8.56 24.50
C GLN B 68 -22.30 8.83 23.50
N ASP B 69 -21.95 9.38 22.34
CA ASP B 69 -22.97 9.73 21.35
C ASP B 69 -23.66 8.49 20.80
N GLN B 70 -22.91 7.41 20.57
CA GLN B 70 -23.52 6.18 20.06
C GLN B 70 -24.50 5.59 21.06
N LEU B 71 -24.17 5.65 22.35
CA LEU B 71 -25.09 5.16 23.38
C LEU B 71 -26.32 6.05 23.46
N LYS B 72 -26.14 7.36 23.34
CA LYS B 72 -27.28 8.28 23.35
C LYS B 72 -28.19 8.06 22.15
N LEU B 73 -27.59 7.85 20.97
CA LEU B 73 -28.38 7.57 19.78
C LEU B 73 -29.12 6.24 19.92
N MET B 74 -28.46 5.23 20.51
CA MET B 74 -29.12 3.96 20.76
C MET B 74 -30.26 4.12 21.74
N GLN B 75 -30.06 4.95 22.77
CA GLN B 75 -31.13 5.23 23.74
C GLN B 75 -32.28 5.95 23.07
N HIS B 76 -31.99 6.84 22.12
CA HIS B 76 -33.04 7.53 21.39
C HIS B 76 -33.88 6.55 20.58
N THR B 77 -33.25 5.55 19.99
CA THR B 77 -34.00 4.53 19.25
C THR B 77 -34.74 3.60 20.20
N LEU B 78 -34.24 3.43 21.41
CA LEU B 78 -34.93 2.65 22.43
C LEU B 78 -35.86 3.55 23.25
N GLN B 107 -36.65 1.49 7.20
CA GLN B 107 -36.38 2.92 7.22
C GLN B 107 -35.79 3.38 8.57
N PRO B 108 -36.40 3.01 9.71
CA PRO B 108 -35.78 3.38 10.99
C PRO B 108 -34.39 2.77 11.14
N ILE B 109 -34.20 1.56 10.62
CA ILE B 109 -32.88 0.93 10.64
C ILE B 109 -31.90 1.75 9.82
N TYR B 110 -32.33 2.24 8.65
CA TYR B 110 -31.47 3.07 7.82
C TYR B 110 -31.16 4.41 8.50
N ASP B 111 -32.14 4.98 9.20
CA ASP B 111 -31.92 6.25 9.87
C ASP B 111 -30.85 6.11 10.94
N TYR B 112 -30.90 5.03 11.73
CA TYR B 112 -29.85 4.77 12.70
C TYR B 112 -28.52 4.52 12.00
N LEU B 113 -28.55 3.81 10.88
CA LEU B 113 -27.32 3.52 10.14
C LEU B 113 -26.68 4.81 9.62
N LYS B 114 -27.51 5.71 9.09
CA LYS B 114 -26.98 6.99 8.61
C LYS B 114 -26.45 7.82 9.77
N GLN B 115 -27.17 7.87 10.88
CA GLN B 115 -26.73 8.65 12.02
C GLN B 115 -25.50 8.04 12.69
N SER B 116 -25.43 6.71 12.71
CA SER B 116 -24.22 6.06 13.23
C SER B 116 -23.04 6.28 12.30
N TYR B 117 -23.27 6.28 10.99
CA TYR B 117 -22.21 6.56 10.04
C TYR B 117 -21.70 7.99 10.17
N LEU B 118 -22.56 8.91 10.61
CA LEU B 118 -22.10 10.27 10.89
C LEU B 118 -21.19 10.31 12.10
N LEU B 119 -21.44 9.47 13.11
CA LEU B 119 -20.63 9.49 14.32
C LEU B 119 -19.23 8.93 14.07
N THR B 120 -19.11 7.86 13.29
CA THR B 120 -17.77 7.37 12.94
C THR B 120 -17.02 8.37 12.08
N ALA B 121 -17.71 9.11 11.22
CA ALA B 121 -17.06 10.14 10.43
C ALA B 121 -16.53 11.25 11.34
N ARG B 122 -17.30 11.63 12.35
CA ARG B 122 -16.81 12.60 13.34
C ARG B 122 -15.61 12.02 14.10
N HIS B 123 -15.63 10.71 14.36
CA HIS B 123 -14.52 10.07 15.04
C HIS B 123 -13.26 10.09 14.18
N LEU B 124 -13.41 9.87 12.88
CA LEU B 124 -12.25 9.92 11.98
C LEU B 124 -11.67 11.32 11.92
N LEU B 125 -12.53 12.34 11.79
CA LEU B 125 -12.04 13.70 11.63
C LEU B 125 -11.37 14.20 12.91
N ALA B 126 -11.95 13.90 14.07
CA ALA B 126 -11.36 14.37 15.32
C ALA B 126 -10.07 13.64 15.65
N SER B 127 -9.95 12.36 15.29
CA SER B 127 -8.75 11.61 15.59
C SER B 127 -7.56 12.09 14.75
N VAL B 128 -7.76 12.22 13.43
CA VAL B 128 -6.67 12.66 12.56
C VAL B 128 -6.26 14.09 12.90
N ASP B 129 -7.22 14.94 13.26
CA ASP B 129 -6.87 16.31 13.62
C ASP B 129 -5.99 16.35 14.85
N ALA B 130 -6.20 15.43 15.78
CA ALA B 130 -5.35 15.35 16.97
C ALA B 130 -3.95 14.87 16.63
N LEU B 131 -3.80 14.09 15.56
CA LEU B 131 -2.52 13.50 15.20
C LEU B 131 -1.63 14.40 14.37
N GLU B 132 -2.03 15.65 14.12
CA GLU B 132 -1.22 16.53 13.29
C GLU B 132 0.06 16.95 14.01
N GLY B 133 -0.03 17.34 15.28
CA GLY B 133 1.16 17.71 16.00
C GLY B 133 2.02 16.55 16.44
N VAL B 134 1.49 15.33 16.41
CA VAL B 134 2.28 14.15 16.78
C VAL B 134 3.26 13.85 15.66
N PRO B 135 4.53 13.54 15.95
CA PRO B 135 5.44 13.16 14.88
C PRO B 135 4.99 11.88 14.18
N GLN B 136 5.35 11.77 12.90
CA GLN B 136 4.84 10.66 12.09
C GLN B 136 5.32 9.31 12.59
N LYS B 137 6.56 9.23 13.11
CA LYS B 137 7.06 7.95 13.59
C LYS B 137 6.26 7.43 14.78
N SER B 138 5.93 8.30 15.73
CA SER B 138 5.09 7.88 16.85
C SER B 138 3.68 7.55 16.38
N ARG B 139 3.18 8.31 15.40
CA ARG B 139 1.84 8.06 14.87
C ARG B 139 1.76 6.72 14.14
N GLU B 140 2.83 6.35 13.43
CA GLU B 140 2.85 5.05 12.75
C GLU B 140 2.79 3.90 13.76
N ARG B 141 3.45 4.07 14.91
CA ARG B 141 3.33 3.09 15.99
C ARG B 141 1.88 2.90 16.39
N LEU B 142 1.13 4.00 16.53
CA LEU B 142 -0.27 3.92 16.90
C LEU B 142 -1.10 3.24 15.81
N ARG B 143 -0.79 3.51 14.54
CA ARG B 143 -1.51 2.85 13.46
C ARG B 143 -1.22 1.35 13.44
N PHE B 144 0.03 0.96 13.70
CA PHE B 144 0.38 -0.46 13.66
C PHE B 144 -0.29 -1.23 14.77
N PHE B 145 -0.28 -0.69 15.99
CA PHE B 145 -0.86 -1.40 17.12
C PHE B 145 -2.38 -1.43 17.03
N THR B 146 -2.99 -0.37 16.51
CA THR B 146 -4.43 -0.38 16.30
C THR B 146 -4.84 -1.43 15.28
N ARG B 147 -4.00 -1.64 14.26
CA ARG B 147 -4.25 -2.72 13.31
C ARG B 147 -4.07 -4.08 13.98
N GLN B 148 -3.11 -4.18 14.89
CA GLN B 148 -2.94 -5.40 15.66
C GLN B 148 -4.12 -5.66 16.58
N TYR B 149 -4.56 -4.61 17.29
CA TYR B 149 -5.68 -4.76 18.21
C TYR B 149 -6.99 -5.06 17.49
N VAL B 150 -7.18 -4.45 16.33
CA VAL B 150 -8.50 -4.58 15.64
C VAL B 150 -8.65 -6.00 15.10
N ASN B 151 -7.54 -6.67 14.80
CA ASN B 151 -7.60 -8.05 14.24
C ASN B 151 -7.62 -9.03 15.40
N ALA B 152 -7.03 -8.66 16.53
CA ALA B 152 -7.00 -9.53 17.71
C ALA B 152 -8.39 -9.74 18.30
N MET B 153 -9.29 -8.77 18.12
CA MET B 153 -10.64 -8.87 18.67
C MET B 153 -11.63 -9.48 17.71
N ALA B 154 -11.17 -9.98 16.57
CA ALA B 154 -12.05 -10.66 15.62
C ALA B 154 -12.00 -12.16 15.88
N PRO B 155 -13.09 -12.78 16.34
CA PRO B 155 -13.04 -14.23 16.61
C PRO B 155 -12.75 -15.05 15.37
N SER B 156 -13.15 -14.57 14.19
CA SER B 156 -12.90 -15.30 12.95
C SER B 156 -11.42 -15.35 12.59
N ASN B 157 -10.61 -14.48 13.16
CA ASN B 157 -9.19 -14.43 12.84
C ASN B 157 -8.37 -15.53 13.53
N PHE B 158 -8.99 -16.30 14.42
CA PHE B 158 -8.31 -17.38 15.12
C PHE B 158 -9.08 -18.68 14.93
N LEU B 159 -8.34 -19.78 14.71
CA LEU B 159 -8.96 -21.06 14.47
C LEU B 159 -9.79 -21.51 15.67
N ALA B 160 -9.31 -21.24 16.89
CA ALA B 160 -10.03 -21.70 18.07
C ALA B 160 -11.39 -21.03 18.20
N THR B 161 -11.51 -19.79 17.75
CA THR B 161 -12.76 -19.04 17.80
C THR B 161 -13.38 -18.82 16.43
N ASN B 162 -12.90 -19.51 15.40
CA ASN B 162 -13.43 -19.33 14.06
C ASN B 162 -14.79 -20.02 13.92
N PRO B 163 -15.79 -19.34 13.35
CA PRO B 163 -17.11 -19.99 13.19
C PRO B 163 -17.08 -21.18 12.25
N GLU B 164 -16.35 -21.09 11.13
CA GLU B 164 -16.36 -22.16 10.15
C GLU B 164 -15.73 -23.43 10.68
N LEU B 165 -14.66 -23.30 11.47
CA LEU B 165 -14.04 -24.48 12.06
C LEU B 165 -14.97 -25.15 13.05
N LEU B 166 -15.69 -24.36 13.86
CA LEU B 166 -16.71 -24.92 14.74
C LEU B 166 -17.79 -25.63 13.93
N LYS B 167 -18.19 -25.05 12.80
CA LYS B 167 -19.13 -25.70 11.91
C LYS B 167 -18.58 -27.02 11.37
N LEU B 168 -17.30 -27.03 11.02
CA LEU B 168 -16.65 -28.24 10.53
C LEU B 168 -16.34 -29.20 11.68
N GLY B 174 -14.09 -36.36 9.62
CA GLY B 174 -12.84 -37.09 9.55
C GLY B 174 -11.82 -36.41 8.66
N GLN B 175 -11.58 -37.00 7.48
CA GLN B 175 -10.62 -36.43 6.55
C GLN B 175 -11.10 -35.12 5.96
N ASN B 176 -12.42 -34.96 5.80
CA ASN B 176 -12.95 -33.71 5.28
C ASN B 176 -12.77 -32.57 6.28
N LEU B 177 -12.86 -32.87 7.58
CA LEU B 177 -12.58 -31.86 8.59
C LEU B 177 -11.10 -31.48 8.59
N VAL B 178 -10.22 -32.47 8.43
CA VAL B 178 -8.78 -32.18 8.41
C VAL B 178 -8.43 -31.35 7.19
N ARG B 179 -9.04 -31.66 6.04
CA ARG B 179 -8.74 -30.92 4.81
C ARG B 179 -9.21 -29.47 4.93
N GLY B 180 -10.38 -29.25 5.54
CA GLY B 180 -10.87 -27.89 5.70
C GLY B 180 -10.11 -27.09 6.74
N LEU B 181 -9.54 -27.79 7.75
CA LEU B 181 -8.71 -27.10 8.73
C LEU B 181 -7.48 -26.48 8.07
N ALA B 182 -6.85 -27.21 7.16
CA ALA B 182 -5.68 -26.68 6.46
C ALA B 182 -6.06 -25.47 5.62
N LEU B 183 -7.25 -25.47 5.03
CA LEU B 183 -7.70 -24.34 4.24
C LEU B 183 -7.84 -23.08 5.09
N LEU B 184 -8.44 -23.21 6.28
CA LEU B 184 -8.54 -22.07 7.19
C LEU B 184 -7.18 -21.63 7.70
N ALA B 185 -6.26 -22.58 7.89
CA ALA B 185 -4.94 -22.23 8.40
C ALA B 185 -4.13 -21.42 7.39
N GLU B 186 -4.12 -21.85 6.12
CA GLU B 186 -3.32 -21.17 5.12
C GLU B 186 -3.82 -19.76 4.85
N ASP B 187 -5.14 -19.57 4.85
CA ASP B 187 -5.70 -18.24 4.59
C ASP B 187 -5.36 -17.25 5.70
N LEU B 188 -5.49 -17.66 6.95
CA LEU B 188 -5.17 -16.77 8.06
C LEU B 188 -3.68 -16.45 8.12
N GLU B 189 -2.82 -17.44 7.86
CA GLU B 189 -1.38 -17.19 7.90
C GLU B 189 -0.98 -16.22 6.80
N ARG B 190 -1.58 -16.34 5.61
CA ARG B 190 -1.27 -15.41 4.52
C ARG B 190 -1.65 -13.99 4.90
N SER B 191 -2.83 -13.82 5.52
CA SER B 191 -3.27 -12.50 5.93
C SER B 191 -2.35 -11.91 6.98
N ALA B 192 -1.85 -12.74 7.90
CA ALA B 192 -0.93 -12.27 8.92
C ALA B 192 0.38 -11.78 8.32
N ASP B 193 0.90 -12.48 7.31
CA ASP B 193 2.20 -12.13 6.74
C ASP B 193 2.19 -10.73 6.14
N GLN B 194 1.15 -10.41 5.35
CA GLN B 194 1.08 -9.08 4.75
C GLN B 194 0.92 -7.99 5.80
N LEU B 195 0.11 -8.26 6.85
CA LEU B 195 -0.04 -7.29 7.92
C LEU B 195 1.26 -7.14 8.70
N ASN B 196 1.94 -8.24 9.00
CA ASN B 196 3.20 -8.19 9.74
C ASN B 196 4.32 -7.60 8.87
N ASP B 201 5.17 -3.20 9.80
CA ASP B 201 6.15 -2.17 10.12
C ASP B 201 7.22 -2.73 11.06
N GLU B 202 8.19 -1.89 11.44
CA GLU B 202 9.36 -2.35 12.17
C GLU B 202 9.71 -1.36 13.27
N SER B 203 10.71 -1.72 14.06
CA SER B 203 11.23 -0.90 15.16
C SER B 203 10.17 -0.65 16.24
N ALA B 204 9.35 -1.66 16.53
CA ALA B 204 8.28 -1.50 17.52
C ALA B 204 8.85 -1.43 18.92
N PHE B 205 9.65 -2.42 19.32
CA PHE B 205 10.12 -2.54 20.69
C PHE B 205 11.43 -3.31 20.68
N GLU B 206 12.35 -2.91 21.56
CA GLU B 206 13.66 -3.56 21.67
C GLU B 206 13.82 -4.14 23.07
N LEU B 207 14.06 -5.44 23.14
CA LEU B 207 14.24 -6.11 24.42
C LEU B 207 15.53 -5.65 25.09
N GLY B 208 15.45 -5.35 26.38
CA GLY B 208 16.56 -4.81 27.13
C GLY B 208 16.53 -3.30 27.26
N ARG B 209 15.73 -2.62 26.44
CA ARG B 209 15.56 -1.18 26.50
C ARG B 209 14.15 -0.78 26.90
N ASP B 210 13.14 -1.34 26.24
CA ASP B 210 11.74 -1.06 26.55
C ASP B 210 11.08 -2.17 27.36
N LEU B 211 11.41 -3.42 27.08
CA LEU B 211 10.89 -4.57 27.81
C LEU B 211 12.05 -5.49 28.17
N ALA B 212 11.87 -6.23 29.28
CA ALA B 212 12.89 -7.16 29.79
C ALA B 212 14.19 -6.42 30.11
N LEU B 213 14.06 -5.37 30.92
CA LEU B 213 15.18 -4.48 31.24
C LEU B 213 15.64 -4.61 32.68
N THR B 214 15.21 -5.66 33.39
CA THR B 214 15.68 -5.87 34.76
C THR B 214 17.15 -6.30 34.73
N PRO B 215 18.02 -5.63 35.48
CA PRO B 215 19.45 -5.94 35.42
C PRO B 215 19.76 -7.37 35.85
N GLY B 216 20.75 -7.96 35.20
CA GLY B 216 21.14 -9.32 35.49
C GLY B 216 22.22 -9.79 34.53
N ARG B 217 22.56 -11.07 34.66
CA ARG B 217 23.58 -11.68 33.82
C ARG B 217 23.12 -13.06 33.39
N VAL B 218 23.57 -13.50 32.22
CA VAL B 218 23.31 -14.85 31.73
C VAL B 218 24.45 -15.73 32.24
N VAL B 219 24.14 -16.55 33.26
CA VAL B 219 25.15 -17.38 33.92
C VAL B 219 25.33 -18.73 33.25
N GLN B 220 24.43 -19.14 32.36
CA GLN B 220 24.55 -20.45 31.73
C GLN B 220 23.75 -20.43 30.42
N ARG B 221 24.32 -21.05 29.38
CA ARG B 221 23.66 -21.20 28.09
C ARG B 221 23.77 -22.65 27.65
N THR B 222 22.62 -23.32 27.52
CA THR B 222 22.54 -24.69 27.05
C THR B 222 21.86 -24.70 25.68
N GLU B 223 21.62 -25.89 25.14
CA GLU B 223 20.88 -26.00 23.89
C GLU B 223 19.46 -25.52 24.05
N LEU B 224 18.86 -25.75 25.21
CA LEU B 224 17.44 -25.49 25.42
C LEU B 224 17.15 -24.16 26.11
N TYR B 225 18.11 -23.57 26.81
CA TYR B 225 17.78 -22.40 27.62
C TYR B 225 19.04 -21.58 27.92
N GLU B 226 18.79 -20.33 28.30
CA GLU B 226 19.79 -19.46 28.92
C GLU B 226 19.31 -19.11 30.33
N LEU B 227 20.16 -19.34 31.32
CA LEU B 227 19.81 -19.08 32.71
C LEU B 227 20.24 -17.66 33.08
N ILE B 228 19.27 -16.84 33.46
CA ILE B 228 19.51 -15.45 33.83
C ILE B 228 19.50 -15.33 35.35
N GLN B 229 20.54 -14.70 35.90
CA GLN B 229 20.60 -14.39 37.32
C GLN B 229 20.58 -12.87 37.47
N TYR B 230 19.56 -12.38 38.19
CA TYR B 230 19.28 -10.95 38.30
C TYR B 230 20.03 -10.31 39.46
N SER B 231 20.33 -9.02 39.31
CA SER B 231 21.04 -8.27 40.32
C SER B 231 20.18 -8.15 41.58
N PRO B 232 20.81 -8.10 42.76
CA PRO B 232 20.05 -8.25 44.01
C PRO B 232 19.24 -7.04 44.43
N THR B 233 19.79 -5.84 44.27
CA THR B 233 19.10 -4.57 44.56
C THR B 233 18.72 -4.48 46.05
N THR B 234 19.17 -5.46 46.84
CA THR B 234 18.94 -5.49 48.28
C THR B 234 20.26 -5.82 48.97
N GLU B 235 20.43 -5.32 50.20
CA GLU B 235 21.64 -5.63 50.94
C GLU B 235 21.68 -7.10 51.34
N THR B 236 20.53 -7.66 51.72
CA THR B 236 20.42 -9.05 52.12
C THR B 236 19.35 -9.74 51.29
N VAL B 237 19.58 -11.02 50.99
CA VAL B 237 18.63 -11.84 50.25
C VAL B 237 18.40 -13.13 51.03
N GLY B 238 17.33 -13.83 50.66
CA GLY B 238 17.04 -15.10 51.28
C GLY B 238 18.02 -16.17 50.86
N LYS B 239 18.20 -17.16 51.74
CA LYS B 239 19.13 -18.25 51.45
C LYS B 239 18.65 -19.08 50.27
N THR B 240 17.37 -19.41 50.24
CA THR B 240 16.83 -20.24 49.17
C THR B 240 16.57 -19.39 47.93
N PRO B 241 17.21 -19.69 46.80
CA PRO B 241 16.98 -18.88 45.59
C PRO B 241 15.63 -19.19 44.98
N VAL B 242 15.25 -18.33 44.03
CA VAL B 242 13.98 -18.44 43.32
C VAL B 242 14.27 -18.74 41.86
N LEU B 243 13.63 -19.77 41.32
CA LEU B 243 13.79 -20.15 39.93
C LEU B 243 12.43 -20.09 39.26
N ILE B 244 12.34 -19.33 38.16
CA ILE B 244 11.10 -19.15 37.43
C ILE B 244 11.19 -19.94 36.13
N VAL B 245 10.19 -20.78 35.89
CA VAL B 245 10.15 -21.60 34.68
C VAL B 245 9.03 -21.08 33.78
N PRO B 246 9.34 -20.29 32.76
CA PRO B 246 8.29 -19.73 31.92
C PRO B 246 7.80 -20.76 30.92
N PRO B 247 6.64 -20.52 30.30
CA PRO B 247 6.20 -21.43 29.23
C PRO B 247 7.07 -21.27 28.00
N PHE B 248 7.23 -22.37 27.26
CA PHE B 248 7.99 -22.36 26.03
C PHE B 248 7.09 -22.23 24.80
N ILE B 249 5.85 -21.79 24.99
CA ILE B 249 4.97 -21.46 23.87
C ILE B 249 5.09 -19.99 23.50
N ASN B 250 5.28 -19.11 24.49
CA ASN B 250 5.59 -17.71 24.26
C ASN B 250 6.86 -17.36 25.02
N LYS B 251 7.30 -16.11 24.88
CA LYS B 251 8.53 -15.67 25.52
C LYS B 251 8.30 -15.32 26.99
N TYR B 252 9.40 -15.29 27.76
CA TYR B 252 9.29 -15.17 29.20
C TYR B 252 9.00 -13.75 29.67
N TYR B 253 9.34 -12.73 28.86
CA TYR B 253 9.33 -11.38 29.43
C TYR B 253 7.92 -10.86 29.71
N ILE B 254 6.87 -11.69 29.65
CA ILE B 254 5.57 -11.27 30.17
C ILE B 254 5.67 -11.08 31.68
N MET B 255 6.55 -11.82 32.34
CA MET B 255 6.83 -11.67 33.76
C MET B 255 7.91 -10.63 34.03
N ASP B 256 8.49 -10.03 32.99
CA ASP B 256 9.52 -9.01 33.11
C ASP B 256 9.29 -7.95 32.03
N MET B 257 8.10 -7.36 32.01
CA MET B 257 7.79 -6.38 30.97
C MET B 257 8.41 -5.03 31.29
N ARG B 258 7.88 -4.34 32.31
CA ARG B 258 8.38 -3.02 32.64
C ARG B 258 8.57 -2.94 34.16
N PRO B 259 9.49 -2.08 34.62
CA PRO B 259 9.80 -2.05 36.06
C PRO B 259 8.61 -1.88 36.98
N GLN B 260 7.54 -1.21 36.51
CA GLN B 260 6.37 -1.03 37.37
C GLN B 260 5.53 -2.30 37.48
N ASN B 261 5.55 -3.15 36.45
CA ASN B 261 4.74 -4.37 36.45
C ASN B 261 5.60 -5.61 36.16
N SER B 262 6.89 -5.55 36.46
CA SER B 262 7.78 -6.68 36.27
C SER B 262 7.75 -7.56 37.51
N LEU B 263 7.30 -8.80 37.36
CA LEU B 263 7.30 -9.74 38.47
C LEU B 263 8.72 -10.04 38.93
N VAL B 264 9.66 -10.14 37.98
CA VAL B 264 11.06 -10.39 38.34
C VAL B 264 11.60 -9.27 39.20
N ALA B 265 11.33 -8.02 38.81
CA ALA B 265 11.81 -6.88 39.59
C ALA B 265 11.17 -6.85 40.98
N TRP B 266 9.90 -7.21 41.08
CA TRP B 266 9.23 -7.22 42.38
C TRP B 266 9.81 -8.31 43.29
N LEU B 267 10.05 -9.50 42.74
CA LEU B 267 10.65 -10.58 43.54
C LEU B 267 12.05 -10.19 44.00
N VAL B 268 12.81 -9.51 43.13
CA VAL B 268 14.15 -9.06 43.49
C VAL B 268 14.08 -8.03 44.61
N ALA B 269 13.12 -7.11 44.54
CA ALA B 269 12.97 -6.09 45.58
C ALA B 269 12.56 -6.69 46.92
N GLN B 270 12.01 -7.90 46.93
CA GLN B 270 11.63 -8.58 48.17
C GLN B 270 12.77 -9.36 48.78
N GLY B 271 14.00 -9.08 48.35
CA GLY B 271 15.17 -9.74 48.95
C GLY B 271 15.29 -11.20 48.56
N GLN B 272 15.07 -11.51 47.29
CA GLN B 272 15.14 -12.91 46.82
C GLN B 272 16.07 -13.00 45.61
N THR B 273 16.92 -14.01 45.56
CA THR B 273 17.78 -14.20 44.35
C THR B 273 16.91 -14.85 43.29
N VAL B 274 16.67 -14.16 42.18
CA VAL B 274 15.73 -14.68 41.20
C VAL B 274 16.50 -15.19 39.98
N PHE B 275 16.23 -16.43 39.60
CA PHE B 275 16.73 -17.01 38.36
C PHE B 275 15.57 -17.18 37.39
N MET B 276 15.86 -16.98 36.11
CA MET B 276 14.85 -17.11 35.06
C MET B 276 15.40 -17.99 33.95
N ILE B 277 14.64 -19.01 33.58
CA ILE B 277 14.96 -19.83 32.42
C ILE B 277 14.50 -19.08 31.18
N SER B 278 15.38 -18.97 30.19
CA SER B 278 15.06 -18.31 28.93
C SER B 278 15.16 -19.37 27.84
N TRP B 279 14.02 -19.96 27.49
CA TRP B 279 14.02 -21.05 26.52
C TRP B 279 14.49 -20.56 25.16
N ARG B 280 15.25 -21.41 24.46
CA ARG B 280 15.63 -21.10 23.10
C ARG B 280 14.42 -21.19 22.18
N ASN B 281 14.33 -20.26 21.24
CA ASN B 281 13.35 -20.38 20.17
C ASN B 281 13.77 -21.54 19.28
N PRO B 282 13.09 -22.67 19.32
CA PRO B 282 13.64 -23.88 18.68
C PRO B 282 13.57 -23.79 17.16
N GLY B 283 14.68 -24.12 16.50
CA GLY B 283 14.72 -24.24 15.07
C GLY B 283 14.58 -25.68 14.61
N VAL B 284 14.88 -25.90 13.34
CA VAL B 284 14.80 -27.26 12.80
C VAL B 284 15.85 -28.17 13.44
N ALA B 285 16.92 -27.60 14.00
CA ALA B 285 17.94 -28.41 14.65
C ALA B 285 17.43 -29.07 15.93
N GLN B 286 16.36 -28.54 16.51
CA GLN B 286 15.78 -29.09 17.74
C GLN B 286 14.53 -29.91 17.46
N ALA B 287 14.48 -30.59 16.31
CA ALA B 287 13.27 -31.29 15.90
C ALA B 287 12.92 -32.45 16.81
N GLN B 288 13.92 -33.09 17.40
CA GLN B 288 13.71 -34.28 18.23
C GLN B 288 13.62 -33.96 19.72
N ILE B 289 13.65 -32.69 20.11
CA ILE B 289 13.50 -32.34 21.51
C ILE B 289 12.07 -32.63 21.94
N ASP B 290 11.92 -33.43 22.98
CA ASP B 290 10.63 -33.87 23.47
C ASP B 290 10.29 -33.17 24.79
N LEU B 291 9.04 -33.36 25.23
CA LEU B 291 8.65 -32.91 26.56
C LEU B 291 9.55 -33.49 27.65
N ASP B 292 10.02 -34.72 27.45
CA ASP B 292 10.93 -35.34 28.42
C ASP B 292 12.22 -34.53 28.54
N ASP B 293 12.72 -34.01 27.43
CA ASP B 293 13.97 -33.25 27.46
C ASP B 293 13.79 -31.92 28.18
N TYR B 294 12.66 -31.25 27.97
CA TYR B 294 12.41 -29.99 28.66
C TYR B 294 12.29 -30.18 30.17
N VAL B 295 11.89 -31.36 30.61
CA VAL B 295 11.78 -31.63 32.04
C VAL B 295 13.14 -31.93 32.64
N VAL B 296 13.89 -32.84 32.01
CA VAL B 296 15.18 -33.27 32.57
C VAL B 296 16.28 -32.30 32.17
N ASP B 297 16.47 -32.11 30.86
CA ASP B 297 17.52 -31.22 30.36
C ASP B 297 17.13 -29.75 30.44
N GLY B 298 15.87 -29.44 30.74
CA GLY B 298 15.47 -28.05 30.87
C GLY B 298 15.36 -27.57 32.30
N VAL B 299 14.47 -28.18 33.08
CA VAL B 299 14.19 -27.68 34.43
C VAL B 299 15.23 -28.20 35.42
N ILE B 300 15.47 -29.51 35.42
CA ILE B 300 16.43 -30.09 36.34
C ILE B 300 17.84 -29.60 36.04
N ALA B 301 18.20 -29.52 34.76
CA ALA B 301 19.51 -29.00 34.40
C ALA B 301 19.66 -27.55 34.84
N ALA B 302 18.57 -26.79 34.84
CA ALA B 302 18.60 -25.44 35.39
C ALA B 302 18.80 -25.48 36.90
N LEU B 303 18.20 -26.46 37.57
CA LEU B 303 18.42 -26.60 39.00
C LEU B 303 19.89 -26.84 39.31
N ASP B 304 20.55 -27.68 38.52
CA ASP B 304 21.99 -27.87 38.65
C ASP B 304 22.74 -26.58 38.35
N GLY B 305 22.22 -25.77 37.42
CA GLY B 305 22.85 -24.50 37.12
C GLY B 305 22.74 -23.50 38.25
N VAL B 306 21.61 -23.51 38.96
CA VAL B 306 21.44 -22.61 40.10
C VAL B 306 22.38 -22.99 41.23
N GLU B 307 22.52 -24.30 41.48
CA GLU B 307 23.46 -24.76 42.50
C GLU B 307 24.89 -24.40 42.14
N ALA B 308 25.24 -24.48 40.86
CA ALA B 308 26.59 -24.13 40.43
C ALA B 308 26.91 -22.66 40.63
N ALA B 309 25.91 -21.79 40.67
CA ALA B 309 26.13 -20.36 40.81
C ALA B 309 25.90 -19.83 42.21
N THR B 310 25.15 -20.56 43.04
CA THR B 310 24.85 -20.12 44.40
C THR B 310 25.23 -21.11 45.49
N GLY B 311 25.50 -22.36 45.15
CA GLY B 311 25.81 -23.37 46.14
C GLY B 311 24.62 -23.94 46.88
N GLU B 312 23.41 -23.63 46.44
CA GLU B 312 22.19 -24.11 47.07
C GLU B 312 21.55 -25.14 46.16
N ARG B 313 21.34 -26.35 46.69
CA ARG B 313 20.69 -27.42 45.93
C ARG B 313 19.18 -27.37 46.02
N GLU B 314 18.61 -26.39 46.73
CA GLU B 314 17.18 -26.30 46.96
C GLU B 314 16.73 -24.87 46.68
N VAL B 315 15.72 -24.73 45.81
CA VAL B 315 15.24 -23.42 45.38
C VAL B 315 13.73 -23.37 45.50
N HIS B 316 13.20 -22.15 45.47
CA HIS B 316 11.77 -21.92 45.36
C HIS B 316 11.37 -21.89 43.89
N GLY B 317 10.45 -22.76 43.51
CA GLY B 317 10.05 -22.87 42.11
C GLY B 317 8.81 -22.04 41.80
N ILE B 318 8.83 -21.41 40.62
CA ILE B 318 7.68 -20.67 40.11
C ILE B 318 7.49 -21.05 38.65
N GLY B 319 6.26 -21.40 38.29
CA GLY B 319 5.96 -21.82 36.93
C GLY B 319 4.75 -21.08 36.39
N TYR B 320 4.71 -20.95 35.07
CA TYR B 320 3.66 -20.23 34.37
C TYR B 320 3.12 -21.09 33.24
N CYS B 321 1.80 -21.31 33.24
CA CYS B 321 1.11 -22.08 32.20
C CYS B 321 1.76 -23.44 31.99
N ILE B 322 2.32 -23.67 30.80
CA ILE B 322 2.99 -24.94 30.54
C ILE B 322 4.34 -25.00 31.23
N GLY B 323 4.89 -23.86 31.64
CA GLY B 323 6.13 -23.88 32.39
C GLY B 323 5.96 -24.48 33.78
N GLY B 324 4.81 -24.23 34.40
CA GLY B 324 4.51 -24.89 35.66
C GLY B 324 4.24 -26.38 35.51
N THR B 325 3.65 -26.78 34.37
CA THR B 325 3.48 -28.20 34.09
C THR B 325 4.84 -28.89 34.03
N ALA B 326 5.82 -28.26 33.39
CA ALA B 326 7.17 -28.81 33.37
C ALA B 326 7.78 -28.83 34.77
N LEU B 327 7.51 -27.78 35.57
CA LEU B 327 8.00 -27.76 36.95
C LEU B 327 7.36 -28.89 37.76
N SER B 328 6.07 -29.14 37.55
CA SER B 328 5.40 -30.24 38.24
C SER B 328 6.00 -31.59 37.84
N LEU B 329 6.24 -31.77 36.54
CA LEU B 329 6.82 -33.01 36.06
C LEU B 329 8.25 -33.20 36.57
N ALA B 330 8.99 -32.10 36.73
CA ALA B 330 10.34 -32.21 37.27
C ALA B 330 10.33 -32.65 38.73
N MET B 331 9.38 -32.13 39.51
CA MET B 331 9.27 -32.55 40.91
C MET B 331 8.82 -34.00 41.00
N GLY B 332 7.92 -34.44 40.12
CA GLY B 332 7.53 -35.84 40.11
C GLY B 332 8.65 -36.76 39.69
N TRP B 333 9.48 -36.30 38.74
CA TRP B 333 10.60 -37.12 38.28
C TRP B 333 11.64 -37.29 39.37
N LEU B 334 11.95 -36.23 40.12
CA LEU B 334 12.88 -36.35 41.23
C LEU B 334 12.32 -37.17 42.37
N ALA B 335 10.99 -37.14 42.56
CA ALA B 335 10.37 -37.90 43.64
C ALA B 335 10.28 -39.38 43.30
N ALA B 336 9.91 -39.71 42.06
CA ALA B 336 9.76 -41.11 41.68
C ALA B 336 11.08 -41.86 41.75
N ARG B 337 12.19 -41.17 41.52
CA ARG B 337 13.51 -41.79 41.58
C ARG B 337 14.19 -41.60 42.93
N ARG B 338 13.45 -41.12 43.93
CA ARG B 338 13.92 -40.97 45.31
C ARG B 338 15.20 -40.14 45.39
N GLN B 339 15.12 -38.93 44.84
CA GLN B 339 16.21 -37.96 44.91
C GLN B 339 15.88 -36.92 45.96
N LYS B 340 16.91 -36.36 46.58
CA LYS B 340 16.71 -35.40 47.65
C LYS B 340 15.97 -34.18 47.13
N GLN B 341 14.99 -33.73 47.91
CA GLN B 341 14.08 -32.67 47.48
C GLN B 341 14.84 -31.42 47.09
N ARG B 342 14.74 -31.02 45.82
CA ARG B 342 15.43 -29.85 45.32
C ARG B 342 14.53 -28.63 45.14
N VAL B 343 13.21 -28.80 45.31
CA VAL B 343 12.26 -27.70 45.20
C VAL B 343 11.61 -27.53 46.57
N ARG B 344 11.87 -26.39 47.21
CA ARG B 344 11.32 -26.15 48.55
C ARG B 344 9.83 -25.81 48.47
N THR B 345 9.49 -24.75 47.74
CA THR B 345 8.11 -24.40 47.46
C THR B 345 7.90 -24.34 45.95
N ALA B 346 6.65 -24.52 45.54
CA ALA B 346 6.30 -24.53 44.12
C ALA B 346 5.03 -23.71 43.90
N THR B 347 5.16 -22.55 43.27
CA THR B 347 4.03 -21.72 42.90
C THR B 347 3.77 -21.90 41.41
N LEU B 348 2.53 -22.24 41.06
CA LEU B 348 2.18 -22.63 39.70
C LEU B 348 1.10 -21.69 39.18
N PHE B 349 1.43 -20.88 38.17
CA PHE B 349 0.49 -19.93 37.59
C PHE B 349 -0.25 -20.56 36.42
N THR B 350 -1.57 -20.71 36.57
CA THR B 350 -2.46 -21.19 35.50
C THR B 350 -1.89 -22.43 34.80
N THR B 351 -1.40 -23.36 35.60
CA THR B 351 -0.79 -24.58 35.09
C THR B 351 -1.83 -25.68 34.95
N LEU B 352 -1.80 -26.38 33.82
CA LEU B 352 -2.72 -27.46 33.54
C LEU B 352 -2.02 -28.80 33.75
N LEU B 353 -2.48 -29.56 34.75
CA LEU B 353 -2.07 -30.94 34.95
C LEU B 353 -3.15 -31.93 34.59
N ASP B 354 -4.42 -31.58 34.77
CA ASP B 354 -5.55 -32.38 34.32
C ASP B 354 -6.13 -31.68 33.09
N PHE B 355 -6.05 -32.34 31.94
CA PHE B 355 -6.47 -31.75 30.67
C PHE B 355 -7.87 -32.17 30.27
N SER B 356 -8.74 -32.41 31.25
CA SER B 356 -10.12 -32.79 30.95
C SER B 356 -10.95 -31.60 30.49
N GLN B 357 -10.52 -30.37 30.81
CA GLN B 357 -11.23 -29.15 30.45
C GLN B 357 -10.29 -28.27 29.65
N PRO B 358 -10.08 -28.58 28.37
CA PRO B 358 -9.13 -27.80 27.55
C PRO B 358 -9.66 -26.44 27.13
N GLY B 359 -10.91 -26.12 27.41
CA GLY B 359 -11.45 -24.83 27.00
C GLY B 359 -11.70 -24.78 25.50
N GLU B 360 -11.47 -23.61 24.91
CA GLU B 360 -11.69 -23.44 23.49
C GLU B 360 -10.66 -24.19 22.65
N LEU B 361 -9.54 -24.59 23.24
CA LEU B 361 -8.52 -25.34 22.53
C LEU B 361 -8.91 -26.80 22.29
N GLY B 362 -10.02 -27.26 22.87
CA GLY B 362 -10.49 -28.61 22.65
C GLY B 362 -10.95 -28.89 21.24
N ILE B 363 -11.11 -27.85 20.41
CA ILE B 363 -11.52 -28.06 19.03
C ILE B 363 -10.43 -28.78 18.24
N PHE B 364 -9.18 -28.63 18.66
CA PHE B 364 -8.06 -29.31 18.01
C PHE B 364 -7.79 -30.70 18.55
N ILE B 365 -8.36 -31.05 19.71
CA ILE B 365 -8.03 -32.31 20.38
C ILE B 365 -9.00 -33.35 19.83
N HIS B 366 -8.66 -33.87 18.65
CA HIS B 366 -9.40 -34.95 18.02
C HIS B 366 -8.43 -35.81 17.24
N GLU B 367 -8.75 -37.12 17.17
CA GLU B 367 -7.83 -38.07 16.56
C GLU B 367 -7.43 -37.71 15.13
N PRO B 368 -8.35 -37.36 14.23
CA PRO B 368 -7.90 -36.98 12.87
C PRO B 368 -7.09 -35.70 12.85
N ILE B 369 -7.39 -34.74 13.72
CA ILE B 369 -6.66 -33.48 13.72
C ILE B 369 -5.28 -33.65 14.33
N ILE B 370 -5.19 -34.35 15.46
CA ILE B 370 -3.90 -34.56 16.10
C ILE B 370 -2.99 -35.41 15.25
N ALA B 371 -3.53 -36.43 14.59
CA ALA B 371 -2.72 -37.25 13.69
C ALA B 371 -2.19 -36.42 12.53
N ALA B 372 -3.02 -35.50 12.02
CA ALA B 372 -2.57 -34.62 10.94
C ALA B 372 -1.47 -33.67 11.41
N LEU B 373 -1.62 -33.11 12.61
CA LEU B 373 -0.63 -32.19 13.14
C LEU B 373 0.68 -32.91 13.44
N GLU B 374 0.60 -34.17 13.89
CA GLU B 374 1.82 -34.94 14.15
C GLU B 374 2.61 -35.17 12.86
N ALA B 375 1.90 -35.40 11.76
CA ALA B 375 2.57 -35.56 10.47
C ALA B 375 3.21 -34.26 10.00
N GLN B 376 2.53 -33.14 10.25
CA GLN B 376 3.07 -31.84 9.81
C GLN B 376 4.35 -31.56 10.60
N ASN B 377 4.28 -31.78 11.91
CA ASN B 377 5.45 -31.44 12.76
C ASN B 377 6.63 -32.28 12.29
N GLU B 378 6.44 -33.59 12.14
CA GLU B 378 7.56 -34.44 11.75
C GLU B 378 8.09 -34.07 10.38
N ALA B 379 7.23 -33.55 9.49
CA ALA B 379 7.69 -33.15 8.17
C ALA B 379 8.52 -31.87 8.22
N LYS B 380 7.94 -30.81 8.80
CA LYS B 380 8.65 -29.54 8.90
C LYS B 380 9.69 -29.52 10.00
N GLY B 381 9.69 -30.51 10.87
CA GLY B 381 10.66 -30.55 11.97
C GLY B 381 10.19 -29.90 13.26
N ILE B 382 9.59 -28.71 13.15
CA ILE B 382 9.09 -27.97 14.29
C ILE B 382 7.74 -27.37 13.95
N MET B 383 6.99 -27.03 15.00
CA MET B 383 5.72 -26.33 14.83
C MET B 383 5.99 -24.84 14.69
N ASP B 384 5.64 -24.29 13.52
CA ASP B 384 5.91 -22.89 13.24
C ASP B 384 5.04 -22.01 14.13
N GLY B 385 5.67 -21.13 14.92
CA GLY B 385 4.92 -20.25 15.80
C GLY B 385 4.02 -19.28 15.06
N ARG B 386 4.39 -18.90 13.84
CA ARG B 386 3.52 -18.06 13.03
C ARG B 386 2.23 -18.78 12.68
N GLN B 387 2.27 -20.11 12.58
CA GLN B 387 1.04 -20.88 12.43
C GLN B 387 0.27 -20.94 13.74
N LEU B 388 0.99 -21.03 14.87
CA LEU B 388 0.34 -21.02 16.17
C LEU B 388 -0.26 -19.66 16.50
N ALA B 389 0.33 -18.58 15.98
CA ALA B 389 -0.18 -17.25 16.29
C ALA B 389 -1.57 -17.03 15.72
N VAL B 390 -1.91 -17.69 14.61
CA VAL B 390 -3.26 -17.61 14.07
C VAL B 390 -4.15 -18.71 14.62
N SER B 391 -3.58 -19.69 15.33
CA SER B 391 -4.36 -20.80 15.87
C SER B 391 -5.16 -20.39 17.10
N PHE B 392 -4.51 -19.67 18.03
CA PHE B 392 -5.19 -19.19 19.23
C PHE B 392 -4.42 -17.99 19.75
N SER B 393 -5.05 -17.26 20.66
CA SER B 393 -4.47 -16.05 21.23
C SER B 393 -4.31 -16.25 22.74
N LEU B 394 -3.08 -16.06 23.23
CA LEU B 394 -2.83 -16.13 24.66
C LEU B 394 -3.28 -14.88 25.40
N LEU B 395 -3.52 -13.79 24.67
CA LEU B 395 -3.94 -12.51 25.25
C LEU B 395 -5.37 -12.23 24.79
N ARG B 396 -6.35 -12.53 25.64
CA ARG B 396 -7.74 -12.20 25.39
C ARG B 396 -8.36 -11.69 26.69
N GLU B 397 -7.97 -10.48 27.09
CA GLU B 397 -8.52 -9.85 28.27
C GLU B 397 -9.83 -9.14 27.92
N ASN B 398 -10.81 -9.24 28.80
CA ASN B 398 -12.05 -8.50 28.63
C ASN B 398 -11.79 -7.02 28.86
N SER B 399 -12.18 -6.19 27.88
CA SER B 399 -11.97 -4.75 27.92
C SER B 399 -10.48 -4.40 28.03
N LEU B 400 -9.69 -4.95 27.10
CA LEU B 400 -8.29 -4.56 26.98
C LEU B 400 -8.16 -3.08 26.66
N TYR B 401 -9.07 -2.56 25.83
CA TYR B 401 -9.05 -1.15 25.46
C TYR B 401 -9.35 -0.26 26.64
N TRP B 402 -10.28 -0.67 27.50
CA TRP B 402 -10.70 0.21 28.61
C TRP B 402 -9.71 0.18 29.76
N ASN B 403 -9.21 -1.01 30.13
CA ASN B 403 -8.41 -1.14 31.34
C ASN B 403 -6.91 -1.04 31.08
N TYR B 404 -6.44 -1.32 29.87
CA TYR B 404 -5.01 -1.32 29.58
C TYR B 404 -4.61 -0.35 28.47
N TYR B 405 -5.55 0.40 27.90
CA TYR B 405 -5.23 1.51 27.01
C TYR B 405 -5.75 2.83 27.53
N ILE B 406 -7.04 2.91 27.86
CA ILE B 406 -7.60 4.14 28.41
C ILE B 406 -7.08 4.36 29.83
N ASP B 407 -7.24 3.35 30.70
CA ASP B 407 -6.79 3.49 32.08
C ASP B 407 -5.28 3.65 32.16
N SER B 408 -4.54 2.91 31.34
CA SER B 408 -3.08 3.01 31.35
C SER B 408 -2.61 4.37 30.88
N TYR B 409 -3.37 5.02 30.00
CA TYR B 409 -3.01 6.37 29.56
C TYR B 409 -3.30 7.41 30.64
N LEU B 410 -4.43 7.29 31.33
CA LEU B 410 -4.79 8.25 32.36
C LEU B 410 -3.87 8.17 33.57
N LYS B 411 -3.10 7.09 33.71
CA LYS B 411 -2.13 6.97 34.78
C LYS B 411 -0.77 7.54 34.39
N GLY B 412 -0.67 8.22 33.24
CA GLY B 412 0.57 8.78 32.77
C GLY B 412 1.50 7.81 32.10
N GLN B 413 1.16 6.53 32.06
CA GLN B 413 2.04 5.50 31.52
C GLN B 413 1.91 5.42 30.01
N SER B 414 2.94 4.85 29.39
CA SER B 414 2.81 4.41 28.00
C SER B 414 1.83 3.24 27.94
N PRO B 415 0.91 3.24 26.95
CA PRO B 415 -0.15 2.23 26.92
C PRO B 415 0.35 0.79 27.06
N VAL B 416 -0.10 0.13 28.13
CA VAL B 416 0.31 -1.25 28.40
C VAL B 416 -0.21 -2.18 27.30
N ALA B 417 -1.35 -1.83 26.68
CA ALA B 417 -1.88 -2.65 25.60
C ALA B 417 -0.90 -2.72 24.43
N PHE B 418 -0.04 -1.71 24.27
CA PHE B 418 1.00 -1.78 23.24
C PHE B 418 2.02 -2.86 23.58
N ASP B 419 2.46 -2.89 24.85
CA ASP B 419 3.45 -3.88 25.27
C ASP B 419 2.86 -5.30 25.20
N LEU B 420 1.61 -5.46 25.63
CA LEU B 420 0.97 -6.77 25.62
C LEU B 420 0.82 -7.29 24.19
N LEU B 421 0.47 -6.41 23.25
CA LEU B 421 0.33 -6.84 21.86
C LEU B 421 1.67 -7.21 21.24
N HIS B 422 2.75 -6.53 21.63
CA HIS B 422 4.07 -6.88 21.11
C HIS B 422 4.52 -8.23 21.63
N TRP B 423 4.23 -8.53 22.90
CA TRP B 423 4.60 -9.82 23.45
C TRP B 423 3.77 -10.94 22.82
N ASN B 424 2.47 -10.68 22.61
CA ASN B 424 1.61 -11.69 22.01
C ASN B 424 2.04 -12.02 20.58
N SER B 425 2.58 -11.03 19.86
CA SER B 425 3.07 -11.21 18.51
C SER B 425 4.52 -11.67 18.45
N ASP B 426 5.20 -11.77 19.59
CA ASP B 426 6.56 -12.31 19.62
C ASP B 426 6.51 -13.84 19.72
N SER B 427 5.90 -14.44 18.72
CA SER B 427 5.65 -15.87 18.74
C SER B 427 6.96 -16.67 18.68
N THR B 428 6.90 -17.88 19.21
CA THR B 428 8.04 -18.79 19.23
C THR B 428 7.63 -20.16 18.71
N ASN B 429 8.60 -20.85 18.11
CA ASN B 429 8.37 -22.19 17.60
C ASN B 429 8.28 -23.20 18.75
N VAL B 430 7.92 -24.43 18.40
CA VAL B 430 7.91 -25.54 19.34
C VAL B 430 8.54 -26.73 18.65
N ALA B 431 9.37 -27.48 19.40
CA ALA B 431 10.02 -28.66 18.85
C ALA B 431 8.97 -29.66 18.36
N GLY B 432 9.32 -30.39 17.30
CA GLY B 432 8.36 -31.29 16.68
C GLY B 432 7.90 -32.39 17.61
N LYS B 433 8.84 -33.07 18.26
CA LYS B 433 8.49 -34.12 19.20
C LYS B 433 7.78 -33.57 20.44
N THR B 434 8.18 -32.37 20.88
CA THR B 434 7.56 -31.78 22.07
C THR B 434 6.09 -31.49 21.84
N HIS B 435 5.76 -30.87 20.72
CA HIS B 435 4.36 -30.47 20.48
C HIS B 435 3.51 -31.73 20.44
N ASN B 436 4.03 -32.76 19.77
CA ASN B 436 3.24 -34.01 19.61
C ASN B 436 2.98 -34.60 20.99
N SER B 437 4.03 -34.77 21.80
CA SER B 437 3.82 -35.27 23.15
C SER B 437 2.80 -34.42 23.90
N LEU B 438 2.88 -33.10 23.74
CA LEU B 438 1.94 -32.21 24.41
C LEU B 438 0.53 -32.40 23.88
N LEU B 439 0.40 -32.66 22.57
CA LEU B 439 -0.92 -32.84 21.98
C LEU B 439 -1.53 -34.17 22.37
N ARG B 440 -0.75 -35.25 22.34
CA ARG B 440 -1.26 -36.60 22.51
C ARG B 440 -1.16 -37.12 23.93
N ARG B 441 0.04 -37.08 24.52
CA ARG B 441 0.22 -37.67 25.84
C ARG B 441 -0.48 -36.87 26.93
N LEU B 442 -0.66 -35.56 26.73
CA LEU B 442 -1.26 -34.72 27.76
C LEU B 442 -2.68 -34.27 27.40
N TYR B 443 -2.86 -33.63 26.25
CA TYR B 443 -4.18 -33.10 25.91
C TYR B 443 -5.16 -34.20 25.51
N LEU B 444 -4.70 -35.17 24.71
CA LEU B 444 -5.60 -36.20 24.19
C LEU B 444 -5.76 -37.37 25.16
N GLU B 445 -4.65 -38.00 25.53
CA GLU B 445 -4.70 -39.19 26.37
C GLU B 445 -4.80 -38.86 27.86
N ASN B 446 -4.34 -37.68 28.28
CA ASN B 446 -4.34 -37.27 29.68
C ASN B 446 -3.62 -38.29 30.56
N GLN B 447 -2.36 -38.56 30.19
CA GLN B 447 -1.57 -39.58 30.87
C GLN B 447 -1.20 -39.16 32.29
N LEU B 448 -1.07 -37.86 32.55
CA LEU B 448 -0.58 -37.41 33.84
C LEU B 448 -1.55 -37.77 34.96
N VAL B 449 -2.85 -37.63 34.71
CA VAL B 449 -3.84 -37.97 35.72
C VAL B 449 -4.01 -39.47 35.83
N LYS B 450 -3.96 -40.19 34.71
CA LYS B 450 -4.08 -41.64 34.71
C LYS B 450 -2.81 -42.35 35.16
N GLY B 451 -1.78 -41.60 35.57
CA GLY B 451 -0.54 -42.24 36.00
C GLY B 451 0.20 -42.99 34.92
N GLU B 452 -0.09 -42.70 33.66
CA GLU B 452 0.56 -43.37 32.54
C GLU B 452 1.69 -42.56 31.93
N LEU B 453 1.89 -41.31 32.37
CA LEU B 453 2.92 -40.47 31.78
C LEU B 453 4.30 -40.91 32.24
N LYS B 454 5.23 -40.98 31.29
CA LYS B 454 6.61 -41.38 31.57
C LYS B 454 7.57 -40.34 31.02
N ILE B 455 8.47 -39.86 31.88
CA ILE B 455 9.49 -38.90 31.49
C ILE B 455 10.83 -39.62 31.54
N ARG B 456 11.38 -39.92 30.36
CA ARG B 456 12.61 -40.69 30.23
C ARG B 456 12.50 -42.02 30.97
N ASN B 457 11.46 -42.77 30.63
CA ASN B 457 11.24 -44.09 31.22
C ASN B 457 11.14 -43.99 32.74
N THR B 458 10.37 -43.00 33.22
CA THR B 458 10.09 -42.88 34.64
C THR B 458 8.62 -42.51 34.80
N ARG B 459 7.82 -43.44 35.34
CA ARG B 459 6.41 -43.16 35.53
C ARG B 459 6.25 -42.06 36.57
N ILE B 460 5.43 -41.07 36.25
CA ILE B 460 5.25 -39.88 37.08
C ILE B 460 4.02 -40.06 37.95
N ASP B 461 4.20 -39.87 39.25
CA ASP B 461 3.12 -39.89 40.23
C ASP B 461 3.28 -38.65 41.10
N LEU B 462 2.44 -37.64 40.86
CA LEU B 462 2.55 -36.40 41.61
C LEU B 462 2.22 -36.58 43.09
N GLY B 463 1.56 -37.68 43.45
CA GLY B 463 1.34 -37.97 44.86
C GLY B 463 2.62 -38.21 45.62
N LYS B 464 3.69 -38.63 44.94
CA LYS B 464 4.99 -38.80 45.57
C LYS B 464 5.69 -37.48 45.85
N VAL B 465 5.15 -36.37 45.38
CA VAL B 465 5.74 -35.06 45.61
C VAL B 465 5.18 -34.51 46.91
N LYS B 466 6.07 -34.22 47.86
CA LYS B 466 5.69 -33.63 49.14
C LYS B 466 6.00 -32.15 49.21
N THR B 467 6.40 -31.54 48.10
CA THR B 467 6.66 -30.11 48.09
C THR B 467 5.35 -29.35 48.21
N PRO B 468 5.25 -28.36 49.10
CA PRO B 468 4.02 -27.56 49.18
C PRO B 468 3.83 -26.77 47.88
N VAL B 469 2.63 -26.89 47.31
CA VAL B 469 2.31 -26.27 46.03
C VAL B 469 1.28 -25.19 46.25
N LEU B 470 1.42 -24.08 45.52
CA LEU B 470 0.45 -23.00 45.52
C LEU B 470 0.04 -22.75 44.07
N LEU B 471 -1.20 -23.05 43.74
CA LEU B 471 -1.72 -22.84 42.40
C LEU B 471 -2.46 -21.52 42.37
N VAL B 472 -1.99 -20.59 41.53
CA VAL B 472 -2.60 -19.29 41.35
C VAL B 472 -3.22 -19.28 39.96
N SER B 473 -4.55 -19.29 39.90
CA SER B 473 -5.27 -19.33 38.65
C SER B 473 -6.12 -18.08 38.50
N ALA B 474 -6.71 -17.92 37.32
CA ALA B 474 -7.52 -16.76 36.98
C ALA B 474 -8.92 -17.21 36.63
N VAL B 475 -9.92 -16.48 37.12
CA VAL B 475 -11.31 -16.87 36.88
C VAL B 475 -11.67 -16.74 35.41
N ASP B 476 -11.21 -15.67 34.76
CA ASP B 476 -11.54 -15.40 33.36
C ASP B 476 -10.53 -16.02 32.39
N ASP B 477 -9.75 -17.01 32.85
CA ASP B 477 -8.75 -17.63 32.01
C ASP B 477 -9.42 -18.47 30.91
N HIS B 478 -8.99 -18.25 29.67
CA HIS B 478 -9.51 -19.00 28.53
C HIS B 478 -8.55 -20.08 28.04
N ILE B 479 -7.30 -20.05 28.48
CA ILE B 479 -6.33 -21.07 28.09
C ILE B 479 -6.31 -22.21 29.09
N ALA B 480 -6.19 -21.89 30.38
CA ALA B 480 -6.18 -22.87 31.45
C ALA B 480 -7.35 -22.56 32.38
N LEU B 481 -8.47 -23.25 32.18
CA LEU B 481 -9.65 -23.04 33.00
C LEU B 481 -9.32 -23.30 34.47
N TRP B 482 -9.75 -22.37 35.33
CA TRP B 482 -9.38 -22.48 36.77
C TRP B 482 -9.89 -23.78 37.36
N GLN B 483 -11.11 -24.16 37.03
CA GLN B 483 -11.67 -25.43 37.55
C GLN B 483 -10.70 -26.56 37.20
N GLY B 484 -10.21 -26.60 35.97
CA GLY B 484 -9.27 -27.66 35.56
C GLY B 484 -7.99 -27.59 36.37
N THR B 485 -7.49 -26.38 36.60
CA THR B 485 -6.30 -26.23 37.43
C THR B 485 -6.57 -26.63 38.88
N TRP B 486 -7.81 -26.45 39.35
CA TRP B 486 -8.13 -26.85 40.72
C TRP B 486 -8.09 -28.36 40.87
N GLN B 487 -8.56 -29.09 39.86
CA GLN B 487 -8.57 -30.55 39.94
C GLN B 487 -7.16 -31.12 40.00
N GLY B 488 -6.23 -30.52 39.25
CA GLY B 488 -4.85 -30.98 39.27
C GLY B 488 -4.11 -30.68 40.55
N MET B 489 -4.63 -29.77 41.37
CA MET B 489 -3.98 -29.47 42.65
C MET B 489 -4.03 -30.66 43.58
N LYS B 490 -5.15 -31.39 43.59
CA LYS B 490 -5.30 -32.54 44.47
C LYS B 490 -4.37 -33.69 44.10
N LEU B 491 -3.72 -33.62 42.94
CA LEU B 491 -2.81 -34.69 42.53
C LEU B 491 -1.56 -34.74 43.41
N PHE B 492 -1.18 -33.61 44.00
CA PHE B 492 0.02 -33.54 44.81
C PHE B 492 -0.19 -34.22 46.16
N GLY B 493 0.89 -34.76 46.71
CA GLY B 493 0.87 -35.47 47.97
C GLY B 493 1.31 -34.66 49.18
N GLY B 494 1.51 -33.36 49.04
CA GLY B 494 1.90 -32.53 50.16
C GLY B 494 0.89 -31.44 50.45
N GLU B 495 1.35 -30.35 51.05
CA GLU B 495 0.47 -29.21 51.33
C GLU B 495 -0.07 -28.63 50.03
N GLN B 496 -1.34 -28.24 50.03
CA GLN B 496 -1.98 -27.69 48.86
C GLN B 496 -2.69 -26.39 49.22
N ARG B 497 -2.48 -25.36 48.40
CA ARG B 497 -3.16 -24.09 48.54
C ARG B 497 -3.57 -23.61 47.14
N PHE B 498 -4.68 -22.87 47.08
CA PHE B 498 -5.24 -22.41 45.81
C PHE B 498 -5.57 -20.93 45.89
N LEU B 499 -5.28 -20.21 44.81
CA LEU B 499 -5.62 -18.79 44.68
C LEU B 499 -6.31 -18.58 43.35
N LEU B 500 -7.32 -17.71 43.35
CA LEU B 500 -8.12 -17.43 42.16
C LEU B 500 -8.07 -15.93 41.87
N ALA B 501 -7.36 -15.56 40.80
CA ALA B 501 -7.24 -14.17 40.39
C ALA B 501 -8.52 -13.69 39.71
N GLU B 502 -8.69 -12.37 39.70
CA GLU B 502 -9.95 -11.78 39.24
C GLU B 502 -10.01 -11.52 37.75
N SER B 503 -8.87 -11.31 37.09
CA SER B 503 -8.88 -11.00 35.68
C SER B 503 -8.59 -12.26 34.86
N GLY B 504 -8.07 -12.08 33.65
CA GLY B 504 -7.85 -13.17 32.73
C GLY B 504 -6.48 -13.82 32.85
N HIS B 505 -6.12 -14.55 31.79
CA HIS B 505 -4.91 -15.38 31.80
C HIS B 505 -3.65 -14.56 32.01
N ILE B 506 -3.62 -13.31 31.54
CA ILE B 506 -2.44 -12.48 31.60
C ILE B 506 -2.62 -11.32 32.57
N ALA B 507 -3.79 -10.69 32.58
CA ALA B 507 -4.01 -9.53 33.44
C ALA B 507 -4.10 -9.92 34.91
N GLY B 508 -4.76 -11.05 35.19
CA GLY B 508 -4.91 -11.49 36.57
C GLY B 508 -3.65 -12.02 37.20
N ILE B 509 -2.65 -12.37 36.40
CA ILE B 509 -1.38 -12.87 36.91
C ILE B 509 -0.37 -11.75 37.08
N ILE B 510 -0.27 -10.89 36.07
CA ILE B 510 0.66 -9.74 36.19
C ILE B 510 -0.09 -8.55 36.81
N ASN B 511 -0.31 -8.59 38.13
CA ASN B 511 -0.98 -7.47 38.85
C ASN B 511 -0.05 -7.02 39.97
N PRO B 512 0.86 -6.04 39.75
CA PRO B 512 1.80 -5.63 40.79
C PRO B 512 1.02 -5.01 41.94
N PRO B 513 1.57 -5.00 43.16
CA PRO B 513 0.86 -4.45 44.32
C PRO B 513 0.51 -2.96 44.16
N ALA B 514 1.33 -2.19 43.46
CA ALA B 514 1.10 -0.72 43.34
C ALA B 514 -0.16 -0.43 42.54
N ALA B 515 -0.44 -1.22 41.52
CA ALA B 515 -1.59 -0.92 40.63
C ALA B 515 -2.89 -0.88 41.44
N ASN B 516 -3.05 -1.79 42.39
CA ASN B 516 -4.32 -1.87 43.17
C ASN B 516 -5.47 -1.89 42.16
N LYS B 517 -5.50 -2.88 41.27
CA LYS B 517 -6.50 -2.87 40.21
C LYS B 517 -7.47 -4.04 40.22
N TYR B 518 -7.11 -5.16 40.84
CA TYR B 518 -7.97 -6.33 40.86
C TYR B 518 -7.94 -6.93 42.27
N GLY B 519 -8.40 -8.18 42.38
CA GLY B 519 -8.38 -8.87 43.66
C GLY B 519 -8.20 -10.37 43.49
N PHE B 520 -8.49 -11.14 44.54
CA PHE B 520 -8.33 -12.58 44.46
C PHE B 520 -9.15 -13.24 45.57
N TRP B 521 -9.36 -14.54 45.42
CA TRP B 521 -10.08 -15.34 46.39
C TRP B 521 -9.12 -16.35 47.00
N HIS B 522 -9.12 -16.46 48.32
CA HIS B 522 -8.29 -17.42 49.03
C HIS B 522 -9.15 -18.25 49.96
N ASN B 523 -8.76 -19.51 50.15
CA ASN B 523 -9.48 -20.43 51.01
C ASN B 523 -8.50 -21.47 51.52
N GLY B 524 -8.26 -21.46 52.84
CA GLY B 524 -7.33 -22.41 53.43
C GLY B 524 -7.89 -23.79 53.65
N ALA B 525 -9.21 -23.91 53.73
CA ALA B 525 -9.84 -25.20 53.97
C ALA B 525 -9.91 -26.02 52.68
N GLU B 526 -10.03 -27.33 52.86
CA GLU B 526 -10.15 -28.25 51.73
C GLU B 526 -11.61 -28.38 51.32
N ALA B 527 -11.84 -28.52 50.01
CA ALA B 527 -13.17 -28.72 49.47
C ALA B 527 -13.16 -29.92 48.53
N GLU B 528 -14.35 -30.40 48.21
CA GLU B 528 -14.50 -31.56 47.34
C GLU B 528 -14.74 -31.19 45.87
N SER B 529 -14.93 -29.91 45.57
CA SER B 529 -15.20 -29.46 44.21
C SER B 529 -14.79 -28.01 44.10
N PRO B 530 -14.40 -27.55 42.90
CA PRO B 530 -14.07 -26.12 42.74
C PRO B 530 -15.20 -25.20 43.15
N GLU B 531 -16.44 -25.57 42.89
CA GLU B 531 -17.56 -24.73 43.30
C GLU B 531 -17.64 -24.63 44.82
N SER B 532 -17.38 -25.73 45.51
CA SER B 532 -17.36 -25.71 46.97
C SER B 532 -16.20 -24.87 47.49
N TRP B 533 -15.05 -24.94 46.83
CA TRP B 533 -13.90 -24.13 47.24
C TRP B 533 -14.21 -22.65 47.14
N LEU B 534 -14.74 -22.21 46.01
CA LEU B 534 -15.06 -20.80 45.82
C LEU B 534 -16.17 -20.35 46.75
N ALA B 535 -17.11 -21.24 47.07
CA ALA B 535 -18.20 -20.87 47.97
C ALA B 535 -17.69 -20.54 49.36
N GLY B 536 -16.65 -21.23 49.81
CA GLY B 536 -16.06 -20.96 51.09
C GLY B 536 -14.89 -20.01 51.05
N ALA B 537 -14.55 -19.48 49.88
CA ALA B 537 -13.40 -18.60 49.74
C ALA B 537 -13.76 -17.18 50.15
N THR B 538 -12.75 -16.45 50.63
CA THR B 538 -12.90 -15.06 51.04
C THR B 538 -12.17 -14.18 50.03
N HIS B 539 -12.82 -13.10 49.60
CA HIS B 539 -12.23 -12.19 48.64
C HIS B 539 -11.36 -11.14 49.32
N GLN B 540 -10.20 -10.88 48.73
CA GLN B 540 -9.30 -9.83 49.19
C GLN B 540 -8.94 -8.96 48.01
N GLY B 541 -9.09 -7.65 48.18
CA GLY B 541 -8.73 -6.72 47.13
C GLY B 541 -7.24 -6.56 46.99
N GLY B 542 -6.83 -6.01 45.84
CA GLY B 542 -5.43 -5.81 45.57
C GLY B 542 -4.77 -7.00 44.92
N SER B 543 -3.44 -6.95 44.91
CA SER B 543 -2.63 -7.99 44.30
C SER B 543 -2.46 -9.19 45.23
N TRP B 544 -2.27 -10.36 44.63
CA TRP B 544 -1.97 -11.57 45.38
C TRP B 544 -0.47 -11.85 45.48
N TRP B 545 0.36 -11.00 44.89
CA TRP B 545 1.81 -11.21 44.97
C TRP B 545 2.33 -11.23 46.40
N PRO B 546 1.90 -10.35 47.31
CA PRO B 546 2.33 -10.51 48.72
C PRO B 546 1.90 -11.82 49.34
N GLU B 547 0.74 -12.35 48.95
CA GLU B 547 0.31 -13.65 49.45
C GLU B 547 1.23 -14.77 48.97
N MET B 548 1.68 -14.69 47.72
CA MET B 548 2.66 -15.67 47.24
C MET B 548 3.98 -15.51 47.98
N MET B 549 4.41 -14.27 48.20
CA MET B 549 5.64 -14.02 48.94
C MET B 549 5.53 -14.54 50.37
N GLY B 550 4.34 -14.41 50.98
CA GLY B 550 4.12 -14.99 52.29
C GLY B 550 4.14 -16.51 52.24
N PHE B 551 3.61 -17.09 51.16
CA PHE B 551 3.64 -18.54 51.02
C PHE B 551 5.07 -19.08 50.94
N ILE B 552 5.99 -18.31 50.35
CA ILE B 552 7.36 -18.77 50.19
C ILE B 552 8.13 -18.62 51.49
N GLN B 553 8.02 -17.45 52.13
CA GLN B 553 8.84 -17.14 53.30
C GLN B 553 8.31 -17.71 54.60
N ASN B 554 7.06 -18.20 54.62
CA ASN B 554 6.52 -18.84 55.82
C ASN B 554 6.88 -20.32 55.90
N ARG B 555 7.51 -20.88 54.86
CA ARG B 555 7.92 -22.27 54.85
C ARG B 555 9.42 -22.45 54.89
N ASP B 556 10.19 -21.53 54.32
CA ASP B 556 11.64 -21.56 54.48
C ASP B 556 12.04 -21.26 55.92
N GLU B 557 11.27 -20.41 56.60
CA GLU B 557 11.53 -20.07 57.99
C GLU B 557 11.12 -21.22 58.92
N SER B 559 15.14 -19.60 58.22
CA SER B 559 16.43 -19.49 57.56
C SER B 559 16.99 -18.07 57.68
N GLU B 560 18.24 -17.99 58.11
CA GLU B 560 18.88 -16.69 58.31
C GLU B 560 19.16 -16.01 56.98
N PRO B 561 18.89 -14.71 56.86
CA PRO B 561 19.21 -14.00 55.62
C PRO B 561 20.69 -14.08 55.29
N VAL B 562 20.98 -14.18 53.99
CA VAL B 562 22.33 -14.37 53.47
C VAL B 562 22.72 -13.11 52.70
N PRO B 563 23.99 -12.70 52.70
CA PRO B 563 24.38 -11.51 51.92
C PRO B 563 24.02 -11.65 50.45
N ALA B 564 23.73 -10.50 49.83
CA ALA B 564 23.22 -10.46 48.47
C ALA B 564 24.18 -11.11 47.48
N ARG B 565 23.66 -12.08 46.73
CA ARG B 565 24.45 -12.79 45.73
C ARG B 565 24.57 -11.92 44.49
N VAL B 566 25.78 -11.43 44.22
CA VAL B 566 26.03 -10.66 43.00
C VAL B 566 26.31 -11.63 41.85
N PRO B 567 25.58 -11.53 40.74
CA PRO B 567 25.79 -12.48 39.66
C PRO B 567 27.19 -12.36 39.06
N GLU B 568 27.75 -13.50 38.68
CA GLU B 568 29.02 -13.50 37.97
C GLU B 568 28.83 -12.91 36.57
N GLU B 569 29.95 -12.59 35.91
CA GLU B 569 29.86 -11.96 34.60
C GLU B 569 29.17 -12.87 33.59
N GLY B 570 29.45 -14.17 33.64
CA GLY B 570 28.74 -15.08 32.76
C GLY B 570 29.07 -14.87 31.29
N LEU B 571 28.12 -15.21 30.43
CA LEU B 571 28.33 -15.22 28.99
C LEU B 571 27.67 -14.05 28.25
N ALA B 572 26.70 -13.37 28.85
CA ALA B 572 25.92 -12.37 28.12
C ALA B 572 25.29 -11.41 29.12
N PRO B 573 24.82 -10.24 28.65
CA PRO B 573 24.08 -9.33 29.54
C PRO B 573 22.71 -9.84 29.94
N ALA B 574 21.93 -8.97 30.59
CA ALA B 574 20.71 -9.42 31.28
C ALA B 574 19.72 -10.12 30.36
N PRO B 575 19.19 -9.47 29.30
CA PRO B 575 18.09 -10.12 28.56
C PRO B 575 18.52 -11.40 27.85
N GLY B 576 19.78 -11.51 27.46
CA GLY B 576 20.25 -12.68 26.74
C GLY B 576 20.01 -12.57 25.25
N HIS B 577 20.35 -13.68 24.56
CA HIS B 577 20.22 -13.74 23.12
C HIS B 577 19.07 -14.62 22.63
N TYR B 578 18.68 -15.63 23.40
CA TYR B 578 17.60 -16.51 22.96
C TYR B 578 16.27 -15.79 22.89
N VAL B 579 16.04 -14.83 23.80
CA VAL B 579 14.76 -14.14 23.82
C VAL B 579 14.64 -13.12 22.68
N LYS B 580 15.76 -12.70 22.10
CA LYS B 580 15.72 -11.72 21.02
C LYS B 580 15.50 -12.35 19.66
N VAL B 581 15.52 -13.67 19.56
CA VAL B 581 15.32 -14.35 18.28
C VAL B 581 13.84 -14.32 17.94
N ARG B 582 13.49 -13.61 16.87
CA ARG B 582 12.11 -13.45 16.45
C ARG B 582 11.85 -14.29 15.20
N LEU B 583 10.62 -14.79 15.08
CA LEU B 583 10.25 -15.54 13.88
C LEU B 583 10.17 -14.62 12.68
N ASN B 584 9.64 -13.41 12.86
CA ASN B 584 9.62 -12.34 11.87
C ASN B 584 10.60 -11.29 12.32
N PRO B 585 11.79 -11.19 11.71
CA PRO B 585 12.81 -10.29 12.25
C PRO B 585 12.41 -8.84 12.09
N VAL B 586 12.83 -8.04 13.05
CA VAL B 586 12.46 -6.63 13.13
C VAL B 586 13.66 -5.75 12.88
N GLY C 9 -33.53 -6.13 5.19
CA GLY C 9 -33.49 -7.16 4.17
C GLY C 9 -33.30 -6.64 2.77
N PRO C 10 -34.22 -5.79 2.30
CA PRO C 10 -33.99 -5.11 1.01
C PRO C 10 -32.75 -4.23 1.05
N LEU C 11 -32.42 -3.70 2.23
CA LEU C 11 -31.22 -2.89 2.38
C LEU C 11 -29.97 -3.69 2.04
N PHE C 12 -29.93 -4.96 2.43
CA PHE C 12 -28.81 -5.83 2.08
C PHE C 12 -28.70 -5.97 0.56
N GLU C 13 -29.84 -6.09 -0.10
CA GLU C 13 -29.85 -6.27 -1.56
C GLU C 13 -29.36 -5.02 -2.28
N ALA C 14 -29.76 -3.83 -1.80
CA ALA C 14 -29.25 -2.60 -2.40
C ALA C 14 -27.76 -2.45 -2.17
N LEU C 15 -27.29 -2.83 -0.98
CA LEU C 15 -25.85 -2.81 -0.71
C LEU C 15 -25.11 -3.78 -1.63
N ALA C 16 -25.70 -4.94 -1.90
CA ALA C 16 -25.09 -5.88 -2.83
C ALA C 16 -25.02 -5.29 -4.24
N HIS C 17 -26.04 -4.54 -4.63
CA HIS C 17 -26.04 -3.89 -5.94
C HIS C 17 -24.90 -2.89 -6.04
N TYR C 18 -24.67 -2.11 -4.98
CA TYR C 18 -23.56 -1.16 -4.98
C TYR C 18 -22.21 -1.88 -4.97
N ASN C 19 -22.11 -2.98 -4.22
CA ASN C 19 -20.83 -3.69 -4.15
C ASN C 19 -20.47 -4.32 -5.50
N ASP C 20 -21.46 -4.82 -6.23
CA ASP C 20 -21.19 -5.34 -7.57
C ASP C 20 -20.87 -4.22 -8.55
N LYS C 21 -21.50 -3.06 -8.39
CA LYS C 21 -21.17 -1.93 -9.24
C LYS C 21 -19.77 -1.39 -8.96
N LEU C 22 -19.33 -1.47 -7.70
CA LEU C 22 -17.96 -1.08 -7.38
C LEU C 22 -16.94 -2.08 -7.92
N LEU C 23 -17.28 -3.37 -7.86
CA LEU C 23 -16.38 -4.39 -8.38
C LEU C 23 -16.21 -4.26 -9.88
N ALA C 24 -17.28 -3.93 -10.60
CA ALA C 24 -17.17 -3.73 -12.04
C ALA C 24 -16.31 -2.51 -12.35
N MET C 25 -16.42 -1.45 -11.56
CA MET C 25 -15.57 -0.28 -11.75
C MET C 25 -14.13 -0.60 -11.42
N ALA C 26 -13.90 -1.43 -10.39
CA ALA C 26 -12.54 -1.83 -10.05
C ALA C 26 -11.88 -2.62 -11.17
N LYS C 27 -12.62 -3.54 -11.79
CA LYS C 27 -12.10 -4.26 -12.94
C LYS C 27 -11.81 -3.32 -14.10
N ALA C 28 -12.68 -2.32 -14.30
CA ALA C 28 -12.46 -1.36 -15.39
C ALA C 28 -11.20 -0.53 -15.14
N GLN C 29 -10.92 -0.19 -13.89
CA GLN C 29 -9.72 0.58 -13.59
C GLN C 29 -8.45 -0.27 -13.75
N THR C 30 -8.52 -1.55 -13.41
CA THR C 30 -7.36 -2.42 -13.58
C THR C 30 -7.07 -2.64 -15.06
N GLU C 31 -8.10 -2.78 -15.88
CA GLU C 31 -7.88 -2.92 -17.32
C GLU C 31 -7.31 -1.66 -17.93
N ARG C 32 -7.75 -0.49 -17.46
CA ARG C 32 -7.22 0.78 -17.98
C ARG C 32 -5.76 0.97 -17.60
N THR C 33 -5.37 0.58 -16.39
CA THR C 33 -3.96 0.68 -16.01
C THR C 33 -3.12 -0.33 -16.77
N ALA C 34 -3.67 -1.49 -17.10
CA ALA C 34 -2.93 -2.46 -17.91
C ALA C 34 -2.75 -1.96 -19.33
N GLN C 35 -3.79 -1.33 -19.90
CA GLN C 35 -3.67 -0.75 -21.23
C GLN C 35 -2.77 0.47 -21.22
N ALA C 36 -2.69 1.16 -20.07
CA ALA C 36 -1.84 2.34 -19.95
C ALA C 36 -0.37 1.98 -20.09
N LEU C 37 0.02 0.77 -19.68
CA LEU C 37 1.41 0.35 -19.80
C LEU C 37 1.84 0.22 -21.25
N LEU C 38 0.90 0.01 -22.18
CA LEU C 38 1.26 -0.12 -23.59
C LEU C 38 1.60 1.23 -24.19
N GLN C 39 0.82 2.26 -23.88
CA GLN C 39 1.01 3.60 -24.42
C GLN C 39 1.68 4.46 -23.35
N THR C 40 3.00 4.47 -23.34
CA THR C 40 3.75 5.27 -22.37
C THR C 40 5.06 5.69 -23.03
N ASN C 41 5.09 6.92 -23.55
CA ASN C 41 6.31 7.43 -24.16
C ASN C 41 7.32 7.80 -23.08
N LEU C 42 8.60 7.81 -23.47
CA LEU C 42 9.67 8.05 -22.50
C LEU C 42 9.67 9.48 -21.99
N ASP C 43 9.27 10.44 -22.82
CA ASP C 43 9.47 11.85 -22.52
C ASP C 43 8.34 12.49 -21.74
N ASP C 44 7.19 11.83 -21.62
CA ASP C 44 6.06 12.36 -20.87
C ASP C 44 5.68 11.41 -19.75
N LEU C 45 4.96 11.95 -18.77
CA LEU C 45 4.51 11.15 -17.62
C LEU C 45 3.17 10.50 -17.93
N GLN C 55 -10.64 9.60 -6.72
CA GLN C 55 -10.67 8.79 -5.50
C GLN C 55 -10.46 7.31 -5.85
N PRO C 56 -9.68 6.61 -5.03
CA PRO C 56 -9.49 5.18 -5.27
C PRO C 56 -10.74 4.38 -4.90
N TRP C 57 -10.95 3.29 -5.64
CA TRP C 57 -12.08 2.43 -5.33
C TRP C 57 -11.95 1.76 -3.97
N GLN C 58 -10.72 1.63 -3.45
CA GLN C 58 -10.52 1.05 -2.13
C GLN C 58 -11.10 1.93 -1.04
N LEU C 59 -11.09 3.25 -1.24
CA LEU C 59 -11.68 4.16 -0.25
C LEU C 59 -13.19 3.97 -0.17
N ILE C 60 -13.85 3.80 -1.32
CA ILE C 60 -15.29 3.54 -1.31
C ILE C 60 -15.55 2.12 -0.82
N GLN C 61 -14.68 1.17 -1.17
CA GLN C 61 -14.82 -0.19 -0.65
C GLN C 61 -14.72 -0.19 0.87
N ALA C 62 -13.86 0.64 1.43
CA ALA C 62 -13.79 0.79 2.88
C ALA C 62 -15.12 1.27 3.45
N GLN C 63 -15.83 2.14 2.70
CA GLN C 63 -17.12 2.62 3.16
C GLN C 63 -18.18 1.53 3.07
N MET C 64 -18.21 0.80 1.95
CA MET C 64 -19.18 -0.27 1.80
C MET C 64 -18.95 -1.39 2.81
N ASN C 65 -17.71 -1.63 3.19
CA ASN C 65 -17.42 -2.64 4.21
C ASN C 65 -18.05 -2.26 5.54
N TRP C 66 -18.03 -0.97 5.88
CA TRP C 66 -18.64 -0.52 7.12
C TRP C 66 -20.16 -0.67 7.08
N TRP C 67 -20.79 -0.29 5.97
CA TRP C 67 -22.24 -0.32 5.88
C TRP C 67 -22.78 -1.75 5.96
N GLN C 68 -22.16 -2.70 5.26
CA GLN C 68 -22.67 -4.06 5.24
C GLN C 68 -22.44 -4.77 6.56
N ASP C 69 -21.22 -4.66 7.11
CA ASP C 69 -20.90 -5.36 8.34
C ASP C 69 -21.72 -4.84 9.52
N GLN C 70 -21.96 -3.52 9.56
CA GLN C 70 -22.76 -2.95 10.65
C GLN C 70 -24.18 -3.46 10.60
N LEU C 71 -24.73 -3.63 9.39
CA LEU C 71 -26.08 -4.18 9.25
C LEU C 71 -26.11 -5.63 9.74
N LYS C 72 -25.04 -6.38 9.47
CA LYS C 72 -24.94 -7.74 9.97
C LYS C 72 -24.92 -7.77 11.49
N LEU C 73 -24.17 -6.85 12.10
CA LEU C 73 -24.12 -6.77 13.56
C LEU C 73 -25.47 -6.42 14.15
N MET C 74 -26.21 -5.51 13.50
CA MET C 74 -27.55 -5.17 13.97
C MET C 74 -28.49 -6.35 13.86
N GLN C 75 -28.38 -7.12 12.78
CA GLN C 75 -29.23 -8.30 12.61
C GLN C 75 -28.92 -9.34 13.68
N HIS C 76 -27.66 -9.46 14.07
CA HIS C 76 -27.31 -10.41 15.14
C HIS C 76 -28.02 -10.05 16.43
N THR C 77 -28.04 -8.76 16.78
CA THR C 77 -28.74 -8.28 17.96
C THR C 77 -30.25 -8.15 17.71
N GLN C 107 -22.31 -7.37 29.49
CA GLN C 107 -23.64 -6.86 29.22
C GLN C 107 -23.92 -6.89 27.73
N PRO C 108 -25.17 -7.19 27.35
CA PRO C 108 -25.49 -7.27 25.91
C PRO C 108 -25.32 -5.98 25.13
N ILE C 109 -25.70 -4.84 25.69
CA ILE C 109 -25.52 -3.57 24.98
C ILE C 109 -24.05 -3.26 24.79
N TYR C 110 -23.23 -3.53 25.81
CA TYR C 110 -21.80 -3.27 25.69
C TYR C 110 -21.17 -4.13 24.60
N ASP C 111 -21.67 -5.36 24.42
CA ASP C 111 -21.15 -6.22 23.36
C ASP C 111 -21.37 -5.61 21.99
N TYR C 112 -22.58 -5.08 21.74
CA TYR C 112 -22.85 -4.42 20.46
C TYR C 112 -21.99 -3.18 20.29
N LEU C 113 -21.81 -2.40 21.36
CA LEU C 113 -21.01 -1.18 21.27
C LEU C 113 -19.54 -1.51 20.96
N LYS C 114 -18.98 -2.52 21.62
CA LYS C 114 -17.58 -2.88 21.38
C LYS C 114 -17.38 -3.37 19.95
N GLN C 115 -18.29 -4.22 19.45
CA GLN C 115 -18.16 -4.70 18.08
C GLN C 115 -18.40 -3.60 17.07
N SER C 116 -19.29 -2.65 17.39
CA SER C 116 -19.50 -1.50 16.51
C SER C 116 -18.26 -0.61 16.49
N TYR C 117 -17.59 -0.45 17.63
CA TYR C 117 -16.35 0.31 17.68
C TYR C 117 -15.25 -0.37 16.89
N LEU C 118 -15.29 -1.70 16.81
CA LEU C 118 -14.31 -2.43 16.00
C LEU C 118 -14.52 -2.16 14.52
N LEU C 119 -15.78 -2.02 14.09
CA LEU C 119 -16.04 -1.72 12.68
C LEU C 119 -15.62 -0.31 12.33
N THR C 120 -15.82 0.63 13.25
CA THR C 120 -15.34 2.00 13.03
C THR C 120 -13.82 2.02 12.96
N ALA C 121 -13.15 1.17 13.74
CA ALA C 121 -11.69 1.09 13.68
C ALA C 121 -11.22 0.56 12.34
N ARG C 122 -11.90 -0.47 11.81
CA ARG C 122 -11.56 -0.95 10.48
C ARG C 122 -11.83 0.09 9.41
N HIS C 123 -12.89 0.88 9.58
CA HIS C 123 -13.20 1.92 8.61
C HIS C 123 -12.14 3.01 8.63
N LEU C 124 -11.66 3.38 9.82
CA LEU C 124 -10.60 4.39 9.91
C LEU C 124 -9.29 3.86 9.31
N LEU C 125 -8.93 2.62 9.64
CA LEU C 125 -7.66 2.07 9.16
C LEU C 125 -7.69 1.80 7.66
N ALA C 126 -8.82 1.29 7.14
CA ALA C 126 -8.90 1.01 5.71
C ALA C 126 -8.94 2.29 4.90
N SER C 127 -9.55 3.35 5.44
CA SER C 127 -9.63 4.62 4.72
C SER C 127 -8.24 5.24 4.57
N VAL C 128 -7.48 5.30 5.67
CA VAL C 128 -6.15 5.89 5.62
C VAL C 128 -5.24 5.07 4.70
N ASP C 129 -5.36 3.75 4.76
CA ASP C 129 -4.55 2.89 3.89
C ASP C 129 -4.93 3.03 2.43
N ALA C 130 -6.22 3.28 2.13
CA ALA C 130 -6.64 3.46 0.75
C ALA C 130 -6.04 4.71 0.13
N LEU C 131 -5.78 5.74 0.94
CA LEU C 131 -5.23 7.01 0.50
C LEU C 131 -3.71 7.02 0.46
N GLU C 132 -3.08 5.85 0.32
CA GLU C 132 -1.61 5.79 0.38
C GLU C 132 -0.98 6.50 -0.82
N GLY C 133 -1.43 6.18 -2.04
CA GLY C 133 -0.90 6.79 -3.24
C GLY C 133 -1.46 8.15 -3.59
N VAL C 134 -2.54 8.56 -2.93
CA VAL C 134 -3.18 9.84 -3.25
C VAL C 134 -2.27 10.98 -2.84
N PRO C 135 -2.05 11.99 -3.69
CA PRO C 135 -1.22 13.13 -3.30
C PRO C 135 -1.81 13.88 -2.10
N GLN C 136 -0.93 14.50 -1.33
CA GLN C 136 -1.38 15.18 -0.11
C GLN C 136 -2.34 16.32 -0.42
N LYS C 137 -2.16 16.99 -1.57
CA LYS C 137 -3.08 18.05 -1.95
C LYS C 137 -4.48 17.49 -2.21
N SER C 138 -4.55 16.34 -2.87
CA SER C 138 -5.84 15.71 -3.12
C SER C 138 -6.48 15.23 -1.83
N ARG C 139 -5.68 14.75 -0.88
CA ARG C 139 -6.21 14.30 0.40
C ARG C 139 -6.81 15.46 1.20
N GLU C 140 -6.21 16.65 1.10
CA GLU C 140 -6.76 17.81 1.79
C GLU C 140 -8.15 18.16 1.27
N ARG C 141 -8.36 18.02 -0.03
CA ARG C 141 -9.71 18.19 -0.59
C ARG C 141 -10.69 17.23 0.06
N LEU C 142 -10.30 15.97 0.21
CA LEU C 142 -11.18 14.99 0.83
C LEU C 142 -11.47 15.33 2.28
N ARG C 143 -10.45 15.81 3.02
CA ARG C 143 -10.68 16.23 4.40
C ARG C 143 -11.57 17.45 4.47
N PHE C 144 -11.40 18.39 3.53
CA PHE C 144 -12.18 19.62 3.55
C PHE C 144 -13.65 19.37 3.27
N PHE C 145 -13.95 18.57 2.25
CA PHE C 145 -15.35 18.35 1.87
C PHE C 145 -16.05 17.42 2.85
N THR C 146 -15.35 16.40 3.37
CA THR C 146 -15.96 15.52 4.35
C THR C 146 -16.28 16.25 5.66
N ARG C 147 -15.45 17.22 6.04
CA ARG C 147 -15.77 18.02 7.22
C ARG C 147 -16.99 18.89 6.98
N GLN C 148 -17.15 19.39 5.76
CA GLN C 148 -18.33 20.17 5.43
C GLN C 148 -19.59 19.31 5.50
N TYR C 149 -19.53 18.10 4.95
CA TYR C 149 -20.68 17.20 4.99
C TYR C 149 -21.02 16.81 6.42
N VAL C 150 -19.98 16.61 7.23
CA VAL C 150 -20.20 16.21 8.65
C VAL C 150 -20.95 17.35 9.33
N ASN C 151 -20.45 18.57 9.17
CA ASN C 151 -21.08 19.72 9.88
C ASN C 151 -22.45 19.98 9.26
N ALA C 152 -22.57 19.85 7.94
CA ALA C 152 -23.83 20.17 7.28
C ALA C 152 -24.95 19.24 7.73
N MET C 153 -24.61 18.00 8.09
CA MET C 153 -25.57 17.02 8.56
C MET C 153 -25.67 17.01 10.08
N ALA C 154 -25.00 17.95 10.75
CA ALA C 154 -25.07 18.06 12.19
C ALA C 154 -26.17 19.05 12.56
N PRO C 155 -27.27 18.61 13.18
CA PRO C 155 -28.37 19.55 13.46
C PRO C 155 -28.01 20.69 14.38
N SER C 156 -27.07 20.50 15.31
CA SER C 156 -26.73 21.57 16.24
C SER C 156 -25.98 22.72 15.59
N ASN C 157 -25.37 22.50 14.42
CA ASN C 157 -24.60 23.55 13.77
C ASN C 157 -25.47 24.57 13.05
N PHE C 158 -26.78 24.35 12.99
CA PHE C 158 -27.71 25.27 12.37
C PHE C 158 -28.79 25.63 13.40
N LEU C 159 -29.14 26.91 13.44
CA LEU C 159 -30.07 27.39 14.47
C LEU C 159 -31.44 26.73 14.35
N ALA C 160 -31.93 26.54 13.12
CA ALA C 160 -33.25 25.97 12.92
C ALA C 160 -33.32 24.52 13.38
N THR C 161 -32.21 23.79 13.32
CA THR C 161 -32.20 22.38 13.68
C THR C 161 -31.50 22.13 15.02
N ASN C 162 -31.17 23.17 15.77
CA ASN C 162 -30.57 23.01 17.07
C ASN C 162 -31.64 22.68 18.12
N LEU C 181 -30.86 33.95 21.38
CA LEU C 181 -30.73 33.38 20.04
C LEU C 181 -29.54 33.99 19.30
N ALA C 182 -29.39 35.31 19.41
CA ALA C 182 -28.26 35.98 18.76
C ALA C 182 -26.94 35.52 19.39
N LEU C 183 -26.92 35.31 20.70
CA LEU C 183 -25.71 34.84 21.36
C LEU C 183 -25.35 33.44 20.89
N LEU C 184 -26.36 32.56 20.78
CA LEU C 184 -26.11 31.23 20.24
C LEU C 184 -25.67 31.30 18.78
N ALA C 185 -26.18 32.28 18.04
CA ALA C 185 -25.77 32.47 16.65
C ALA C 185 -24.32 32.92 16.57
N GLU C 186 -23.91 33.83 17.47
CA GLU C 186 -22.54 34.34 17.43
C GLU C 186 -21.52 33.24 17.68
N ASP C 187 -21.82 32.32 18.59
CA ASP C 187 -20.94 31.18 18.80
C ASP C 187 -20.92 30.27 17.58
N LEU C 188 -22.10 30.00 17.03
CA LEU C 188 -22.19 29.17 15.83
C LEU C 188 -21.51 29.85 14.64
N GLU C 189 -21.68 31.17 14.52
CA GLU C 189 -21.03 31.91 13.43
C GLU C 189 -19.51 31.83 13.57
N ARG C 190 -19.00 31.93 14.80
CA ARG C 190 -17.57 31.82 15.01
C ARG C 190 -17.05 30.44 14.64
N SER C 191 -17.81 29.39 14.96
CA SER C 191 -17.39 28.03 14.65
C SER C 191 -17.21 27.85 13.15
N ALA C 192 -18.11 28.42 12.35
CA ALA C 192 -17.92 28.38 10.90
C ALA C 192 -16.69 29.18 10.48
N ASP C 193 -16.49 30.35 11.11
CA ASP C 193 -15.36 31.20 10.73
C ASP C 193 -14.03 30.55 11.06
N GLN C 194 -13.90 29.95 12.25
CA GLN C 194 -12.65 29.29 12.61
C GLN C 194 -12.38 28.11 11.68
N LEU C 195 -13.43 27.42 11.25
CA LEU C 195 -13.27 26.34 10.28
C LEU C 195 -12.72 26.89 8.96
N ASN C 196 -13.15 28.10 8.57
CA ASN C 196 -12.71 28.65 7.30
C ASN C 196 -11.21 28.94 7.30
N ILE C 197 -10.65 29.30 8.45
CA ILE C 197 -9.21 29.47 8.58
C ILE C 197 -8.53 28.10 8.63
N PHE C 205 -13.42 24.76 -6.48
CA PHE C 205 -14.10 24.98 -7.76
C PHE C 205 -14.07 26.44 -8.17
N GLU C 206 -13.92 26.68 -9.47
CA GLU C 206 -13.85 28.00 -10.06
C GLU C 206 -14.99 28.18 -11.03
N LEU C 207 -15.75 29.25 -10.86
CA LEU C 207 -16.89 29.52 -11.73
C LEU C 207 -16.41 29.79 -13.15
N GLY C 208 -17.06 29.14 -14.13
CA GLY C 208 -16.67 29.22 -15.51
C GLY C 208 -15.79 28.09 -15.99
N ARG C 209 -15.17 27.34 -15.07
CA ARG C 209 -14.34 26.20 -15.41
C ARG C 209 -14.92 24.89 -14.90
N ASP C 210 -15.28 24.83 -13.62
CA ASP C 210 -15.86 23.63 -13.02
C ASP C 210 -17.36 23.72 -12.85
N LEU C 211 -17.89 24.90 -12.51
CA LEU C 211 -19.32 25.13 -12.41
C LEU C 211 -19.68 26.40 -13.16
N ALA C 212 -20.91 26.45 -13.66
CA ALA C 212 -21.40 27.59 -14.44
C ALA C 212 -20.55 27.80 -15.68
N LEU C 213 -20.36 26.74 -16.46
CA LEU C 213 -19.49 26.74 -17.62
C LEU C 213 -20.26 26.64 -18.93
N THR C 214 -21.57 26.82 -18.92
CA THR C 214 -22.35 26.79 -20.14
C THR C 214 -22.02 28.03 -20.97
N PRO C 215 -21.65 27.87 -22.24
CA PRO C 215 -21.25 29.03 -23.04
C PRO C 215 -22.40 30.02 -23.22
N GLY C 216 -22.04 31.30 -23.25
CA GLY C 216 -23.03 32.35 -23.38
C GLY C 216 -22.39 33.71 -23.25
N ARG C 217 -23.23 34.73 -23.26
CA ARG C 217 -22.77 36.11 -23.16
C ARG C 217 -23.65 36.88 -22.20
N VAL C 218 -23.07 37.90 -21.56
CA VAL C 218 -23.79 38.82 -20.70
C VAL C 218 -24.30 39.96 -21.57
N VAL C 219 -25.61 39.95 -21.85
CA VAL C 219 -26.18 40.93 -22.76
C VAL C 219 -26.59 42.23 -22.07
N GLN C 220 -26.72 42.22 -20.74
CA GLN C 220 -27.10 43.43 -20.03
C GLN C 220 -26.66 43.29 -18.58
N ARG C 221 -26.13 44.37 -18.02
CA ARG C 221 -25.73 44.41 -16.61
C ARG C 221 -26.30 45.67 -15.98
N THR C 222 -27.19 45.49 -15.01
CA THR C 222 -27.78 46.58 -14.25
C THR C 222 -27.27 46.53 -12.81
N GLU C 223 -27.85 47.37 -11.96
CA GLU C 223 -27.48 47.36 -10.55
C GLU C 223 -27.84 46.04 -9.87
N LEU C 224 -28.95 45.42 -10.26
CA LEU C 224 -29.46 44.27 -9.55
C LEU C 224 -29.11 42.93 -10.18
N TYR C 225 -28.75 42.89 -11.46
CA TYR C 225 -28.60 41.59 -12.10
C TYR C 225 -27.73 41.70 -13.35
N GLU C 226 -27.22 40.56 -13.80
CA GLU C 226 -26.61 40.38 -15.11
C GLU C 226 -27.45 39.39 -15.91
N LEU C 227 -27.87 39.79 -17.09
CA LEU C 227 -28.68 38.93 -17.96
C LEU C 227 -27.77 38.14 -18.87
N ILE C 228 -27.80 36.82 -18.75
CA ILE C 228 -26.96 35.92 -19.54
C ILE C 228 -27.80 35.29 -20.65
N GLN C 229 -27.31 35.37 -21.88
CA GLN C 229 -27.92 34.70 -23.02
C GLN C 229 -26.95 33.63 -23.52
N TYR C 230 -27.39 32.38 -23.52
CA TYR C 230 -26.53 31.24 -23.82
C TYR C 230 -26.52 30.93 -25.31
N SER C 231 -25.36 30.50 -25.79
CA SER C 231 -25.20 30.16 -27.19
C SER C 231 -25.97 28.89 -27.54
N PRO C 232 -26.52 28.81 -28.76
CA PRO C 232 -27.37 27.67 -29.11
C PRO C 232 -26.55 26.44 -29.48
N THR C 233 -27.12 25.27 -29.16
CA THR C 233 -26.53 23.99 -29.52
C THR C 233 -27.37 23.24 -30.55
N THR C 234 -28.40 23.89 -31.11
CA THR C 234 -29.26 23.32 -32.12
C THR C 234 -29.36 24.28 -33.28
N GLU C 235 -29.59 23.73 -34.48
CA GLU C 235 -29.73 24.58 -35.66
C GLU C 235 -30.98 25.44 -35.58
N THR C 236 -32.06 24.91 -35.01
CA THR C 236 -33.30 25.64 -34.87
C THR C 236 -33.71 25.67 -33.40
N VAL C 237 -34.28 26.80 -32.97
CA VAL C 237 -34.79 26.99 -31.62
C VAL C 237 -36.20 27.54 -31.71
N GLY C 238 -36.90 27.50 -30.58
CA GLY C 238 -38.24 28.05 -30.54
C GLY C 238 -38.23 29.56 -30.64
N LYS C 239 -39.34 30.10 -31.16
CA LYS C 239 -39.43 31.55 -31.33
C LYS C 239 -39.48 32.26 -29.99
N THR C 240 -40.25 31.73 -29.04
CA THR C 240 -40.39 32.37 -27.73
C THR C 240 -39.19 32.03 -26.87
N PRO C 241 -38.42 33.03 -26.41
CA PRO C 241 -37.26 32.75 -25.55
C PRO C 241 -37.71 32.38 -24.14
N VAL C 242 -36.75 31.86 -23.37
CA VAL C 242 -36.99 31.41 -22.00
C VAL C 242 -36.16 32.27 -21.06
N LEU C 243 -36.80 32.79 -20.01
CA LEU C 243 -36.15 33.60 -18.99
C LEU C 243 -36.30 32.92 -17.64
N ILE C 244 -35.18 32.72 -16.96
CA ILE C 244 -35.13 32.03 -15.67
C ILE C 244 -34.89 33.06 -14.57
N VAL C 245 -35.73 33.03 -13.54
CA VAL C 245 -35.60 33.94 -12.40
C VAL C 245 -35.14 33.14 -11.19
N PRO C 246 -33.85 33.19 -10.84
CA PRO C 246 -33.34 32.37 -9.73
C PRO C 246 -33.65 33.00 -8.38
N PRO C 247 -33.54 32.23 -7.30
CA PRO C 247 -33.69 32.84 -5.97
C PRO C 247 -32.48 33.69 -5.62
N PHE C 248 -32.73 34.75 -4.84
CA PHE C 248 -31.68 35.65 -4.39
C PHE C 248 -31.22 35.37 -2.97
N ILE C 249 -31.52 34.19 -2.43
CA ILE C 249 -30.95 33.79 -1.14
C ILE C 249 -29.65 33.02 -1.32
N ASN C 250 -29.56 32.22 -2.37
CA ASN C 250 -28.32 31.58 -2.78
C ASN C 250 -28.03 31.92 -4.23
N LYS C 251 -26.91 31.43 -4.74
CA LYS C 251 -26.50 31.78 -6.09
C LYS C 251 -27.26 30.94 -7.12
N TYR C 252 -27.24 31.44 -8.36
CA TYR C 252 -28.07 30.85 -9.42
C TYR C 252 -27.48 29.57 -9.98
N TYR C 253 -26.16 29.38 -9.90
CA TYR C 253 -25.55 28.29 -10.68
C TYR C 253 -25.87 26.89 -10.14
N ILE C 254 -26.81 26.71 -9.19
CA ILE C 254 -27.29 25.36 -8.90
C ILE C 254 -28.04 24.81 -10.10
N MET C 255 -28.62 25.68 -10.93
CA MET C 255 -29.28 25.29 -12.16
C MET C 255 -28.31 25.16 -13.33
N ASP C 256 -27.03 25.43 -13.11
CA ASP C 256 -26.01 25.39 -14.14
C ASP C 256 -24.73 24.79 -13.54
N MET C 257 -24.83 23.56 -13.04
CA MET C 257 -23.70 22.93 -12.36
C MET C 257 -22.66 22.43 -13.35
N ARG C 258 -22.97 21.32 -14.01
CA ARG C 258 -22.06 20.67 -14.95
C ARG C 258 -22.88 20.23 -16.16
N PRO C 259 -22.22 20.06 -17.32
CA PRO C 259 -22.97 19.74 -18.55
C PRO C 259 -23.90 18.56 -18.41
N GLN C 260 -23.60 17.60 -17.53
CA GLN C 260 -24.45 16.43 -17.35
C GLN C 260 -25.69 16.75 -16.53
N ASN C 261 -25.61 17.72 -15.62
CA ASN C 261 -26.74 18.07 -14.76
C ASN C 261 -27.10 19.55 -14.84
N SER C 262 -26.76 20.20 -15.95
CA SER C 262 -27.09 21.60 -16.16
C SER C 262 -28.47 21.70 -16.81
N LEU C 263 -29.42 22.31 -16.10
CA LEU C 263 -30.74 22.55 -16.69
C LEU C 263 -30.65 23.53 -17.85
N VAL C 264 -29.78 24.53 -17.73
CA VAL C 264 -29.61 25.52 -18.80
C VAL C 264 -29.14 24.84 -20.08
N ALA C 265 -28.15 23.95 -19.97
CA ALA C 265 -27.66 23.23 -21.15
C ALA C 265 -28.74 22.33 -21.73
N TRP C 266 -29.56 21.72 -20.87
CA TRP C 266 -30.62 20.84 -21.36
C TRP C 266 -31.69 21.62 -22.11
N LEU C 267 -32.10 22.77 -21.60
CA LEU C 267 -33.10 23.58 -22.29
C LEU C 267 -32.59 24.06 -23.63
N VAL C 268 -31.31 24.43 -23.71
CA VAL C 268 -30.74 24.88 -24.98
C VAL C 268 -30.73 23.73 -25.99
N ALA C 269 -30.39 22.53 -25.54
CA ALA C 269 -30.38 21.37 -26.42
C ALA C 269 -31.79 21.01 -26.90
N GLN C 270 -32.83 21.45 -26.19
CA GLN C 270 -34.21 21.23 -26.58
C GLN C 270 -34.72 22.29 -27.56
N GLY C 271 -33.79 23.01 -28.19
CA GLY C 271 -34.18 24.05 -29.14
C GLY C 271 -34.91 25.18 -28.44
N GLN C 272 -34.34 25.68 -27.34
CA GLN C 272 -34.98 26.79 -26.59
C GLN C 272 -33.94 27.88 -26.33
N THR C 273 -34.22 29.12 -26.74
CA THR C 273 -33.29 30.23 -26.40
C THR C 273 -33.41 30.50 -24.91
N VAL C 274 -32.31 30.40 -24.16
CA VAL C 274 -32.43 30.53 -22.71
C VAL C 274 -31.74 31.79 -22.24
N PHE C 275 -32.46 32.61 -21.47
CA PHE C 275 -31.92 33.77 -20.80
C PHE C 275 -31.86 33.50 -19.30
N MET C 276 -30.84 34.05 -18.64
CA MET C 276 -30.64 33.83 -17.23
C MET C 276 -30.39 35.13 -16.49
N ILE C 277 -31.17 35.38 -15.44
CA ILE C 277 -30.92 36.48 -14.53
C ILE C 277 -29.88 36.05 -13.51
N SER C 278 -28.84 36.86 -13.34
CA SER C 278 -27.78 36.59 -12.37
C SER C 278 -27.78 37.72 -11.34
N TRP C 279 -28.43 37.50 -10.20
CA TRP C 279 -28.56 38.55 -9.20
C TRP C 279 -27.20 38.94 -8.65
N ARG C 280 -27.03 40.24 -8.43
CA ARG C 280 -25.82 40.75 -7.79
C ARG C 280 -25.77 40.33 -6.32
N ASN C 281 -24.59 39.97 -5.85
CA ASN C 281 -24.37 39.77 -4.43
C ASN C 281 -24.45 41.14 -3.74
N PRO C 282 -25.52 41.44 -3.00
CA PRO C 282 -25.75 42.81 -2.54
C PRO C 282 -24.78 43.20 -1.43
N GLY C 283 -24.19 44.39 -1.57
CA GLY C 283 -23.37 44.97 -0.54
C GLY C 283 -24.13 45.97 0.31
N VAL C 284 -23.37 46.76 1.08
CA VAL C 284 -23.97 47.79 1.91
C VAL C 284 -24.62 48.89 1.09
N ALA C 285 -24.24 49.03 -0.18
CA ALA C 285 -24.83 50.05 -1.05
C ALA C 285 -26.28 49.73 -1.40
N GLN C 286 -26.71 48.48 -1.26
CA GLN C 286 -28.07 48.07 -1.57
C GLN C 286 -28.94 47.91 -0.33
N ALA C 287 -28.70 48.74 0.69
CA ALA C 287 -29.41 48.56 1.97
C ALA C 287 -30.90 48.82 1.84
N GLN C 288 -31.30 49.76 0.98
CA GLN C 288 -32.70 50.14 0.84
C GLN C 288 -33.41 49.44 -0.31
N ILE C 289 -32.74 48.52 -1.00
CA ILE C 289 -33.39 47.77 -2.07
C ILE C 289 -34.40 46.82 -1.44
N ASP C 290 -35.65 46.91 -1.88
CA ASP C 290 -36.74 46.14 -1.33
C ASP C 290 -37.17 45.04 -2.29
N LEU C 291 -38.03 44.14 -1.79
CA LEU C 291 -38.64 43.12 -2.63
C LEU C 291 -39.38 43.74 -3.82
N ASP C 292 -39.97 44.93 -3.62
CA ASP C 292 -40.65 45.61 -4.72
C ASP C 292 -39.69 45.92 -5.85
N ASP C 293 -38.45 46.28 -5.53
CA ASP C 293 -37.47 46.59 -6.57
C ASP C 293 -37.10 45.36 -7.38
N TYR C 294 -36.98 44.20 -6.72
CA TYR C 294 -36.69 42.96 -7.44
C TYR C 294 -37.82 42.58 -8.39
N VAL C 295 -39.04 43.05 -8.13
CA VAL C 295 -40.16 42.73 -9.01
C VAL C 295 -40.15 43.63 -10.24
N VAL C 296 -40.02 44.94 -10.04
CA VAL C 296 -40.08 45.90 -11.14
C VAL C 296 -38.71 46.09 -11.76
N ASP C 297 -37.73 46.50 -10.95
CA ASP C 297 -36.38 46.74 -11.46
C ASP C 297 -35.60 45.45 -11.69
N GLY C 298 -36.09 44.32 -11.19
CA GLY C 298 -35.42 43.05 -11.39
C GLY C 298 -36.03 42.21 -12.48
N VAL C 299 -37.29 41.81 -12.29
CA VAL C 299 -37.91 40.86 -13.21
C VAL C 299 -38.46 41.58 -14.44
N ILE C 300 -39.23 42.66 -14.23
CA ILE C 300 -39.81 43.39 -15.35
C ILE C 300 -38.71 44.03 -16.20
N ALA C 301 -37.70 44.62 -15.55
CA ALA C 301 -36.59 45.22 -16.28
C ALA C 301 -35.83 44.18 -17.09
N ALA C 302 -35.74 42.95 -16.59
CA ALA C 302 -35.10 41.89 -17.36
C ALA C 302 -35.90 41.54 -18.60
N LEU C 303 -37.23 41.59 -18.50
CA LEU C 303 -38.07 41.33 -19.67
C LEU C 303 -37.81 42.35 -20.77
N ASP C 304 -37.65 43.62 -20.40
CA ASP C 304 -37.29 44.63 -21.38
C ASP C 304 -35.91 44.36 -21.97
N GLY C 305 -35.00 43.79 -21.19
CA GLY C 305 -33.69 43.44 -21.72
C GLY C 305 -33.75 42.28 -22.70
N VAL C 306 -34.63 41.32 -22.45
CA VAL C 306 -34.78 40.18 -23.37
C VAL C 306 -35.34 40.64 -24.70
N GLU C 307 -36.32 41.54 -24.66
CA GLU C 307 -36.88 42.09 -25.91
C GLU C 307 -35.82 42.85 -26.70
N ALA C 308 -34.92 43.55 -26.01
CA ALA C 308 -33.86 44.29 -26.68
C ALA C 308 -32.87 43.36 -27.39
N ALA C 309 -32.77 42.11 -26.98
CA ALA C 309 -31.83 41.17 -27.58
C ALA C 309 -32.47 40.19 -28.55
N THR C 310 -33.79 39.99 -28.48
CA THR C 310 -34.47 39.06 -29.37
C THR C 310 -35.65 39.65 -30.12
N GLY C 311 -36.16 40.81 -29.72
CA GLY C 311 -37.33 41.38 -30.37
C GLY C 311 -38.64 40.75 -29.98
N GLU C 312 -38.65 39.91 -28.95
CA GLU C 312 -39.85 39.22 -28.48
C GLU C 312 -40.30 39.84 -27.17
N ARG C 313 -41.56 40.29 -27.13
CA ARG C 313 -42.14 40.84 -25.92
C ARG C 313 -42.72 39.77 -25.00
N GLU C 314 -42.62 38.50 -25.39
CA GLU C 314 -43.23 37.39 -24.66
C GLU C 314 -42.21 36.28 -24.51
N VAL C 315 -42.02 35.82 -23.27
CA VAL C 315 -41.03 34.79 -22.97
C VAL C 315 -41.68 33.69 -22.15
N HIS C 316 -41.01 32.54 -22.11
CA HIS C 316 -41.40 31.44 -21.23
C HIS C 316 -40.73 31.66 -19.87
N GLY C 317 -41.53 31.74 -18.81
CA GLY C 317 -41.01 32.03 -17.49
C GLY C 317 -40.72 30.77 -16.70
N ILE C 318 -39.59 30.79 -16.01
CA ILE C 318 -39.19 29.72 -15.09
C ILE C 318 -38.68 30.36 -13.80
N GLY C 319 -39.19 29.89 -12.67
CA GLY C 319 -38.78 30.44 -11.38
C GLY C 319 -38.40 29.35 -10.42
N TYR C 320 -37.51 29.71 -9.48
CA TYR C 320 -36.98 28.77 -8.50
C TYR C 320 -37.10 29.38 -7.12
N CYS C 321 -37.77 28.67 -6.21
CA CYS C 321 -37.93 29.09 -4.82
C CYS C 321 -38.48 30.51 -4.74
N ILE C 322 -37.68 31.44 -4.22
CA ILE C 322 -38.12 32.82 -4.14
C ILE C 322 -38.09 33.52 -5.49
N GLY C 323 -37.35 32.97 -6.46
CA GLY C 323 -37.39 33.53 -7.80
C GLY C 323 -38.73 33.32 -8.49
N GLY C 324 -39.36 32.18 -8.23
CA GLY C 324 -40.70 31.95 -8.75
C GLY C 324 -41.75 32.80 -8.07
N THR C 325 -41.57 33.09 -6.77
CA THR C 325 -42.46 34.01 -6.08
C THR C 325 -42.39 35.41 -6.71
N ALA C 326 -41.18 35.87 -7.03
CA ALA C 326 -41.04 37.17 -7.68
C ALA C 326 -41.68 37.16 -9.07
N LEU C 327 -41.53 36.06 -9.80
CA LEU C 327 -42.18 35.95 -11.10
C LEU C 327 -43.69 35.99 -10.97
N SER C 328 -44.23 35.35 -9.92
CA SER C 328 -45.68 35.40 -9.69
C SER C 328 -46.15 36.82 -9.43
N LEU C 329 -45.41 37.55 -8.59
CA LEU C 329 -45.75 38.95 -8.33
C LEU C 329 -45.54 39.81 -9.57
N ALA C 330 -44.56 39.47 -10.40
CA ALA C 330 -44.34 40.21 -11.65
C ALA C 330 -45.49 40.02 -12.61
N MET C 331 -46.01 38.78 -12.71
CA MET C 331 -47.16 38.54 -13.58
C MET C 331 -48.40 39.26 -13.06
N GLY C 332 -48.58 39.29 -11.74
CA GLY C 332 -49.71 40.01 -11.18
C GLY C 332 -49.60 41.51 -11.35
N TRP C 333 -48.37 42.05 -11.27
CA TRP C 333 -48.19 43.49 -11.41
C TRP C 333 -48.55 43.96 -12.82
N LEU C 334 -48.14 43.21 -13.84
CA LEU C 334 -48.53 43.57 -15.21
C LEU C 334 -50.01 43.32 -15.44
N ALA C 335 -50.59 42.32 -14.77
CA ALA C 335 -52.01 42.03 -14.94
C ALA C 335 -52.89 43.02 -14.20
N ALA C 336 -52.52 43.37 -12.97
CA ALA C 336 -53.33 44.30 -12.19
C ALA C 336 -53.39 45.67 -12.84
N ARG C 337 -52.34 46.07 -13.55
CA ARG C 337 -52.30 47.35 -14.23
C ARG C 337 -52.70 47.25 -15.70
N ARG C 338 -53.23 46.10 -16.12
CA ARG C 338 -53.78 45.91 -17.47
C ARG C 338 -52.77 46.28 -18.54
N GLN C 339 -51.60 45.65 -18.47
CA GLN C 339 -50.57 45.86 -19.48
C GLN C 339 -50.49 44.68 -20.45
N ARG C 342 -47.03 39.37 -21.11
CA ARG C 342 -45.65 39.26 -21.59
C ARG C 342 -45.04 37.93 -21.20
N VAL C 343 -45.76 37.13 -20.42
CA VAL C 343 -45.31 35.83 -19.96
C VAL C 343 -46.22 34.77 -20.55
N ARG C 344 -45.66 33.92 -21.43
CA ARG C 344 -46.45 32.88 -22.09
C ARG C 344 -46.75 31.73 -21.14
N THR C 345 -45.72 31.09 -20.62
CA THR C 345 -45.86 30.04 -19.62
C THR C 345 -45.04 30.41 -18.38
N ALA C 346 -45.43 29.82 -17.25
CA ALA C 346 -44.78 30.08 -15.97
C ALA C 346 -44.57 28.76 -15.26
N THR C 347 -43.32 28.31 -15.19
CA THR C 347 -42.95 27.11 -14.44
C THR C 347 -42.31 27.55 -13.13
N LEU C 348 -42.84 27.06 -12.01
CA LEU C 348 -42.44 27.51 -10.68
C LEU C 348 -41.96 26.32 -9.88
N PHE C 349 -40.67 26.29 -9.56
CA PHE C 349 -40.07 25.21 -8.78
C PHE C 349 -40.12 25.58 -7.30
N THR C 350 -40.86 24.80 -6.51
CA THR C 350 -40.94 24.97 -5.07
C THR C 350 -41.23 26.42 -4.69
N THR C 351 -42.20 27.01 -5.38
CA THR C 351 -42.56 28.41 -5.15
C THR C 351 -43.59 28.49 -4.04
N LEU C 352 -43.37 29.38 -3.08
CA LEU C 352 -44.26 29.56 -1.95
C LEU C 352 -45.08 30.83 -2.15
N LEU C 353 -46.39 30.66 -2.32
CA LEU C 353 -47.32 31.77 -2.32
C LEU C 353 -48.21 31.81 -1.09
N ASP C 354 -48.55 30.65 -0.53
CA ASP C 354 -49.26 30.54 0.74
C ASP C 354 -48.27 30.08 1.80
N PHE C 355 -48.02 30.94 2.79
CA PHE C 355 -47.03 30.69 3.83
C PHE C 355 -47.64 30.12 5.11
N SER C 356 -48.73 29.33 4.98
CA SER C 356 -49.36 28.76 6.16
C SER C 356 -48.57 27.61 6.77
N GLN C 357 -47.69 26.97 5.99
CA GLN C 357 -46.85 25.87 6.47
C GLN C 357 -45.39 26.22 6.21
N PRO C 358 -44.79 27.07 7.05
CA PRO C 358 -43.41 27.52 6.80
C PRO C 358 -42.36 26.46 7.12
N GLY C 359 -42.74 25.30 7.66
CA GLY C 359 -41.76 24.29 7.98
C GLY C 359 -40.94 24.65 9.21
N GLU C 360 -39.67 24.25 9.18
CA GLU C 360 -38.78 24.50 10.31
C GLU C 360 -38.41 25.97 10.45
N LEU C 361 -38.60 26.77 9.39
CA LEU C 361 -38.29 28.20 9.45
C LEU C 361 -39.33 28.99 10.22
N GLY C 362 -40.43 28.36 10.64
CA GLY C 362 -41.44 29.05 11.42
C GLY C 362 -40.99 29.44 12.82
N ILE C 363 -39.83 28.95 13.27
CA ILE C 363 -39.33 29.33 14.58
C ILE C 363 -38.98 30.81 14.62
N PHE C 364 -38.62 31.39 13.48
CA PHE C 364 -38.29 32.81 13.39
C PHE C 364 -39.50 33.69 13.13
N ILE C 365 -40.64 33.12 12.74
CA ILE C 365 -41.80 33.91 12.33
C ILE C 365 -42.60 34.18 13.61
N HIS C 366 -42.13 35.15 14.38
CA HIS C 366 -42.82 35.61 15.57
C HIS C 366 -42.55 37.09 15.75
N GLU C 367 -43.53 37.80 16.33
CA GLU C 367 -43.42 39.25 16.46
C GLU C 367 -42.17 39.71 17.18
N PRO C 368 -41.78 39.14 18.33
CA PRO C 368 -40.53 39.60 18.97
C PRO C 368 -39.29 39.30 18.17
N ILE C 369 -39.24 38.18 17.44
CA ILE C 369 -38.05 37.83 16.69
C ILE C 369 -37.94 38.67 15.41
N ILE C 370 -39.05 38.84 14.70
CA ILE C 370 -39.02 39.63 13.46
C ILE C 370 -38.71 41.08 13.75
N ALA C 371 -39.27 41.63 14.83
CA ALA C 371 -38.97 43.01 15.19
C ALA C 371 -37.50 43.20 15.51
N ALA C 372 -36.87 42.22 16.17
CA ALA C 372 -35.45 42.32 16.47
C ALA C 372 -34.61 42.26 15.21
N LEU C 373 -34.96 41.37 14.29
CA LEU C 373 -34.20 41.25 13.04
C LEU C 373 -34.38 42.46 12.14
N GLU C 374 -35.57 43.08 12.15
CA GLU C 374 -35.79 44.27 11.31
C GLU C 374 -34.89 45.42 11.74
N ALA C 375 -34.67 45.58 13.04
CA ALA C 375 -33.77 46.62 13.52
C ALA C 375 -32.33 46.32 13.14
N GLN C 376 -31.93 45.04 13.22
CA GLN C 376 -30.57 44.67 12.87
C GLN C 376 -30.29 44.85 11.38
N ASN C 377 -31.26 44.50 10.53
CA ASN C 377 -31.04 44.60 9.09
C ASN C 377 -30.93 46.05 8.63
N GLU C 378 -31.75 46.94 9.20
CA GLU C 378 -31.68 48.35 8.83
C GLU C 378 -30.41 49.00 9.39
N ALA C 379 -29.90 48.51 10.51
CA ALA C 379 -28.70 49.09 11.10
C ALA C 379 -27.46 48.73 10.30
N LYS C 380 -27.23 47.44 10.07
CA LYS C 380 -26.07 46.98 9.32
C LYS C 380 -26.22 47.19 7.82
N GLY C 381 -27.41 47.51 7.35
CA GLY C 381 -27.70 47.71 5.94
C GLY C 381 -28.16 46.43 5.25
N ILE C 382 -27.42 45.34 5.45
CA ILE C 382 -27.78 44.03 4.93
C ILE C 382 -27.47 43.00 6.01
N MET C 383 -28.15 41.86 5.91
CA MET C 383 -27.88 40.72 6.78
C MET C 383 -26.78 39.87 6.16
N ASP C 384 -25.72 39.63 6.93
CA ASP C 384 -24.58 38.87 6.42
C ASP C 384 -25.00 37.46 6.04
N GLY C 385 -24.74 37.09 4.78
CA GLY C 385 -25.11 35.76 4.32
C GLY C 385 -24.43 34.66 5.09
N ARG C 386 -23.24 34.93 5.65
CA ARG C 386 -22.60 33.96 6.52
C ARG C 386 -23.43 33.69 7.77
N GLN C 387 -24.21 34.67 8.20
CA GLN C 387 -25.17 34.44 9.28
C GLN C 387 -26.38 33.64 8.82
N LEU C 388 -26.84 33.88 7.58
CA LEU C 388 -27.97 33.12 7.06
C LEU C 388 -27.60 31.67 6.79
N ALA C 389 -26.34 31.41 6.43
CA ALA C 389 -25.90 30.04 6.21
C ALA C 389 -25.92 29.23 7.51
N VAL C 390 -25.79 29.91 8.65
CA VAL C 390 -25.84 29.25 9.95
C VAL C 390 -27.26 29.15 10.50
N SER C 391 -28.23 29.84 9.90
CA SER C 391 -29.59 29.78 10.39
C SER C 391 -30.26 28.46 10.00
N PHE C 392 -30.10 28.04 8.75
CA PHE C 392 -30.64 26.78 8.27
C PHE C 392 -29.81 26.35 7.07
N SER C 393 -29.98 25.08 6.69
CA SER C 393 -29.21 24.48 5.61
C SER C 393 -30.12 24.07 4.47
N LEU C 394 -29.79 24.51 3.26
CA LEU C 394 -30.49 24.11 2.05
C LEU C 394 -30.13 22.69 1.61
N LEU C 395 -29.08 22.11 2.19
CA LEU C 395 -28.63 20.77 1.83
C LEU C 395 -28.96 19.77 2.92
N LEU C 400 -28.36 11.73 0.05
CA LEU C 400 -27.35 12.68 -0.41
C LEU C 400 -25.98 12.02 -0.48
N TYR C 401 -25.65 11.25 0.55
CA TYR C 401 -24.39 10.52 0.55
C TYR C 401 -24.42 9.40 -0.48
N TRP C 402 -25.56 8.72 -0.60
CA TRP C 402 -25.68 7.55 -1.46
C TRP C 402 -25.87 7.94 -2.92
N ASN C 403 -26.72 8.94 -3.18
CA ASN C 403 -27.11 9.28 -4.54
C ASN C 403 -26.25 10.35 -5.18
N TYR C 404 -25.58 11.19 -4.40
CA TYR C 404 -24.80 12.28 -4.96
C TYR C 404 -23.33 12.22 -4.60
N TYR C 405 -22.90 11.22 -3.82
CA TYR C 405 -21.49 10.94 -3.62
C TYR C 405 -21.12 9.53 -4.06
N ILE C 406 -21.82 8.52 -3.55
CA ILE C 406 -21.53 7.14 -3.95
C ILE C 406 -21.99 6.90 -5.39
N ASP C 407 -23.26 7.21 -5.68
CA ASP C 407 -23.78 7.00 -7.02
C ASP C 407 -23.07 7.87 -8.04
N SER C 408 -22.78 9.12 -7.70
CA SER C 408 -22.07 10.00 -8.61
C SER C 408 -20.65 9.51 -8.87
N TYR C 409 -20.04 8.84 -7.90
CA TYR C 409 -18.72 8.27 -8.10
C TYR C 409 -18.77 7.02 -8.97
N LEU C 410 -19.76 6.15 -8.74
CA LEU C 410 -19.89 4.93 -9.53
C LEU C 410 -20.31 5.21 -10.96
N LYS C 411 -20.82 6.41 -11.25
CA LYS C 411 -21.18 6.80 -12.60
C LYS C 411 -20.01 7.42 -13.36
N GLY C 412 -18.80 7.37 -12.80
CA GLY C 412 -17.64 7.96 -13.43
C GLY C 412 -17.47 9.45 -13.25
N GLN C 413 -18.43 10.12 -12.64
CA GLN C 413 -18.39 11.57 -12.50
C GLN C 413 -17.56 11.98 -11.29
N SER C 414 -17.13 13.23 -11.29
CA SER C 414 -16.62 13.84 -10.07
C SER C 414 -17.78 13.99 -9.08
N PRO C 415 -17.57 13.67 -7.80
CA PRO C 415 -18.67 13.66 -6.83
C PRO C 415 -19.52 14.92 -6.84
N VAL C 416 -20.79 14.77 -7.21
CA VAL C 416 -21.71 15.91 -7.27
C VAL C 416 -21.95 16.49 -5.89
N ALA C 417 -21.84 15.66 -4.85
CA ALA C 417 -22.00 16.16 -3.49
C ALA C 417 -20.95 17.21 -3.15
N PHE C 418 -19.79 17.17 -3.80
CA PHE C 418 -18.80 18.22 -3.62
C PHE C 418 -19.31 19.55 -4.16
N ASP C 419 -19.91 19.53 -5.35
CA ASP C 419 -20.44 20.76 -5.94
C ASP C 419 -21.59 21.32 -5.13
N LEU C 420 -22.50 20.46 -4.65
CA LEU C 420 -23.62 20.94 -3.87
C LEU C 420 -23.16 21.58 -2.56
N LEU C 421 -22.15 20.99 -1.91
CA LEU C 421 -21.63 21.58 -0.67
C LEU C 421 -20.91 22.89 -0.96
N HIS C 422 -20.22 22.98 -2.10
CA HIS C 422 -19.55 24.22 -2.46
C HIS C 422 -20.55 25.32 -2.75
N TRP C 423 -21.68 24.97 -3.38
CA TRP C 423 -22.72 25.96 -3.66
C TRP C 423 -23.42 26.41 -2.39
N ASN C 424 -23.72 25.47 -1.49
CA ASN C 424 -24.42 25.84 -0.25
C ASN C 424 -23.56 26.75 0.63
N SER C 425 -22.24 26.56 0.61
CA SER C 425 -21.36 27.43 1.39
C SER C 425 -20.96 28.68 0.63
N ASP C 426 -21.31 28.79 -0.66
CA ASP C 426 -21.11 30.02 -1.40
C ASP C 426 -22.34 30.93 -1.25
N SER C 427 -22.65 31.24 0.00
CA SER C 427 -23.83 32.02 0.32
C SER C 427 -23.70 33.44 -0.21
N THR C 428 -24.85 34.08 -0.41
CA THR C 428 -24.90 35.45 -0.89
C THR C 428 -25.75 36.27 0.07
N ASN C 429 -25.45 37.57 0.14
CA ASN C 429 -26.16 38.44 1.06
C ASN C 429 -27.59 38.70 0.58
N VAL C 430 -28.39 39.27 1.47
CA VAL C 430 -29.73 39.73 1.15
C VAL C 430 -29.95 41.05 1.88
N ALA C 431 -30.60 42.00 1.22
CA ALA C 431 -30.90 43.30 1.82
C ALA C 431 -31.72 43.16 3.09
N HIS C 435 -35.63 41.94 2.33
CA HIS C 435 -35.60 40.81 3.24
C HIS C 435 -36.62 40.96 4.36
N ASN C 436 -36.69 42.16 4.93
CA ASN C 436 -37.67 42.42 5.98
C ASN C 436 -39.08 42.29 5.44
N SER C 437 -39.30 42.72 4.19
CA SER C 437 -40.59 42.51 3.54
C SER C 437 -40.90 41.03 3.45
N LEU C 438 -39.89 40.21 3.15
CA LEU C 438 -40.10 38.76 3.07
C LEU C 438 -40.46 38.18 4.43
N LEU C 439 -39.87 38.71 5.50
CA LEU C 439 -40.12 38.18 6.84
C LEU C 439 -41.53 38.54 7.31
N ARG C 440 -41.94 39.79 7.12
CA ARG C 440 -43.20 40.28 7.68
C ARG C 440 -44.34 40.27 6.69
N ARG C 441 -44.15 40.88 5.51
CA ARG C 441 -45.24 41.02 4.55
C ARG C 441 -45.66 39.68 3.95
N LEU C 442 -44.75 38.71 3.89
CA LEU C 442 -45.03 37.42 3.29
C LEU C 442 -45.14 36.30 4.32
N TYR C 443 -44.13 36.13 5.17
CA TYR C 443 -44.16 35.02 6.12
C TYR C 443 -45.19 35.27 7.23
N LEU C 444 -45.23 36.49 7.77
CA LEU C 444 -46.11 36.81 8.87
C LEU C 444 -47.50 37.22 8.41
N GLU C 445 -47.58 38.21 7.52
CA GLU C 445 -48.88 38.73 7.11
C GLU C 445 -49.53 37.85 6.04
N ASN C 446 -48.73 37.12 5.27
CA ASN C 446 -49.21 36.22 4.22
C ASN C 446 -50.19 36.93 3.29
N GLN C 447 -49.75 38.08 2.78
CA GLN C 447 -50.60 38.91 1.93
C GLN C 447 -50.80 38.28 0.56
N GLU C 452 -53.79 41.15 -0.22
CA GLU C 452 -53.46 42.32 0.58
C GLU C 452 -52.08 42.86 0.22
N LEU C 453 -51.36 42.09 -0.60
CA LEU C 453 -49.99 42.45 -0.96
C LEU C 453 -49.97 43.57 -1.98
N LYS C 454 -49.09 44.54 -1.77
CA LYS C 454 -48.92 45.66 -2.68
C LYS C 454 -47.46 45.78 -3.07
N ILE C 455 -47.20 45.78 -4.37
CA ILE C 455 -45.86 45.94 -4.92
C ILE C 455 -45.81 47.31 -5.59
N ARG C 456 -45.07 48.23 -4.99
CA ARG C 456 -44.99 49.61 -5.46
C ARG C 456 -46.38 50.26 -5.51
N ASN C 457 -47.09 50.16 -4.38
CA ASN C 457 -48.42 50.76 -4.22
C ASN C 457 -49.39 50.24 -5.29
N THR C 458 -49.30 48.94 -5.58
CA THR C 458 -50.20 48.27 -6.53
C THR C 458 -50.65 46.96 -5.91
N ARG C 459 -51.95 46.86 -5.62
CA ARG C 459 -52.49 45.66 -4.98
C ARG C 459 -52.31 44.45 -5.89
N ILE C 460 -51.84 43.34 -5.30
CA ILE C 460 -51.52 42.13 -6.04
C ILE C 460 -52.72 41.20 -5.97
N ASP C 461 -53.20 40.75 -7.12
CA ASP C 461 -54.29 39.79 -7.22
C ASP C 461 -53.88 38.71 -8.22
N LEU C 462 -53.46 37.55 -7.72
CA LEU C 462 -53.04 36.46 -8.59
C LEU C 462 -54.20 35.90 -9.41
N GLY C 463 -55.45 36.13 -8.98
CA GLY C 463 -56.59 35.73 -9.77
C GLY C 463 -56.68 36.43 -11.12
N LYS C 464 -56.08 37.61 -11.24
CA LYS C 464 -56.05 38.34 -12.49
C LYS C 464 -55.06 37.75 -13.49
N VAL C 465 -54.25 36.78 -13.06
CA VAL C 465 -53.27 36.14 -13.93
C VAL C 465 -53.91 34.96 -14.63
N LYS C 466 -53.92 34.98 -15.96
CA LYS C 466 -54.44 33.88 -16.77
C LYS C 466 -53.32 33.05 -17.38
N THR C 467 -52.07 33.30 -17.00
CA THR C 467 -50.93 32.56 -17.52
C THR C 467 -50.95 31.13 -16.99
N PRO C 468 -50.73 30.12 -17.84
CA PRO C 468 -50.66 28.74 -17.34
C PRO C 468 -49.49 28.56 -16.38
N VAL C 469 -49.79 27.99 -15.21
CA VAL C 469 -48.83 27.86 -14.13
C VAL C 469 -48.52 26.38 -13.90
N LEU C 470 -47.25 26.08 -13.62
CA LEU C 470 -46.80 24.73 -13.29
C LEU C 470 -45.99 24.77 -12.00
N LEU C 471 -46.52 24.14 -10.94
CA LEU C 471 -45.84 24.05 -9.65
C LEU C 471 -45.12 22.71 -9.53
N VAL C 472 -43.80 22.75 -9.37
CA VAL C 472 -42.98 21.56 -9.16
C VAL C 472 -42.45 21.61 -7.73
N SER C 473 -42.94 20.71 -6.88
CA SER C 473 -42.55 20.67 -5.47
C SER C 473 -41.89 19.34 -5.14
N ALA C 474 -41.35 19.26 -3.93
CA ALA C 474 -40.59 18.10 -3.46
C ALA C 474 -41.21 17.49 -2.21
N VAL C 475 -41.22 16.16 -2.15
CA VAL C 475 -41.79 15.46 -1.00
C VAL C 475 -40.94 15.70 0.24
N ASP C 476 -39.62 15.60 0.08
CA ASP C 476 -38.68 15.74 1.20
C ASP C 476 -38.21 17.18 1.39
N ASP C 477 -38.97 18.15 0.88
CA ASP C 477 -38.58 19.55 0.99
C ASP C 477 -38.66 20.00 2.44
N HIS C 478 -37.57 20.59 2.94
CA HIS C 478 -37.54 21.11 4.30
C HIS C 478 -37.64 22.63 4.36
N ILE C 479 -37.48 23.32 3.25
CA ILE C 479 -37.69 24.78 3.20
C ILE C 479 -39.11 25.12 2.79
N ALA C 480 -39.59 24.55 1.69
CA ALA C 480 -40.92 24.84 1.15
C ALA C 480 -41.76 23.57 1.13
N LEU C 481 -42.61 23.39 2.15
CA LEU C 481 -43.49 22.24 2.22
C LEU C 481 -44.40 22.19 0.99
N TRP C 482 -44.50 21.01 0.39
CA TRP C 482 -45.23 20.88 -0.87
C TRP C 482 -46.73 21.13 -0.70
N GLN C 483 -47.26 20.91 0.51
CA GLN C 483 -48.66 21.23 0.75
C GLN C 483 -48.91 22.73 0.69
N GLY C 484 -47.99 23.52 1.24
CA GLY C 484 -48.12 24.97 1.13
C GLY C 484 -48.01 25.46 -0.30
N THR C 485 -47.16 24.82 -1.11
CA THR C 485 -47.04 25.19 -2.51
C THR C 485 -48.27 24.74 -3.31
N TRP C 486 -48.90 23.63 -2.92
CA TRP C 486 -50.10 23.20 -3.63
C TRP C 486 -51.27 24.12 -3.35
N GLN C 487 -51.42 24.58 -2.11
CA GLN C 487 -52.53 25.46 -1.77
C GLN C 487 -52.38 26.83 -2.45
N GLY C 488 -51.15 27.32 -2.57
CA GLY C 488 -50.91 28.58 -3.25
C GLY C 488 -51.12 28.53 -4.74
N MET C 489 -51.20 27.33 -5.32
CA MET C 489 -51.46 27.19 -6.75
C MET C 489 -52.85 27.73 -7.11
N LYS C 490 -53.83 27.53 -6.22
CA LYS C 490 -55.20 27.94 -6.49
C LYS C 490 -55.37 29.45 -6.60
N LEU C 491 -54.35 30.24 -6.24
CA LEU C 491 -54.47 31.69 -6.33
C LEU C 491 -54.55 32.15 -7.77
N PHE C 492 -53.95 31.41 -8.70
CA PHE C 492 -53.95 31.80 -10.10
C PHE C 492 -55.32 31.57 -10.73
N GLY C 493 -55.63 32.40 -11.73
CA GLY C 493 -56.90 32.34 -12.43
C GLY C 493 -56.88 31.63 -13.77
N GLY C 494 -55.78 31.00 -14.14
CA GLY C 494 -55.72 30.29 -15.41
C GLY C 494 -55.45 28.81 -15.25
N GLU C 495 -54.88 28.19 -16.27
CA GLU C 495 -54.55 26.77 -16.19
C GLU C 495 -53.51 26.53 -15.10
N GLN C 496 -53.72 25.47 -14.32
CA GLN C 496 -52.83 25.10 -13.23
C GLN C 496 -52.51 23.62 -13.29
N ARG C 497 -51.25 23.29 -13.12
CA ARG C 497 -50.80 21.90 -13.03
C ARG C 497 -49.79 21.78 -11.90
N PHE C 498 -49.75 20.61 -11.29
CA PHE C 498 -48.89 20.37 -10.14
C PHE C 498 -48.09 19.09 -10.35
N LEU C 499 -46.80 19.15 -10.01
CA LEU C 499 -45.90 18.01 -10.06
C LEU C 499 -45.15 17.93 -8.74
N LEU C 500 -44.94 16.70 -8.27
CA LEU C 500 -44.32 16.44 -6.98
C LEU C 500 -43.09 15.57 -7.19
N ALA C 501 -41.90 16.14 -7.00
CA ALA C 501 -40.67 15.40 -7.20
C ALA C 501 -40.43 14.44 -6.04
N GLU C 502 -39.63 13.40 -6.31
CA GLU C 502 -39.43 12.28 -5.40
C GLU C 502 -38.26 12.50 -4.44
N SER C 503 -37.64 13.67 -4.45
CA SER C 503 -36.48 13.92 -3.60
C SER C 503 -36.70 15.20 -2.80
N GLY C 504 -35.60 15.84 -2.40
CA GLY C 504 -35.64 17.01 -1.56
C GLY C 504 -35.74 18.32 -2.34
N HIS C 505 -35.44 19.41 -1.62
CA HIS C 505 -35.66 20.74 -2.17
C HIS C 505 -34.86 20.99 -3.44
N ILE C 506 -33.65 20.42 -3.54
CA ILE C 506 -32.77 20.65 -4.67
C ILE C 506 -32.58 19.41 -5.51
N ALA C 507 -32.49 18.23 -4.88
CA ALA C 507 -32.20 17.00 -5.60
C ALA C 507 -33.35 16.61 -6.53
N GLY C 508 -34.59 16.80 -6.09
CA GLY C 508 -35.73 16.47 -6.92
C GLY C 508 -35.91 17.41 -8.09
N ILE C 509 -35.27 18.57 -8.06
CA ILE C 509 -35.37 19.54 -9.14
C ILE C 509 -34.26 19.37 -10.15
N ILE C 510 -33.02 19.23 -9.69
CA ILE C 510 -31.86 19.08 -10.59
C ILE C 510 -31.72 17.58 -10.85
N ASN C 511 -32.58 17.07 -11.73
CA ASN C 511 -32.58 15.66 -12.10
C ASN C 511 -32.71 15.56 -13.61
N PRO C 512 -31.59 15.44 -14.33
CA PRO C 512 -31.66 15.39 -15.79
C PRO C 512 -32.21 14.07 -16.29
N PRO C 513 -32.77 14.04 -17.50
CA PRO C 513 -33.27 12.77 -18.05
C PRO C 513 -32.19 11.72 -18.21
N ALA C 514 -30.95 12.14 -18.47
CA ALA C 514 -29.86 11.17 -18.60
C ALA C 514 -29.56 10.48 -17.27
N ALA C 515 -29.88 11.10 -16.15
CA ALA C 515 -29.61 10.48 -14.86
C ALA C 515 -30.52 9.28 -14.62
N ASN C 516 -31.81 9.41 -14.93
CA ASN C 516 -32.79 8.35 -14.72
C ASN C 516 -32.74 7.82 -13.29
N LYS C 517 -32.81 8.75 -12.33
CA LYS C 517 -32.55 8.45 -10.93
C LYS C 517 -33.75 8.61 -10.01
N TYR C 518 -34.66 9.53 -10.31
CA TYR C 518 -35.82 9.77 -9.44
C TYR C 518 -37.09 9.70 -10.27
N GLY C 519 -38.19 10.20 -9.70
CA GLY C 519 -39.47 10.23 -10.37
C GLY C 519 -40.33 11.39 -9.94
N PHE C 520 -41.62 11.30 -10.23
CA PHE C 520 -42.56 12.37 -9.88
C PHE C 520 -43.98 11.80 -9.85
N TRP C 521 -44.87 12.55 -9.21
CA TRP C 521 -46.28 12.19 -9.13
C TRP C 521 -47.09 13.22 -9.90
N HIS C 522 -47.98 12.74 -10.77
CA HIS C 522 -48.87 13.60 -11.54
C HIS C 522 -50.30 13.10 -11.39
N ASN C 523 -51.24 14.04 -11.45
CA ASN C 523 -52.66 13.72 -11.32
C ASN C 523 -53.45 14.76 -12.09
N GLY C 524 -54.16 14.30 -13.13
CA GLY C 524 -54.91 15.22 -13.97
C GLY C 524 -56.21 15.71 -13.37
N ALA C 525 -56.77 14.99 -12.40
CA ALA C 525 -58.01 15.43 -11.80
C ALA C 525 -57.75 16.52 -10.78
N GLU C 526 -58.77 17.33 -10.52
CA GLU C 526 -58.66 18.42 -9.55
C GLU C 526 -59.02 17.94 -8.15
N SER C 529 -57.93 19.41 -1.73
CA SER C 529 -56.93 19.31 -0.68
C SER C 529 -55.61 18.79 -1.23
N PRO C 530 -54.48 19.24 -0.64
CA PRO C 530 -53.19 18.70 -1.07
C PRO C 530 -53.07 17.20 -0.90
N GLU C 531 -53.62 16.67 0.19
CA GLU C 531 -53.58 15.22 0.44
C GLU C 531 -54.42 14.46 -0.57
N SER C 532 -55.55 15.03 -1.00
CA SER C 532 -56.40 14.36 -1.96
C SER C 532 -55.70 14.21 -3.31
N TRP C 533 -54.93 15.21 -3.72
CA TRP C 533 -54.19 15.12 -4.97
C TRP C 533 -53.16 13.99 -4.92
N LEU C 534 -52.38 13.93 -3.84
CA LEU C 534 -51.35 12.89 -3.72
C LEU C 534 -51.97 11.51 -3.62
N ALA C 535 -53.14 11.39 -2.99
CA ALA C 535 -53.79 10.08 -2.88
C ALA C 535 -54.16 9.53 -4.25
N GLY C 536 -54.55 10.41 -5.18
CA GLY C 536 -54.87 10.02 -6.53
C GLY C 536 -53.74 10.14 -7.53
N ALA C 537 -52.55 10.52 -7.09
CA ALA C 537 -51.45 10.72 -8.02
C ALA C 537 -50.80 9.39 -8.40
N THR C 538 -50.28 9.34 -9.62
CA THR C 538 -49.61 8.16 -10.15
C THR C 538 -48.12 8.41 -10.34
N HIS C 539 -47.31 7.42 -9.96
CA HIS C 539 -45.87 7.50 -10.12
C HIS C 539 -45.49 7.08 -11.53
N GLN C 540 -44.52 7.79 -12.11
CA GLN C 540 -44.04 7.49 -13.46
C GLN C 540 -42.55 7.22 -13.53
N GLY C 541 -41.75 7.91 -12.73
CA GLY C 541 -40.32 7.68 -12.71
C GLY C 541 -39.60 8.46 -13.80
N GLY C 542 -38.29 8.59 -13.60
CA GLY C 542 -37.47 9.34 -14.52
C GLY C 542 -37.49 10.82 -14.19
N SER C 543 -36.96 11.61 -15.11
CA SER C 543 -36.95 13.05 -14.93
C SER C 543 -38.28 13.65 -15.34
N TRP C 544 -38.62 14.77 -14.72
CA TRP C 544 -39.81 15.53 -15.11
C TRP C 544 -39.49 16.64 -16.09
N TRP C 545 -38.21 16.81 -16.45
CA TRP C 545 -37.86 17.83 -17.44
C TRP C 545 -38.54 17.61 -18.78
N PRO C 546 -38.63 16.40 -19.34
CA PRO C 546 -39.43 16.24 -20.56
C PRO C 546 -40.90 16.59 -20.37
N GLU C 547 -41.46 16.33 -19.19
CA GLU C 547 -42.83 16.75 -18.91
C GLU C 547 -42.93 18.26 -18.86
N MET C 548 -41.93 18.92 -18.26
CA MET C 548 -41.88 20.38 -18.27
C MET C 548 -41.65 20.92 -19.67
N MET C 549 -40.75 20.27 -20.44
CA MET C 549 -40.52 20.69 -21.81
C MET C 549 -41.78 20.50 -22.66
N GLY C 550 -42.53 19.43 -22.41
CA GLY C 550 -43.80 19.25 -23.08
C GLY C 550 -44.82 20.28 -22.63
N PHE C 551 -44.79 20.65 -21.35
CA PHE C 551 -45.69 21.68 -20.84
C PHE C 551 -45.44 23.03 -21.52
N ILE C 552 -44.19 23.33 -21.86
CA ILE C 552 -43.87 24.60 -22.49
C ILE C 552 -44.19 24.58 -23.98
N GLN C 553 -43.81 23.51 -24.67
CA GLN C 553 -43.94 23.45 -26.12
C GLN C 553 -45.34 23.10 -26.59
N ASN C 554 -46.22 22.65 -25.70
CA ASN C 554 -47.61 22.39 -26.06
C ASN C 554 -48.44 23.67 -25.98
N GLU C 560 -43.56 28.03 -34.28
CA GLU C 560 -42.70 27.99 -35.45
C GLU C 560 -41.23 28.02 -35.07
N PRO C 561 -40.43 27.10 -35.61
CA PRO C 561 -38.98 27.14 -35.36
C PRO C 561 -38.35 28.40 -35.95
N VAL C 562 -37.43 28.99 -35.19
CA VAL C 562 -36.73 30.19 -35.63
C VAL C 562 -35.26 29.82 -35.73
N PRO C 563 -34.50 30.40 -36.67
CA PRO C 563 -33.06 30.10 -36.74
C PRO C 563 -32.37 30.40 -35.41
N ALA C 564 -31.34 29.62 -35.11
CA ALA C 564 -30.67 29.71 -33.82
C ALA C 564 -30.12 31.12 -33.59
N ARG C 565 -30.52 31.72 -32.48
CA ARG C 565 -30.09 33.08 -32.13
C ARG C 565 -28.69 33.02 -31.53
N VAL C 566 -27.71 33.57 -32.24
CA VAL C 566 -26.36 33.67 -31.71
C VAL C 566 -26.30 34.91 -30.83
N PRO C 567 -25.90 34.79 -29.56
CA PRO C 567 -25.90 35.95 -28.67
C PRO C 567 -24.91 37.01 -29.14
N GLU C 568 -25.29 38.26 -28.91
CA GLU C 568 -24.42 39.39 -29.21
C GLU C 568 -23.20 39.38 -28.28
N GLU C 569 -22.22 40.22 -28.63
CA GLU C 569 -20.98 40.28 -27.86
C GLU C 569 -21.24 40.67 -26.42
N GLY C 570 -22.16 41.62 -26.19
CA GLY C 570 -22.51 41.96 -24.82
C GLY C 570 -21.35 42.60 -24.07
N LEU C 571 -21.37 42.43 -22.75
CA LEU C 571 -20.40 43.09 -21.88
C LEU C 571 -19.33 42.14 -21.34
N ALA C 572 -19.60 40.84 -21.32
CA ALA C 572 -18.71 39.89 -20.66
C ALA C 572 -19.04 38.49 -21.16
N PRO C 573 -18.15 37.51 -20.94
CA PRO C 573 -18.48 36.13 -21.28
C PRO C 573 -19.53 35.52 -20.36
N ALA C 574 -19.73 34.21 -20.48
CA ALA C 574 -20.91 33.54 -19.91
C ALA C 574 -21.08 33.76 -18.41
N PRO C 575 -20.13 33.35 -17.55
CA PRO C 575 -20.45 33.33 -16.11
C PRO C 575 -20.73 34.70 -15.52
N GLY C 576 -20.12 35.76 -16.04
CA GLY C 576 -20.34 37.08 -15.51
C GLY C 576 -19.46 37.39 -14.31
N HIS C 577 -19.70 38.56 -13.72
CA HIS C 577 -18.95 39.04 -12.58
C HIS C 577 -19.74 39.00 -11.27
N TYR C 578 -21.06 39.11 -11.33
CA TYR C 578 -21.86 39.16 -10.11
C TYR C 578 -21.80 37.85 -9.35
N VAL C 579 -21.74 36.72 -10.06
CA VAL C 579 -21.77 35.41 -9.39
C VAL C 579 -20.44 35.06 -8.73
N LYS C 580 -19.34 35.70 -9.13
CA LYS C 580 -18.03 35.39 -8.59
C LYS C 580 -17.71 36.15 -7.30
N VAL C 581 -18.58 37.05 -6.87
CA VAL C 581 -18.36 37.82 -5.66
C VAL C 581 -18.65 36.91 -4.47
N ARG C 582 -17.61 36.58 -3.70
CA ARG C 582 -17.73 35.67 -2.57
C ARG C 582 -17.62 36.45 -1.26
N LEU C 583 -18.35 36.00 -0.24
CA LEU C 583 -18.24 36.62 1.07
C LEU C 583 -16.92 36.28 1.73
N ASN C 584 -16.50 35.02 1.63
CA ASN C 584 -15.20 34.54 2.12
C ASN C 584 -14.29 34.22 0.94
N PRO C 585 -13.30 35.05 0.64
CA PRO C 585 -12.48 34.88 -0.57
C PRO C 585 -11.55 33.68 -0.50
C1 PGE D . 27.76 -3.81 -12.33
O1 PGE D . 28.10 -5.13 -12.63
C2 PGE D . 27.97 -2.93 -13.57
O2 PGE D . 27.24 -1.75 -13.44
C3 PGE D . 26.62 -1.34 -14.62
C4 PGE D . 27.08 0.08 -14.99
O4 PGE D . 28.38 3.90 -13.45
C6 PGE D . 27.29 3.07 -13.13
C5 PGE D . 26.86 2.31 -14.38
O3 PGE D . 26.56 0.99 -14.06
C1 PGE E . 28.90 7.47 -15.09
O1 PGE E . 28.18 6.28 -14.90
C2 PGE E . 28.24 8.30 -16.19
O2 PGE E . 28.97 9.48 -16.39
C3 PGE E . 28.23 10.49 -17.01
C4 PGE E . 29.05 11.78 -17.04
O4 PGE E . 28.04 15.96 -15.44
C6 PGE E . 27.58 15.03 -16.37
C5 PGE E . 28.71 14.08 -16.75
O3 PGE E . 28.18 12.87 -17.21
#